data_2KIU
#
_entry.id   2KIU
#
_entity_poly.entity_id   1
_entity_poly.type   'polypeptide(L)'
_entity_poly.pdbx_seq_one_letter_code
;AEVRPPFTYASLIRQAILESPEKQLTLNEIYNWFTRMFPYFRRNAATWKNAVRHNLSLHKYFVRVENVKGAVWTVDEVEF
QKRRPQK
;
_entity_poly.pdbx_strand_id   A
#
# COMPACT_ATOMS: atom_id res chain seq x y z
N ALA A 1 -25.66 3.17 5.80
CA ALA A 1 -24.60 2.30 5.24
C ALA A 1 -23.41 3.14 4.80
N GLU A 2 -23.07 4.16 5.56
CA GLU A 2 -21.92 5.02 5.17
C GLU A 2 -20.68 4.15 4.94
N VAL A 3 -19.72 4.64 4.21
CA VAL A 3 -18.50 3.84 3.96
C VAL A 3 -17.43 4.20 4.99
N ARG A 4 -16.45 3.36 5.17
CA ARG A 4 -15.39 3.66 6.17
C ARG A 4 -14.78 5.03 5.85
N PRO A 5 -14.30 5.69 6.87
CA PRO A 5 -13.67 7.01 6.75
C PRO A 5 -12.24 6.88 6.21
N PRO A 6 -11.79 7.90 5.53
CA PRO A 6 -10.44 7.94 4.95
C PRO A 6 -9.40 8.25 6.03
N PHE A 7 -8.22 7.73 5.91
CA PHE A 7 -7.17 8.02 6.93
C PHE A 7 -5.79 7.74 6.35
N THR A 8 -4.81 7.49 7.17
CA THR A 8 -3.44 7.23 6.66
C THR A 8 -3.42 5.89 5.91
N TYR A 9 -3.33 5.92 4.62
CA TYR A 9 -3.30 4.65 3.84
C TYR A 9 -1.99 3.90 4.13
N ALA A 10 -1.03 4.57 4.70
CA ALA A 10 0.27 3.90 5.00
C ALA A 10 -0.01 2.65 5.84
N SER A 11 -1.10 2.62 6.55
CA SER A 11 -1.43 1.43 7.38
C SER A 11 -2.14 0.38 6.52
N LEU A 12 -2.93 0.82 5.57
CA LEU A 12 -3.65 -0.15 4.70
C LEU A 12 -2.68 -0.69 3.65
N ILE A 13 -1.81 0.14 3.15
CA ILE A 13 -0.84 -0.33 2.12
C ILE A 13 0.12 -1.35 2.76
N ARG A 14 0.65 -1.03 3.92
CA ARG A 14 1.58 -1.97 4.58
C ARG A 14 0.83 -3.28 4.91
N GLN A 15 -0.43 -3.17 5.23
CA GLN A 15 -1.24 -4.39 5.55
C GLN A 15 -1.24 -5.33 4.33
N ALA A 16 -1.76 -4.88 3.23
CA ALA A 16 -1.78 -5.75 2.02
C ALA A 16 -0.38 -6.29 1.76
N ILE A 17 0.61 -5.45 1.93
CA ILE A 17 2.01 -5.92 1.72
C ILE A 17 2.37 -6.89 2.84
N LEU A 18 2.01 -6.57 4.06
CA LEU A 18 2.31 -7.47 5.20
C LEU A 18 1.75 -8.86 4.90
N GLU A 19 0.82 -8.95 3.98
CA GLU A 19 0.22 -10.27 3.64
C GLU A 19 1.33 -11.22 3.16
N SER A 20 2.44 -10.69 2.74
CA SER A 20 3.56 -11.55 2.26
C SER A 20 4.50 -11.84 3.43
N PRO A 21 5.43 -12.73 3.20
CA PRO A 21 6.42 -13.12 4.22
C PRO A 21 7.51 -12.05 4.34
N GLU A 22 8.06 -11.61 3.24
CA GLU A 22 9.12 -10.57 3.28
C GLU A 22 8.47 -9.19 3.28
N LYS A 23 7.17 -9.13 3.42
CA LYS A 23 6.49 -7.81 3.43
C LYS A 23 6.66 -7.13 2.07
N GLN A 24 6.57 -7.87 1.01
CA GLN A 24 6.74 -7.29 -0.34
C GLN A 24 5.56 -7.71 -1.23
N LEU A 25 4.91 -6.77 -1.86
CA LEU A 25 3.76 -7.16 -2.73
C LEU A 25 3.59 -6.16 -3.88
N THR A 26 3.14 -6.63 -5.01
CA THR A 26 2.95 -5.72 -6.18
C THR A 26 1.69 -4.88 -5.99
N LEU A 27 1.56 -3.81 -6.74
CA LEU A 27 0.36 -2.94 -6.62
C LEU A 27 -0.86 -3.69 -7.15
N ASN A 28 -0.72 -4.37 -8.25
CA ASN A 28 -1.88 -5.12 -8.83
C ASN A 28 -2.52 -5.98 -7.75
N GLU A 29 -1.74 -6.74 -7.03
CA GLU A 29 -2.32 -7.61 -5.96
C GLU A 29 -3.00 -6.75 -4.90
N ILE A 30 -2.43 -5.63 -4.58
CA ILE A 30 -3.06 -4.74 -3.54
C ILE A 30 -4.33 -4.13 -4.10
N TYR A 31 -4.34 -3.78 -5.35
CA TYR A 31 -5.56 -3.17 -5.95
C TYR A 31 -6.72 -4.16 -5.86
N ASN A 32 -6.51 -5.37 -6.32
CA ASN A 32 -7.60 -6.38 -6.25
C ASN A 32 -8.15 -6.41 -4.82
N TRP A 33 -7.29 -6.56 -3.86
CA TRP A 33 -7.74 -6.60 -2.45
C TRP A 33 -8.47 -5.29 -2.11
N PHE A 34 -7.95 -4.19 -2.53
CA PHE A 34 -8.60 -2.88 -2.25
C PHE A 34 -10.07 -2.93 -2.67
N THR A 35 -10.35 -3.21 -3.91
CA THR A 35 -11.76 -3.26 -4.37
C THR A 35 -12.45 -4.53 -3.86
N ARG A 36 -11.79 -5.65 -3.96
CA ARG A 36 -12.42 -6.92 -3.49
C ARG A 36 -12.92 -6.76 -2.05
N MET A 37 -12.08 -6.30 -1.16
CA MET A 37 -12.51 -6.12 0.25
C MET A 37 -13.44 -4.92 0.37
N PHE A 38 -13.09 -3.82 -0.24
CA PHE A 38 -13.96 -2.61 -0.16
C PHE A 38 -14.43 -2.22 -1.56
N PRO A 39 -15.74 -2.22 -1.75
CA PRO A 39 -16.35 -1.88 -3.05
C PRO A 39 -16.35 -0.36 -3.26
N TYR A 40 -15.87 0.38 -2.29
CA TYR A 40 -15.84 1.86 -2.43
C TYR A 40 -14.75 2.26 -3.44
N PHE A 41 -14.02 1.30 -3.93
CA PHE A 41 -12.94 1.63 -4.92
C PHE A 41 -13.37 1.21 -6.33
N ARG A 42 -14.60 0.77 -6.47
CA ARG A 42 -15.07 0.33 -7.81
C ARG A 42 -15.68 1.53 -8.56
N ARG A 43 -15.24 2.72 -8.24
CA ARG A 43 -15.79 3.92 -8.93
C ARG A 43 -14.70 4.97 -9.11
N ASN A 44 -14.30 5.61 -8.04
CA ASN A 44 -13.24 6.64 -8.15
C ASN A 44 -11.87 6.01 -7.95
N ALA A 45 -11.32 5.40 -8.97
CA ALA A 45 -9.99 4.76 -8.83
C ALA A 45 -8.92 5.64 -9.50
N ALA A 46 -9.31 6.80 -9.96
CA ALA A 46 -8.31 7.70 -10.61
C ALA A 46 -7.71 8.62 -9.56
N THR A 47 -8.36 8.78 -8.44
CA THR A 47 -7.82 9.68 -7.38
C THR A 47 -6.95 8.88 -6.40
N TRP A 48 -7.42 7.74 -5.96
CA TRP A 48 -6.61 6.93 -5.00
C TRP A 48 -5.35 6.38 -5.68
N LYS A 49 -5.48 5.85 -6.87
CA LYS A 49 -4.29 5.31 -7.58
C LYS A 49 -3.29 6.44 -7.81
N ASN A 50 -3.77 7.65 -7.91
CA ASN A 50 -2.84 8.79 -8.15
C ASN A 50 -2.10 9.13 -6.85
N ALA A 51 -2.80 9.18 -5.76
CA ALA A 51 -2.14 9.50 -4.46
C ALA A 51 -1.14 8.39 -4.11
N VAL A 52 -1.55 7.16 -4.23
CA VAL A 52 -0.63 6.03 -3.90
C VAL A 52 0.65 6.15 -4.74
N ARG A 53 0.50 6.37 -6.01
CA ARG A 53 1.70 6.49 -6.89
C ARG A 53 2.61 7.61 -6.37
N HIS A 54 2.07 8.77 -6.13
CA HIS A 54 2.89 9.90 -5.63
C HIS A 54 3.47 9.55 -4.25
N ASN A 55 2.64 9.10 -3.35
CA ASN A 55 3.15 8.75 -1.99
C ASN A 55 4.17 7.62 -2.10
N LEU A 56 3.97 6.70 -3.01
CA LEU A 56 4.93 5.57 -3.16
C LEU A 56 6.34 6.11 -3.48
N SER A 57 6.48 6.82 -4.57
CA SER A 57 7.81 7.36 -4.94
C SER A 57 8.37 8.23 -3.82
N LEU A 58 7.55 9.03 -3.20
CA LEU A 58 8.06 9.91 -2.10
C LEU A 58 8.33 9.08 -0.85
N HIS A 59 7.60 8.00 -0.67
CA HIS A 59 7.83 7.16 0.54
C HIS A 59 9.12 6.36 0.37
N LYS A 60 10.11 6.61 1.18
CA LYS A 60 11.39 5.86 1.06
C LYS A 60 11.25 4.49 1.70
N TYR A 61 10.32 4.33 2.60
CA TYR A 61 10.14 3.00 3.25
C TYR A 61 9.53 2.01 2.25
N PHE A 62 9.12 2.49 1.11
CA PHE A 62 8.53 1.58 0.08
C PHE A 62 9.62 1.18 -0.90
N VAL A 63 10.01 -0.07 -0.91
CA VAL A 63 11.09 -0.51 -1.84
C VAL A 63 10.53 -1.52 -2.84
N ARG A 64 11.00 -1.48 -4.06
CA ARG A 64 10.52 -2.46 -5.08
C ARG A 64 11.59 -3.50 -5.34
N VAL A 65 11.41 -4.70 -4.85
CA VAL A 65 12.43 -5.75 -5.06
C VAL A 65 12.16 -6.46 -6.39
N GLU A 66 12.90 -6.14 -7.42
CA GLU A 66 12.68 -6.79 -8.74
C GLU A 66 12.73 -8.31 -8.56
N ASN A 67 11.72 -9.01 -9.01
CA ASN A 67 11.71 -10.48 -8.87
C ASN A 67 11.35 -11.13 -10.20
N VAL A 68 11.66 -12.39 -10.36
CA VAL A 68 11.33 -13.09 -11.64
C VAL A 68 9.83 -12.99 -11.90
N LYS A 69 9.03 -13.01 -10.88
CA LYS A 69 7.56 -12.93 -11.06
C LYS A 69 7.13 -11.46 -11.12
N GLY A 70 8.07 -10.55 -11.24
CA GLY A 70 7.73 -9.12 -11.31
C GLY A 70 8.16 -8.43 -10.00
N ALA A 71 8.55 -7.19 -10.08
CA ALA A 71 8.98 -6.47 -8.85
C ALA A 71 7.82 -6.38 -7.87
N VAL A 72 8.09 -6.36 -6.60
CA VAL A 72 7.00 -6.27 -5.60
C VAL A 72 7.25 -5.09 -4.65
N TRP A 73 6.21 -4.50 -4.16
CA TRP A 73 6.37 -3.34 -3.24
C TRP A 73 6.56 -3.84 -1.80
N THR A 74 7.60 -3.44 -1.13
CA THR A 74 7.81 -3.92 0.25
C THR A 74 8.06 -2.74 1.19
N VAL A 75 7.67 -2.89 2.43
CA VAL A 75 7.88 -1.79 3.42
C VAL A 75 8.94 -2.23 4.43
N ASP A 76 9.87 -1.37 4.77
CA ASP A 76 10.92 -1.75 5.75
C ASP A 76 10.61 -1.11 7.10
N GLU A 77 10.38 -1.91 8.10
CA GLU A 77 10.07 -1.35 9.45
C GLU A 77 11.17 -0.34 9.82
N VAL A 78 12.34 -0.50 9.27
CA VAL A 78 13.44 0.46 9.59
C VAL A 78 13.07 1.84 9.05
N GLU A 79 12.81 1.93 7.78
CA GLU A 79 12.43 3.24 7.19
C GLU A 79 11.05 3.64 7.70
N PHE A 80 10.10 2.74 7.65
CA PHE A 80 8.74 3.06 8.13
C PHE A 80 8.80 3.52 9.59
N GLN A 81 9.50 2.80 10.42
CA GLN A 81 9.61 3.20 11.85
C GLN A 81 10.57 4.38 11.98
N LYS A 82 11.41 4.59 11.00
CA LYS A 82 12.36 5.72 11.06
C LYS A 82 11.58 7.04 11.15
N ARG A 83 10.35 7.04 10.73
CA ARG A 83 9.54 8.28 10.78
C ARG A 83 8.18 7.98 11.44
N ARG A 84 8.15 7.05 12.37
CA ARG A 84 6.88 6.72 13.04
C ARG A 84 7.05 6.85 14.55
N PRO A 85 6.94 8.07 15.02
CA PRO A 85 7.09 8.38 16.46
C PRO A 85 5.79 8.03 17.20
N GLN A 86 5.38 6.79 17.16
CA GLN A 86 4.12 6.40 17.85
C GLN A 86 4.38 6.26 19.36
N LYS A 87 5.57 6.52 19.80
CA LYS A 87 5.87 6.40 21.25
C LYS A 87 7.33 6.80 21.52
N ALA A 1 -23.87 5.78 2.24
CA ALA A 1 -24.27 7.22 2.12
C ALA A 1 -23.03 8.11 2.31
N GLU A 2 -22.19 7.78 3.24
CA GLU A 2 -20.97 8.61 3.46
C GLU A 2 -19.75 7.80 3.04
N VAL A 3 -18.58 8.39 3.15
CA VAL A 3 -17.34 7.65 2.74
C VAL A 3 -16.41 7.52 3.94
N ARG A 4 -16.82 6.81 4.95
CA ARG A 4 -15.95 6.64 6.15
C ARG A 4 -14.74 5.76 5.76
N PRO A 5 -13.56 6.35 5.79
CA PRO A 5 -12.32 5.64 5.45
C PRO A 5 -11.88 4.74 6.60
N PRO A 6 -11.00 3.81 6.29
CA PRO A 6 -10.46 2.85 7.27
C PRO A 6 -9.37 3.51 8.12
N PHE A 7 -8.15 3.46 7.68
CA PHE A 7 -7.05 4.08 8.46
C PHE A 7 -5.96 4.60 7.51
N THR A 8 -4.88 5.09 8.04
CA THR A 8 -3.78 5.61 7.17
C THR A 8 -3.51 4.61 6.04
N TYR A 9 -3.16 5.09 4.89
CA TYR A 9 -2.88 4.16 3.75
C TYR A 9 -1.56 3.44 3.99
N ALA A 10 -0.57 4.13 4.49
CA ALA A 10 0.75 3.48 4.74
C ALA A 10 0.53 2.22 5.59
N SER A 11 -0.29 2.30 6.60
CA SER A 11 -0.52 1.10 7.46
C SER A 11 -1.48 0.15 6.74
N LEU A 12 -2.33 0.66 5.90
CA LEU A 12 -3.29 -0.22 5.17
C LEU A 12 -2.55 -0.93 4.03
N ILE A 13 -1.90 -0.18 3.19
CA ILE A 13 -1.16 -0.80 2.05
C ILE A 13 -0.03 -1.68 2.60
N ARG A 14 0.63 -1.24 3.64
CA ARG A 14 1.74 -2.05 4.21
C ARG A 14 1.20 -3.39 4.69
N GLN A 15 0.00 -3.41 5.21
CA GLN A 15 -0.59 -4.69 5.70
C GLN A 15 -0.73 -5.67 4.52
N ALA A 16 -1.40 -5.26 3.48
CA ALA A 16 -1.58 -6.18 2.31
C ALA A 16 -0.20 -6.70 1.87
N ILE A 17 0.80 -5.87 1.96
CA ILE A 17 2.18 -6.30 1.56
C ILE A 17 2.73 -7.28 2.60
N LEU A 18 2.52 -7.00 3.87
CA LEU A 18 3.04 -7.91 4.92
C LEU A 18 2.41 -9.31 4.76
N GLU A 19 1.27 -9.37 4.11
CA GLU A 19 0.61 -10.69 3.92
C GLU A 19 1.58 -11.65 3.23
N SER A 20 2.53 -11.12 2.48
CA SER A 20 3.50 -12.00 1.78
C SER A 20 4.57 -12.46 2.77
N PRO A 21 5.27 -13.51 2.39
CA PRO A 21 6.34 -14.09 3.22
C PRO A 21 7.62 -13.24 3.12
N GLU A 22 7.58 -12.19 2.35
CA GLU A 22 8.77 -11.33 2.20
C GLU A 22 8.33 -9.86 2.19
N LYS A 23 7.18 -9.58 2.75
CA LYS A 23 6.68 -8.19 2.79
C LYS A 23 6.92 -7.50 1.45
N GLN A 24 6.75 -8.22 0.37
CA GLN A 24 6.94 -7.60 -0.98
C GLN A 24 5.78 -7.98 -1.86
N LEU A 25 5.26 -7.06 -2.62
CA LEU A 25 4.13 -7.38 -3.51
C LEU A 25 4.07 -6.42 -4.69
N THR A 26 3.75 -6.92 -5.85
CA THR A 26 3.68 -6.04 -7.06
C THR A 26 2.48 -5.09 -6.94
N LEU A 27 2.47 -4.03 -7.70
CA LEU A 27 1.34 -3.07 -7.64
C LEU A 27 0.04 -3.78 -7.99
N ASN A 28 0.04 -4.59 -9.01
CA ASN A 28 -1.20 -5.30 -9.40
C ASN A 28 -1.77 -5.99 -8.16
N GLU A 29 -0.94 -6.67 -7.43
CA GLU A 29 -1.42 -7.36 -6.20
C GLU A 29 -2.07 -6.34 -5.26
N ILE A 30 -1.56 -5.13 -5.24
CA ILE A 30 -2.15 -4.09 -4.35
C ILE A 30 -3.53 -3.67 -4.90
N TYR A 31 -3.61 -3.37 -6.16
CA TYR A 31 -4.91 -2.95 -6.76
C TYR A 31 -5.90 -4.11 -6.68
N ASN A 32 -5.45 -5.32 -6.90
CA ASN A 32 -6.36 -6.49 -6.85
C ASN A 32 -7.06 -6.58 -5.50
N TRP A 33 -6.33 -6.65 -4.42
CA TRP A 33 -6.99 -6.75 -3.09
C TRP A 33 -7.75 -5.45 -2.77
N PHE A 34 -7.19 -4.32 -3.09
CA PHE A 34 -7.90 -3.04 -2.80
C PHE A 34 -9.35 -3.12 -3.29
N THR A 35 -9.56 -3.58 -4.49
CA THR A 35 -10.96 -3.67 -5.02
C THR A 35 -11.74 -4.78 -4.31
N ARG A 36 -11.13 -5.92 -4.10
CA ARG A 36 -11.85 -7.05 -3.44
C ARG A 36 -12.07 -6.77 -1.94
N MET A 37 -11.27 -5.93 -1.34
CA MET A 37 -11.44 -5.65 0.11
C MET A 37 -12.53 -4.61 0.33
N PHE A 38 -12.44 -3.48 -0.30
CA PHE A 38 -13.48 -2.43 -0.09
C PHE A 38 -14.29 -2.23 -1.38
N PRO A 39 -15.55 -2.59 -1.34
CA PRO A 39 -16.45 -2.46 -2.50
C PRO A 39 -16.91 -1.00 -2.63
N TYR A 40 -16.92 -0.28 -1.55
CA TYR A 40 -17.37 1.15 -1.62
C TYR A 40 -16.20 2.04 -2.07
N PHE A 41 -14.99 1.61 -1.85
CA PHE A 41 -13.82 2.44 -2.27
C PHE A 41 -13.28 1.88 -3.60
N ARG A 42 -13.99 0.95 -4.20
CA ARG A 42 -13.53 0.37 -5.49
C ARG A 42 -14.20 1.15 -6.63
N ARG A 43 -14.44 2.41 -6.44
CA ARG A 43 -15.09 3.22 -7.51
C ARG A 43 -14.44 4.61 -7.58
N ASN A 44 -14.28 5.26 -6.46
CA ASN A 44 -13.66 6.62 -6.47
C ASN A 44 -12.14 6.48 -6.39
N ALA A 45 -11.52 6.03 -7.45
CA ALA A 45 -10.04 5.89 -7.45
C ALA A 45 -9.39 7.27 -7.51
N ALA A 46 -10.11 8.26 -7.96
CA ALA A 46 -9.53 9.63 -8.05
C ALA A 46 -8.94 10.03 -6.68
N THR A 47 -9.65 9.76 -5.62
CA THR A 47 -9.15 10.16 -4.27
C THR A 47 -8.06 9.20 -3.76
N TRP A 48 -8.33 7.91 -3.67
CA TRP A 48 -7.31 6.97 -3.11
C TRP A 48 -6.23 6.59 -4.14
N LYS A 49 -6.36 7.01 -5.36
CA LYS A 49 -5.31 6.65 -6.36
C LYS A 49 -4.29 7.80 -6.41
N ASN A 50 -4.75 9.02 -6.31
CA ASN A 50 -3.81 10.17 -6.33
C ASN A 50 -3.04 10.19 -5.02
N ALA A 51 -3.68 9.83 -3.94
CA ALA A 51 -2.98 9.81 -2.62
C ALA A 51 -1.94 8.68 -2.62
N VAL A 52 -2.33 7.51 -3.06
CA VAL A 52 -1.37 6.38 -3.08
C VAL A 52 -0.29 6.66 -4.13
N ARG A 53 -0.67 7.23 -5.25
CA ARG A 53 0.33 7.53 -6.32
C ARG A 53 1.49 8.33 -5.72
N HIS A 54 1.21 9.48 -5.18
CA HIS A 54 2.30 10.31 -4.58
C HIS A 54 3.13 9.45 -3.62
N ASN A 55 2.48 8.76 -2.72
CA ASN A 55 3.21 7.92 -1.73
C ASN A 55 4.18 6.97 -2.47
N LEU A 56 3.67 6.05 -3.23
CA LEU A 56 4.54 5.08 -3.96
C LEU A 56 5.67 5.83 -4.69
N SER A 57 5.36 6.95 -5.30
CA SER A 57 6.42 7.71 -6.02
C SER A 57 7.57 8.07 -5.06
N LEU A 58 7.30 8.90 -4.09
CA LEU A 58 8.37 9.29 -3.13
C LEU A 58 8.27 8.42 -1.88
N HIS A 59 8.09 7.14 -2.05
CA HIS A 59 7.96 6.23 -0.88
C HIS A 59 9.33 5.70 -0.44
N LYS A 60 9.89 6.26 0.60
CA LYS A 60 11.23 5.76 1.07
C LYS A 60 11.03 4.47 1.87
N TYR A 61 9.92 4.33 2.54
CA TYR A 61 9.69 3.09 3.34
C TYR A 61 9.32 1.95 2.39
N PHE A 62 9.10 2.24 1.13
CA PHE A 62 8.74 1.18 0.15
C PHE A 62 10.02 0.74 -0.57
N VAL A 63 10.20 -0.52 -0.79
CA VAL A 63 11.44 -0.97 -1.49
C VAL A 63 11.07 -1.91 -2.65
N ARG A 64 11.71 -1.75 -3.77
CA ARG A 64 11.40 -2.63 -4.94
C ARG A 64 12.46 -3.74 -5.02
N VAL A 65 12.03 -4.97 -5.12
CA VAL A 65 13.00 -6.09 -5.20
C VAL A 65 12.73 -6.90 -6.48
N GLU A 66 13.76 -7.39 -7.11
CA GLU A 66 13.56 -8.18 -8.35
C GLU A 66 13.43 -9.66 -8.01
N ASN A 67 12.23 -10.19 -8.07
CA ASN A 67 12.03 -11.62 -7.76
C ASN A 67 11.77 -12.40 -9.05
N VAL A 68 11.68 -13.70 -8.97
CA VAL A 68 11.43 -14.50 -10.20
C VAL A 68 10.06 -14.13 -10.76
N LYS A 69 9.10 -13.93 -9.91
CA LYS A 69 7.73 -13.56 -10.38
C LYS A 69 7.78 -12.17 -11.02
N GLY A 70 8.77 -11.38 -10.67
CA GLY A 70 8.86 -10.02 -11.24
C GLY A 70 9.12 -9.02 -10.11
N ALA A 71 9.45 -7.80 -10.45
CA ALA A 71 9.71 -6.77 -9.40
C ALA A 71 8.51 -6.70 -8.45
N VAL A 72 8.75 -6.71 -7.17
CA VAL A 72 7.62 -6.64 -6.20
C VAL A 72 7.83 -5.45 -5.27
N TRP A 73 6.77 -4.85 -4.81
CA TRP A 73 6.90 -3.68 -3.89
C TRP A 73 6.88 -4.16 -2.44
N THR A 74 7.86 -3.77 -1.66
CA THR A 74 7.88 -4.19 -0.24
C THR A 74 8.07 -2.98 0.67
N VAL A 75 7.77 -3.13 1.94
CA VAL A 75 7.92 -2.00 2.90
C VAL A 75 9.00 -2.33 3.93
N ASP A 76 9.72 -1.34 4.39
CA ASP A 76 10.78 -1.59 5.40
C ASP A 76 10.36 -0.98 6.74
N GLU A 77 10.38 -1.76 7.79
CA GLU A 77 9.97 -1.23 9.12
C GLU A 77 10.96 -0.13 9.55
N VAL A 78 12.14 -0.14 9.01
CA VAL A 78 13.14 0.90 9.38
C VAL A 78 12.67 2.26 8.86
N GLU A 79 12.52 2.37 7.57
CA GLU A 79 12.07 3.67 6.98
C GLU A 79 10.62 3.94 7.38
N PHE A 80 9.80 2.91 7.38
CA PHE A 80 8.37 3.11 7.75
C PHE A 80 8.25 3.63 9.18
N GLN A 81 9.08 3.15 10.07
CA GLN A 81 9.02 3.63 11.48
C GLN A 81 9.38 5.12 11.54
N LYS A 82 10.17 5.59 10.62
CA LYS A 82 10.55 7.03 10.63
C LYS A 82 9.30 7.89 10.85
N ARG A 83 8.32 7.75 10.00
CA ARG A 83 7.07 8.54 10.16
C ARG A 83 5.92 7.60 10.53
N ARG A 84 6.01 6.97 11.66
CA ARG A 84 4.91 6.04 12.07
C ARG A 84 4.43 6.37 13.50
N PRO A 85 5.27 6.18 14.49
CA PRO A 85 4.90 6.46 15.89
C PRO A 85 4.88 7.97 16.14
N GLN A 86 4.00 8.68 15.49
CA GLN A 86 3.94 10.16 15.69
C GLN A 86 3.74 10.45 17.18
N LYS A 87 3.03 9.60 17.87
CA LYS A 87 2.80 9.83 19.33
C LYS A 87 4.13 10.15 20.01
N ALA A 1 -17.21 3.39 10.77
CA ALA A 1 -17.13 3.22 9.28
C ALA A 1 -17.17 4.59 8.61
N GLU A 2 -17.73 5.57 9.26
CA GLU A 2 -17.80 6.93 8.65
C GLU A 2 -18.28 6.82 7.21
N VAL A 3 -18.25 7.90 6.48
CA VAL A 3 -18.70 7.85 5.06
C VAL A 3 -17.53 8.19 4.14
N ARG A 4 -16.94 9.34 4.30
CA ARG A 4 -15.80 9.72 3.44
C ARG A 4 -14.65 8.72 3.64
N PRO A 5 -13.69 8.77 2.76
CA PRO A 5 -12.51 7.88 2.81
C PRO A 5 -11.52 8.37 3.87
N PRO A 6 -10.88 7.42 4.53
CA PRO A 6 -9.90 7.73 5.59
C PRO A 6 -8.56 8.13 4.97
N PHE A 7 -7.52 8.17 5.75
CA PHE A 7 -6.19 8.55 5.21
C PHE A 7 -5.12 7.59 5.73
N THR A 8 -5.52 6.55 6.41
CA THR A 8 -4.53 5.58 6.94
C THR A 8 -4.28 4.48 5.91
N TYR A 9 -4.04 4.85 4.68
CA TYR A 9 -3.82 3.83 3.62
C TYR A 9 -2.44 3.19 3.83
N ALA A 10 -1.48 3.95 4.27
CA ALA A 10 -0.12 3.38 4.48
C ALA A 10 -0.22 2.12 5.35
N SER A 11 -0.75 2.26 6.54
CA SER A 11 -0.87 1.08 7.44
C SER A 11 -1.65 -0.04 6.72
N LEU A 12 -2.73 0.30 6.07
CA LEU A 12 -3.52 -0.74 5.36
C LEU A 12 -2.61 -1.56 4.46
N ILE A 13 -1.90 -0.90 3.57
CA ILE A 13 -0.98 -1.64 2.66
C ILE A 13 -0.08 -2.57 3.47
N ARG A 14 0.44 -2.10 4.57
CA ARG A 14 1.32 -2.95 5.40
C ARG A 14 0.63 -4.27 5.70
N GLN A 15 -0.65 -4.23 5.96
CA GLN A 15 -1.40 -5.48 6.27
C GLN A 15 -1.31 -6.43 5.07
N ALA A 16 -1.78 -6.02 3.92
CA ALA A 16 -1.72 -6.89 2.72
C ALA A 16 -0.29 -7.38 2.52
N ILE A 17 0.65 -6.47 2.48
CA ILE A 17 2.07 -6.87 2.30
C ILE A 17 2.48 -7.84 3.41
N LEU A 18 2.09 -7.56 4.63
CA LEU A 18 2.47 -8.45 5.76
C LEU A 18 2.03 -9.89 5.48
N GLU A 19 1.05 -10.07 4.63
CA GLU A 19 0.58 -11.45 4.32
C GLU A 19 1.76 -12.29 3.80
N SER A 20 2.78 -11.65 3.31
CA SER A 20 3.95 -12.42 2.79
C SER A 20 5.07 -12.42 3.84
N PRO A 21 5.91 -13.43 3.76
CA PRO A 21 7.04 -13.59 4.70
C PRO A 21 8.19 -12.63 4.31
N GLU A 22 8.27 -12.28 3.06
CA GLU A 22 9.36 -11.36 2.63
C GLU A 22 8.85 -9.90 2.69
N LYS A 23 7.62 -9.72 3.08
CA LYS A 23 7.05 -8.34 3.17
C LYS A 23 7.04 -7.68 1.80
N GLN A 24 6.91 -8.44 0.75
CA GLN A 24 6.88 -7.84 -0.62
C GLN A 24 5.67 -8.39 -1.36
N LEU A 25 5.01 -7.57 -2.14
CA LEU A 25 3.82 -8.08 -2.88
C LEU A 25 3.65 -7.34 -4.21
N THR A 26 3.31 -8.05 -5.25
CA THR A 26 3.13 -7.38 -6.57
C THR A 26 1.96 -6.40 -6.50
N LEU A 27 2.03 -5.32 -7.23
CA LEU A 27 0.92 -4.33 -7.22
C LEU A 27 -0.38 -5.02 -7.64
N ASN A 28 -0.29 -5.90 -8.61
CA ASN A 28 -1.52 -6.61 -9.08
C ASN A 28 -2.21 -7.28 -7.88
N GLU A 29 -1.47 -7.94 -7.05
CA GLU A 29 -2.08 -8.62 -5.88
C GLU A 29 -2.68 -7.58 -4.93
N ILE A 30 -1.96 -6.52 -4.66
CA ILE A 30 -2.50 -5.47 -3.75
C ILE A 30 -3.73 -4.80 -4.37
N TYR A 31 -3.62 -4.38 -5.61
CA TYR A 31 -4.79 -3.72 -6.26
C TYR A 31 -6.00 -4.66 -6.22
N ASN A 32 -5.80 -5.90 -6.59
CA ASN A 32 -6.94 -6.87 -6.58
C ASN A 32 -7.55 -6.91 -5.18
N TRP A 33 -6.73 -6.96 -4.17
CA TRP A 33 -7.26 -7.01 -2.77
C TRP A 33 -8.04 -5.73 -2.47
N PHE A 34 -7.56 -4.61 -2.92
CA PHE A 34 -8.28 -3.32 -2.65
C PHE A 34 -9.68 -3.37 -3.26
N THR A 35 -9.82 -3.96 -4.42
CA THR A 35 -11.16 -4.01 -5.08
C THR A 35 -12.07 -5.05 -4.40
N ARG A 36 -11.57 -6.23 -4.15
CA ARG A 36 -12.41 -7.27 -3.52
C ARG A 36 -12.72 -6.91 -2.06
N MET A 37 -11.77 -6.34 -1.37
CA MET A 37 -12.02 -5.98 0.06
C MET A 37 -12.88 -4.71 0.16
N PHE A 38 -12.52 -3.68 -0.56
CA PHE A 38 -13.32 -2.43 -0.50
C PHE A 38 -13.99 -2.15 -1.84
N PRO A 39 -15.23 -2.55 -1.96
CA PRO A 39 -16.01 -2.34 -3.19
C PRO A 39 -16.54 -0.90 -3.20
N TYR A 40 -16.12 -0.09 -2.27
CA TYR A 40 -16.61 1.32 -2.20
C TYR A 40 -15.60 2.26 -2.88
N PHE A 41 -14.34 2.12 -2.56
CA PHE A 41 -13.32 3.02 -3.18
C PHE A 41 -12.92 2.48 -4.56
N ARG A 42 -13.67 1.55 -5.10
CA ARG A 42 -13.34 1.01 -6.44
C ARG A 42 -14.11 1.77 -7.51
N ARG A 43 -14.32 3.04 -7.32
CA ARG A 43 -15.06 3.83 -8.34
C ARG A 43 -14.18 4.97 -8.85
N ASN A 44 -14.31 6.15 -8.29
CA ASN A 44 -13.48 7.29 -8.76
C ASN A 44 -12.00 6.95 -8.57
N ALA A 45 -11.38 6.39 -9.57
CA ALA A 45 -9.94 6.03 -9.46
C ALA A 45 -9.08 7.27 -9.70
N ALA A 46 -9.69 8.42 -9.79
CA ALA A 46 -8.90 9.65 -10.03
C ALA A 46 -8.32 10.13 -8.69
N THR A 47 -9.08 10.04 -7.64
CA THR A 47 -8.58 10.52 -6.32
C THR A 47 -7.79 9.43 -5.56
N TRP A 48 -8.27 8.20 -5.54
CA TRP A 48 -7.53 7.16 -4.76
C TRP A 48 -6.39 6.51 -5.57
N LYS A 49 -6.31 6.76 -6.85
CA LYS A 49 -5.20 6.16 -7.64
C LYS A 49 -4.02 7.14 -7.64
N ASN A 50 -4.30 8.40 -7.80
CA ASN A 50 -3.19 9.40 -7.80
C ASN A 50 -2.64 9.53 -6.38
N ALA A 51 -3.47 9.32 -5.39
CA ALA A 51 -2.99 9.42 -3.99
C ALA A 51 -2.05 8.26 -3.68
N VAL A 52 -2.51 7.05 -3.85
CA VAL A 52 -1.63 5.87 -3.56
C VAL A 52 -0.37 5.94 -4.44
N ARG A 53 -0.53 6.22 -5.70
CA ARG A 53 0.65 6.30 -6.60
C ARG A 53 1.65 7.32 -6.03
N HIS A 54 1.19 8.49 -5.68
CA HIS A 54 2.11 9.52 -5.13
C HIS A 54 2.70 9.02 -3.80
N ASN A 55 1.85 8.63 -2.89
CA ASN A 55 2.34 8.14 -1.57
C ASN A 55 3.36 7.02 -1.78
N LEU A 56 3.09 6.12 -2.68
CA LEU A 56 4.03 5.00 -2.93
C LEU A 56 5.42 5.55 -3.30
N SER A 57 5.49 6.42 -4.26
CA SER A 57 6.81 6.98 -4.67
C SER A 57 7.45 7.74 -3.50
N LEU A 58 6.69 8.58 -2.84
CA LEU A 58 7.26 9.36 -1.70
C LEU A 58 7.47 8.44 -0.49
N HIS A 59 6.73 7.37 -0.40
CA HIS A 59 6.90 6.45 0.75
C HIS A 59 8.29 5.80 0.70
N LYS A 60 9.16 6.20 1.58
CA LYS A 60 10.54 5.62 1.58
C LYS A 60 10.50 4.22 2.20
N TYR A 61 9.54 3.96 3.05
CA TYR A 61 9.47 2.61 3.67
C TYR A 61 8.98 1.59 2.63
N PHE A 62 8.41 2.07 1.55
CA PHE A 62 7.94 1.12 0.50
C PHE A 62 9.12 0.78 -0.43
N VAL A 63 9.48 -0.46 -0.54
CA VAL A 63 10.63 -0.82 -1.42
C VAL A 63 10.14 -1.72 -2.56
N ARG A 64 10.66 -1.52 -3.74
CA ARG A 64 10.22 -2.38 -4.89
C ARG A 64 11.41 -3.20 -5.38
N VAL A 65 11.31 -4.50 -5.28
CA VAL A 65 12.42 -5.36 -5.74
C VAL A 65 12.19 -5.78 -7.20
N GLU A 66 12.84 -5.13 -8.12
CA GLU A 66 12.66 -5.49 -9.56
C GLU A 66 13.46 -6.76 -9.87
N ASN A 67 12.78 -7.86 -10.08
CA ASN A 67 13.50 -9.12 -10.38
C ASN A 67 12.97 -9.71 -11.70
N VAL A 68 13.79 -10.44 -12.39
CA VAL A 68 13.35 -11.05 -13.67
C VAL A 68 12.00 -11.75 -13.47
N LYS A 69 11.72 -12.19 -12.28
CA LYS A 69 10.43 -12.87 -12.01
C LYS A 69 9.30 -11.85 -11.92
N GLY A 70 9.63 -10.60 -11.78
CA GLY A 70 8.58 -9.55 -11.68
C GLY A 70 8.88 -8.63 -10.50
N ALA A 71 8.45 -7.40 -10.56
CA ALA A 71 8.70 -6.45 -9.45
C ALA A 71 7.71 -6.71 -8.31
N VAL A 72 8.13 -6.50 -7.09
CA VAL A 72 7.20 -6.74 -5.94
C VAL A 72 7.17 -5.49 -5.05
N TRP A 73 6.07 -5.27 -4.38
CA TRP A 73 5.97 -4.08 -3.48
C TRP A 73 6.16 -4.50 -2.03
N THR A 74 7.17 -4.01 -1.36
CA THR A 74 7.37 -4.42 0.04
C THR A 74 7.42 -3.21 0.97
N VAL A 75 7.37 -3.44 2.25
CA VAL A 75 7.41 -2.32 3.23
C VAL A 75 8.58 -2.54 4.19
N ASP A 76 9.16 -1.47 4.67
CA ASP A 76 10.30 -1.60 5.62
C ASP A 76 9.86 -1.15 7.01
N GLU A 77 9.60 -2.08 7.88
CA GLU A 77 9.17 -1.70 9.26
C GLU A 77 10.17 -0.73 9.85
N VAL A 78 11.39 -0.77 9.41
CA VAL A 78 12.42 0.17 9.96
C VAL A 78 12.10 1.59 9.49
N GLU A 79 12.11 1.81 8.19
CA GLU A 79 11.82 3.18 7.67
C GLU A 79 10.36 3.53 7.98
N PHE A 80 9.48 2.57 7.95
CA PHE A 80 8.05 2.85 8.24
C PHE A 80 7.91 3.38 9.67
N GLN A 81 8.78 2.96 10.55
CA GLN A 81 8.71 3.43 11.96
C GLN A 81 9.63 4.64 12.14
N LYS A 82 10.78 4.62 11.49
CA LYS A 82 11.71 5.77 11.62
C LYS A 82 10.92 7.07 11.52
N ARG A 83 10.29 7.30 10.39
CA ARG A 83 9.50 8.54 10.23
C ARG A 83 8.05 8.27 10.65
N ARG A 84 7.86 7.75 11.83
CA ARG A 84 6.48 7.46 12.30
C ARG A 84 6.32 7.98 13.73
N PRO A 85 5.69 9.13 13.85
CA PRO A 85 5.47 9.77 15.16
C PRO A 85 4.30 9.09 15.89
N GLN A 86 4.59 8.15 16.75
CA GLN A 86 3.51 7.46 17.49
C GLN A 86 2.74 8.46 18.35
N LYS A 87 1.45 8.53 18.19
CA LYS A 87 0.64 9.50 18.99
C LYS A 87 0.83 9.20 20.48
N ALA A 1 -23.92 5.70 1.80
CA ALA A 1 -22.52 5.34 2.13
C ALA A 1 -21.88 6.44 2.97
N GLU A 2 -21.33 7.44 2.33
CA GLU A 2 -20.69 8.56 3.08
C GLU A 2 -19.38 8.07 3.70
N VAL A 3 -18.27 8.56 3.19
CA VAL A 3 -16.96 8.12 3.74
C VAL A 3 -16.62 8.96 4.98
N ARG A 4 -17.42 8.86 6.01
CA ARG A 4 -17.16 9.64 7.24
C ARG A 4 -15.78 9.28 7.81
N PRO A 5 -15.56 8.00 8.00
CA PRO A 5 -14.29 7.48 8.55
C PRO A 5 -13.21 7.45 7.46
N PRO A 6 -12.11 8.11 7.72
CA PRO A 6 -10.98 8.16 6.77
C PRO A 6 -10.17 6.86 6.84
N PHE A 7 -9.17 6.73 6.02
CA PHE A 7 -8.34 5.48 6.04
C PHE A 7 -6.91 5.79 5.63
N THR A 8 -5.95 5.27 6.35
CA THR A 8 -4.53 5.54 5.99
C THR A 8 -4.02 4.41 5.09
N TYR A 9 -3.79 4.69 3.84
CA TYR A 9 -3.31 3.63 2.92
C TYR A 9 -1.95 3.12 3.40
N ALA A 10 -1.16 3.97 4.00
CA ALA A 10 0.18 3.53 4.49
C ALA A 10 0.01 2.36 5.45
N SER A 11 -0.99 2.39 6.28
CA SER A 11 -1.20 1.27 7.24
C SER A 11 -1.96 0.13 6.55
N LEU A 12 -2.90 0.46 5.71
CA LEU A 12 -3.66 -0.61 5.01
C LEU A 12 -2.74 -1.38 4.07
N ILE A 13 -1.78 -0.70 3.49
CA ILE A 13 -0.83 -1.39 2.56
C ILE A 13 0.07 -2.33 3.36
N ARG A 14 0.73 -1.82 4.36
CA ARG A 14 1.63 -2.69 5.18
C ARG A 14 0.84 -3.91 5.65
N GLN A 15 -0.46 -3.78 5.76
CA GLN A 15 -1.29 -4.92 6.22
C GLN A 15 -1.22 -6.05 5.19
N ALA A 16 -1.66 -5.80 3.99
CA ALA A 16 -1.62 -6.85 2.94
C ALA A 16 -0.16 -7.19 2.62
N ILE A 17 0.74 -6.28 2.88
CA ILE A 17 2.18 -6.55 2.59
C ILE A 17 2.72 -7.58 3.60
N LEU A 18 2.66 -7.28 4.87
CA LEU A 18 3.17 -8.24 5.88
C LEU A 18 2.54 -9.61 5.63
N GLU A 19 1.39 -9.64 5.03
CA GLU A 19 0.72 -10.94 4.75
C GLU A 19 1.68 -11.83 3.96
N SER A 20 2.59 -11.24 3.25
CA SER A 20 3.56 -12.04 2.44
C SER A 20 4.75 -12.43 3.33
N PRO A 21 5.65 -13.19 2.76
CA PRO A 21 6.86 -13.65 3.46
C PRO A 21 7.90 -12.53 3.52
N GLU A 22 8.18 -11.91 2.40
CA GLU A 22 9.19 -10.82 2.38
C GLU A 22 8.47 -9.47 2.36
N LYS A 23 7.32 -9.39 2.97
CA LYS A 23 6.57 -8.12 3.01
C LYS A 23 6.65 -7.40 1.65
N GLN A 24 6.52 -8.12 0.58
CA GLN A 24 6.57 -7.48 -0.77
C GLN A 24 5.35 -7.92 -1.57
N LEU A 25 4.80 -7.05 -2.36
CA LEU A 25 3.61 -7.44 -3.14
C LEU A 25 3.48 -6.60 -4.41
N THR A 26 3.31 -7.25 -5.53
CA THR A 26 3.17 -6.49 -6.81
C THR A 26 1.91 -5.62 -6.75
N LEU A 27 1.79 -4.68 -7.66
CA LEU A 27 0.58 -3.81 -7.66
C LEU A 27 -0.66 -4.64 -8.00
N ASN A 28 -0.54 -5.54 -8.93
CA ASN A 28 -1.72 -6.37 -9.31
C ASN A 28 -2.26 -7.11 -8.08
N GLU A 29 -1.41 -7.81 -7.38
CA GLU A 29 -1.87 -8.56 -6.17
C GLU A 29 -2.49 -7.58 -5.16
N ILE A 30 -1.80 -6.53 -4.84
CA ILE A 30 -2.35 -5.54 -3.86
C ILE A 30 -3.69 -5.02 -4.37
N TYR A 31 -3.84 -4.91 -5.66
CA TYR A 31 -5.12 -4.42 -6.22
C TYR A 31 -6.22 -5.46 -5.99
N ASN A 32 -5.89 -6.72 -6.11
CA ASN A 32 -6.91 -7.78 -5.90
C ASN A 32 -7.36 -7.75 -4.44
N TRP A 33 -6.44 -7.78 -3.51
CA TRP A 33 -6.82 -7.77 -2.07
C TRP A 33 -7.55 -6.46 -1.75
N PHE A 34 -7.01 -5.36 -2.18
CA PHE A 34 -7.66 -4.04 -1.89
C PHE A 34 -9.15 -4.10 -2.24
N THR A 35 -9.47 -4.27 -3.51
CA THR A 35 -10.90 -4.32 -3.91
C THR A 35 -11.59 -5.51 -3.24
N ARG A 36 -10.99 -6.67 -3.28
CA ARG A 36 -11.62 -7.86 -2.66
C ARG A 36 -12.09 -7.54 -1.24
N MET A 37 -11.25 -6.91 -0.46
CA MET A 37 -11.66 -6.58 0.94
C MET A 37 -12.52 -5.31 0.95
N PHE A 38 -12.09 -4.29 0.26
CA PHE A 38 -12.89 -3.03 0.24
C PHE A 38 -13.48 -2.81 -1.17
N PRO A 39 -14.72 -3.18 -1.32
CA PRO A 39 -15.42 -3.03 -2.61
C PRO A 39 -15.91 -1.58 -2.80
N TYR A 40 -15.38 -0.66 -2.04
CA TYR A 40 -15.84 0.76 -2.20
C TYR A 40 -14.72 1.61 -2.83
N PHE A 41 -13.62 1.76 -2.13
CA PHE A 41 -12.52 2.60 -2.70
C PHE A 41 -12.32 2.26 -4.18
N ARG A 42 -12.66 1.07 -4.58
CA ARG A 42 -12.50 0.69 -6.00
C ARG A 42 -13.60 1.34 -6.85
N ARG A 43 -13.72 2.65 -6.76
CA ARG A 43 -14.76 3.35 -7.55
C ARG A 43 -14.11 4.49 -8.34
N ASN A 44 -13.32 5.31 -7.68
CA ASN A 44 -12.66 6.43 -8.39
C ASN A 44 -11.15 6.21 -8.37
N ALA A 45 -10.67 5.27 -9.14
CA ALA A 45 -9.21 4.99 -9.17
C ALA A 45 -8.45 6.28 -9.45
N ALA A 46 -9.09 7.24 -10.05
CA ALA A 46 -8.40 8.53 -10.36
C ALA A 46 -7.88 9.16 -9.06
N THR A 47 -8.64 9.08 -8.00
CA THR A 47 -8.19 9.71 -6.72
C THR A 47 -7.28 8.77 -5.90
N TRP A 48 -7.67 7.55 -5.66
CA TRP A 48 -6.83 6.65 -4.81
C TRP A 48 -5.66 6.03 -5.58
N LYS A 49 -5.56 6.25 -6.86
CA LYS A 49 -4.42 5.66 -7.62
C LYS A 49 -3.28 6.68 -7.67
N ASN A 50 -3.60 7.93 -7.84
CA ASN A 50 -2.54 8.97 -7.88
C ASN A 50 -2.05 9.24 -6.46
N ALA A 51 -2.93 9.14 -5.49
CA ALA A 51 -2.52 9.39 -4.08
C ALA A 51 -1.68 8.21 -3.58
N VAL A 52 -2.13 7.00 -3.83
CA VAL A 52 -1.37 5.81 -3.37
C VAL A 52 0.05 5.86 -3.95
N ARG A 53 0.17 5.98 -5.25
CA ARG A 53 1.52 6.03 -5.87
C ARG A 53 2.29 7.23 -5.32
N HIS A 54 1.61 8.29 -4.99
CA HIS A 54 2.33 9.47 -4.44
C HIS A 54 3.04 9.05 -3.16
N ASN A 55 2.38 8.27 -2.34
CA ASN A 55 3.01 7.80 -1.08
C ASN A 55 4.21 6.89 -1.36
N LEU A 56 4.05 5.91 -2.20
CA LEU A 56 5.19 4.98 -2.49
C LEU A 56 6.38 5.73 -3.11
N SER A 57 6.13 6.72 -3.92
CA SER A 57 7.26 7.47 -4.54
C SER A 57 7.97 8.31 -3.48
N LEU A 58 7.23 8.92 -2.60
CA LEU A 58 7.87 9.77 -1.54
C LEU A 58 8.21 8.89 -0.32
N HIS A 59 7.35 7.98 0.04
CA HIS A 59 7.63 7.12 1.22
C HIS A 59 8.91 6.33 1.00
N LYS A 60 9.92 6.59 1.79
CA LYS A 60 11.21 5.87 1.63
C LYS A 60 11.09 4.47 2.26
N TYR A 61 10.08 4.24 3.06
CA TYR A 61 9.92 2.91 3.69
C TYR A 61 9.39 1.91 2.66
N PHE A 62 8.82 2.41 1.60
CA PHE A 62 8.28 1.50 0.54
C PHE A 62 9.43 1.09 -0.38
N VAL A 63 9.64 -0.17 -0.61
CA VAL A 63 10.75 -0.60 -1.50
C VAL A 63 10.20 -1.46 -2.64
N ARG A 64 10.81 -1.37 -3.80
CA ARG A 64 10.33 -2.19 -4.96
C ARG A 64 11.42 -3.19 -5.36
N VAL A 65 11.16 -4.45 -5.20
CA VAL A 65 12.18 -5.47 -5.57
C VAL A 65 11.90 -5.99 -6.98
N GLU A 66 12.85 -5.85 -7.87
CA GLU A 66 12.63 -6.32 -9.26
C GLU A 66 12.38 -7.84 -9.25
N ASN A 67 11.42 -8.29 -10.01
CA ASN A 67 11.13 -9.75 -10.04
C ASN A 67 11.09 -10.23 -11.49
N VAL A 68 10.74 -11.47 -11.70
CA VAL A 68 10.68 -12.00 -13.09
C VAL A 68 9.51 -11.37 -13.84
N LYS A 69 8.37 -11.26 -13.23
CA LYS A 69 7.19 -10.66 -13.93
C LYS A 69 7.03 -9.19 -13.52
N GLY A 70 8.06 -8.58 -13.01
CA GLY A 70 7.95 -7.16 -12.61
C GLY A 70 8.49 -6.98 -11.18
N ALA A 71 8.46 -5.78 -10.67
CA ALA A 71 8.96 -5.55 -9.29
C ALA A 71 7.81 -5.72 -8.29
N VAL A 72 8.14 -5.96 -7.04
CA VAL A 72 7.06 -6.15 -6.02
C VAL A 72 7.10 -4.97 -5.04
N TRP A 73 5.99 -4.67 -4.42
CA TRP A 73 5.98 -3.53 -3.47
C TRP A 73 6.12 -4.03 -2.03
N THR A 74 7.08 -3.53 -1.30
CA THR A 74 7.27 -3.98 0.11
C THR A 74 7.48 -2.79 1.03
N VAL A 75 7.43 -3.02 2.32
CA VAL A 75 7.64 -1.91 3.29
C VAL A 75 8.81 -2.26 4.22
N ASP A 76 9.55 -1.28 4.66
CA ASP A 76 10.69 -1.55 5.58
C ASP A 76 10.32 -1.11 6.99
N GLU A 77 10.44 -1.98 7.95
CA GLU A 77 10.10 -1.59 9.35
C GLU A 77 11.03 -0.47 9.82
N VAL A 78 12.27 -0.52 9.45
CA VAL A 78 13.22 0.56 9.87
C VAL A 78 12.72 1.90 9.33
N GLU A 79 12.55 1.99 8.05
CA GLU A 79 12.06 3.26 7.45
C GLU A 79 10.61 3.50 7.86
N PHE A 80 9.79 2.48 7.78
CA PHE A 80 8.35 2.65 8.17
C PHE A 80 8.28 3.15 9.61
N GLN A 81 9.12 2.63 10.47
CA GLN A 81 9.09 3.06 11.89
C GLN A 81 9.67 4.48 12.00
N LYS A 82 10.50 4.86 11.07
CA LYS A 82 11.10 6.23 11.12
C LYS A 82 9.98 7.26 11.31
N ARG A 83 9.14 7.43 10.33
CA ARG A 83 8.03 8.41 10.45
C ARG A 83 6.70 7.66 10.53
N ARG A 84 6.47 6.96 11.61
CA ARG A 84 5.19 6.21 11.74
C ARG A 84 4.63 6.39 13.16
N PRO A 85 5.28 5.81 14.16
CA PRO A 85 4.82 5.93 15.55
C PRO A 85 5.09 7.35 16.08
N GLN A 86 4.24 8.28 15.75
CA GLN A 86 4.43 9.68 16.22
C GLN A 86 4.48 9.70 17.75
N LYS A 87 5.57 10.13 18.32
CA LYS A 87 5.68 10.18 19.79
C LYS A 87 4.84 11.34 20.34
N ALA A 1 -23.37 3.74 5.75
CA ALA A 1 -23.34 3.98 7.23
C ALA A 1 -21.89 4.10 7.70
N GLU A 2 -21.07 3.15 7.34
CA GLU A 2 -19.64 3.21 7.78
C GLU A 2 -18.78 3.76 6.63
N VAL A 3 -17.97 4.74 6.90
CA VAL A 3 -17.11 5.31 5.83
C VAL A 3 -16.33 4.20 5.14
N ARG A 4 -16.70 3.85 3.94
CA ARG A 4 -15.98 2.77 3.22
C ARG A 4 -14.51 3.16 3.03
N PRO A 5 -14.27 4.35 2.53
CA PRO A 5 -12.91 4.86 2.29
C PRO A 5 -12.29 5.33 3.60
N PRO A 6 -11.15 4.78 3.92
CA PRO A 6 -10.42 5.13 5.16
C PRO A 6 -9.67 6.44 4.99
N PHE A 7 -8.67 6.69 5.81
CA PHE A 7 -7.89 7.94 5.68
C PHE A 7 -6.40 7.64 5.84
N THR A 8 -6.06 6.74 6.71
CA THR A 8 -4.63 6.39 6.92
C THR A 8 -4.20 5.34 5.88
N TYR A 9 -4.05 5.75 4.64
CA TYR A 9 -3.64 4.78 3.59
C TYR A 9 -2.26 4.22 3.93
N ALA A 10 -1.40 5.02 4.49
CA ALA A 10 -0.04 4.53 4.84
C ALA A 10 -0.14 3.28 5.72
N SER A 11 -0.70 3.40 6.88
CA SER A 11 -0.82 2.22 7.78
C SER A 11 -1.64 1.13 7.10
N LEU A 12 -2.73 1.48 6.46
CA LEU A 12 -3.56 0.45 5.78
C LEU A 12 -2.72 -0.34 4.79
N ILE A 13 -1.93 0.34 3.99
CA ILE A 13 -1.08 -0.37 2.99
C ILE A 13 -0.14 -1.35 3.70
N ARG A 14 0.53 -0.91 4.73
CA ARG A 14 1.45 -1.81 5.47
C ARG A 14 0.70 -3.08 5.85
N GLN A 15 -0.51 -2.93 6.34
CA GLN A 15 -1.32 -4.12 6.73
C GLN A 15 -1.51 -5.03 5.52
N ALA A 16 -2.11 -4.53 4.47
CA ALA A 16 -2.31 -5.38 3.27
C ALA A 16 -0.97 -5.98 2.86
N ILE A 17 0.07 -5.19 2.87
CA ILE A 17 1.41 -5.71 2.51
C ILE A 17 1.81 -6.77 3.56
N LEU A 18 1.58 -6.49 4.81
CA LEU A 18 1.93 -7.47 5.87
C LEU A 18 1.17 -8.78 5.63
N GLU A 19 0.16 -8.75 4.81
CA GLU A 19 -0.64 -9.98 4.54
C GLU A 19 0.28 -11.07 3.96
N SER A 20 1.43 -10.69 3.48
CA SER A 20 2.38 -11.69 2.90
C SER A 20 3.48 -11.99 3.92
N PRO A 21 4.37 -12.88 3.56
CA PRO A 21 5.49 -13.27 4.42
C PRO A 21 6.58 -12.20 4.39
N GLU A 22 7.03 -11.82 3.23
CA GLU A 22 8.07 -10.77 3.13
C GLU A 22 7.41 -9.41 3.04
N LYS A 23 6.18 -9.31 3.49
CA LYS A 23 5.45 -8.02 3.45
C LYS A 23 5.71 -7.33 2.11
N GLN A 24 5.76 -8.08 1.04
CA GLN A 24 5.99 -7.46 -0.30
C GLN A 24 4.82 -7.74 -1.21
N LEU A 25 4.40 -6.78 -1.97
CA LEU A 25 3.27 -7.04 -2.87
C LEU A 25 3.26 -6.07 -4.05
N THR A 26 2.89 -6.56 -5.21
CA THR A 26 2.86 -5.69 -6.42
C THR A 26 1.69 -4.71 -6.35
N LEU A 27 1.78 -3.64 -7.09
CA LEU A 27 0.68 -2.64 -7.09
C LEU A 27 -0.56 -3.23 -7.76
N ASN A 28 -0.40 -3.78 -8.94
CA ASN A 28 -1.57 -4.37 -9.65
C ASN A 28 -2.26 -5.39 -8.73
N GLU A 29 -1.49 -6.27 -8.14
CA GLU A 29 -2.10 -7.28 -7.23
C GLU A 29 -2.72 -6.58 -6.03
N ILE A 30 -2.10 -5.55 -5.54
CA ILE A 30 -2.67 -4.82 -4.37
C ILE A 30 -3.99 -4.17 -4.77
N TYR A 31 -4.06 -3.62 -5.95
CA TYR A 31 -5.33 -2.99 -6.39
C TYR A 31 -6.47 -4.01 -6.30
N ASN A 32 -6.23 -5.22 -6.71
CA ASN A 32 -7.30 -6.26 -6.63
C ASN A 32 -7.77 -6.39 -5.19
N TRP A 33 -6.85 -6.50 -4.26
CA TRP A 33 -7.23 -6.63 -2.83
C TRP A 33 -7.95 -5.34 -2.38
N PHE A 34 -7.37 -4.21 -2.65
CA PHE A 34 -8.00 -2.92 -2.24
C PHE A 34 -9.47 -2.89 -2.66
N THR A 35 -9.75 -3.08 -3.92
CA THR A 35 -11.18 -3.03 -4.39
C THR A 35 -11.94 -4.28 -3.95
N ARG A 36 -11.29 -5.41 -3.89
CA ARG A 36 -11.99 -6.65 -3.47
C ARG A 36 -12.51 -6.49 -2.03
N MET A 37 -11.71 -5.94 -1.17
CA MET A 37 -12.17 -5.75 0.24
C MET A 37 -13.19 -4.63 0.30
N PHE A 38 -13.04 -3.64 -0.52
CA PHE A 38 -14.01 -2.50 -0.52
C PHE A 38 -14.46 -2.21 -1.96
N PRO A 39 -15.75 -2.27 -2.18
CA PRO A 39 -16.32 -2.02 -3.51
C PRO A 39 -16.35 -0.52 -3.79
N TYR A 40 -16.22 0.29 -2.76
CA TYR A 40 -16.23 1.76 -2.96
C TYR A 40 -15.08 2.15 -3.90
N PHE A 41 -13.94 1.53 -3.75
CA PHE A 41 -12.79 1.87 -4.63
C PHE A 41 -13.17 1.57 -6.09
N ARG A 42 -14.17 0.76 -6.30
CA ARG A 42 -14.59 0.43 -7.69
C ARG A 42 -15.46 1.57 -8.25
N ARG A 43 -15.00 2.78 -8.14
CA ARG A 43 -15.81 3.92 -8.67
C ARG A 43 -14.87 4.92 -9.37
N ASN A 44 -14.01 5.55 -8.61
CA ASN A 44 -13.06 6.53 -9.22
C ASN A 44 -11.63 6.08 -8.94
N ALA A 45 -11.36 4.82 -9.13
CA ALA A 45 -9.98 4.30 -8.87
C ALA A 45 -8.95 5.22 -9.52
N ALA A 46 -9.28 5.79 -10.65
CA ALA A 46 -8.32 6.69 -11.34
C ALA A 46 -7.81 7.76 -10.36
N THR A 47 -8.56 8.05 -9.33
CA THR A 47 -8.13 9.09 -8.36
C THR A 47 -7.19 8.50 -7.31
N TRP A 48 -7.65 7.57 -6.52
CA TRP A 48 -6.78 6.98 -5.46
C TRP A 48 -5.52 6.38 -6.10
N LYS A 49 -5.67 5.65 -7.17
CA LYS A 49 -4.48 5.04 -7.82
C LYS A 49 -3.40 6.12 -8.00
N ASN A 50 -3.74 7.23 -8.60
CA ASN A 50 -2.74 8.31 -8.79
C ASN A 50 -2.30 8.84 -7.43
N ALA A 51 -3.12 8.69 -6.42
CA ALA A 51 -2.76 9.19 -5.07
C ALA A 51 -1.71 8.28 -4.45
N VAL A 52 -1.81 6.99 -4.64
CA VAL A 52 -0.81 6.06 -4.05
C VAL A 52 0.56 6.34 -4.65
N ARG A 53 0.64 6.47 -5.94
CA ARG A 53 1.96 6.74 -6.58
C ARG A 53 2.68 7.84 -5.80
N HIS A 54 2.04 8.97 -5.63
CA HIS A 54 2.68 10.08 -4.87
C HIS A 54 3.09 9.56 -3.48
N ASN A 55 2.13 9.13 -2.70
CA ASN A 55 2.46 8.60 -1.35
C ASN A 55 3.53 7.51 -1.47
N LEU A 56 3.55 6.80 -2.57
CA LEU A 56 4.56 5.73 -2.76
C LEU A 56 5.95 6.34 -2.93
N SER A 57 6.06 7.38 -3.71
CA SER A 57 7.40 8.01 -3.93
C SER A 57 7.83 8.76 -2.66
N LEU A 58 6.93 9.45 -2.03
CA LEU A 58 7.29 10.20 -0.79
C LEU A 58 7.52 9.22 0.36
N HIS A 59 6.77 8.15 0.39
CA HIS A 59 6.94 7.15 1.48
C HIS A 59 8.22 6.34 1.24
N LYS A 60 9.26 6.64 1.97
CA LYS A 60 10.54 5.89 1.78
C LYS A 60 10.47 4.53 2.48
N TYR A 61 9.51 4.33 3.35
CA TYR A 61 9.41 3.01 4.04
C TYR A 61 8.88 1.97 3.06
N PHE A 62 8.36 2.39 1.94
CA PHE A 62 7.86 1.41 0.93
C PHE A 62 9.05 0.93 0.11
N VAL A 63 8.98 -0.24 -0.46
CA VAL A 63 10.15 -0.73 -1.25
C VAL A 63 9.68 -1.30 -2.59
N ARG A 64 10.60 -1.60 -3.46
CA ARG A 64 10.23 -2.17 -4.79
C ARG A 64 11.35 -3.11 -5.25
N VAL A 65 11.23 -4.38 -4.95
CA VAL A 65 12.29 -5.34 -5.36
C VAL A 65 11.99 -5.90 -6.75
N GLU A 66 12.66 -5.42 -7.76
CA GLU A 66 12.41 -5.92 -9.13
C GLU A 66 12.84 -7.40 -9.20
N ASN A 67 11.91 -8.29 -9.37
CA ASN A 67 12.26 -9.73 -9.44
C ASN A 67 11.79 -10.33 -10.76
N VAL A 68 12.32 -11.47 -11.12
CA VAL A 68 11.91 -12.11 -12.40
C VAL A 68 10.40 -12.31 -12.42
N LYS A 69 9.82 -12.68 -11.30
CA LYS A 69 8.35 -12.89 -11.26
C LYS A 69 7.64 -11.52 -11.26
N GLY A 70 8.39 -10.45 -11.27
CA GLY A 70 7.77 -9.11 -11.27
C GLY A 70 8.16 -8.36 -9.99
N ALA A 71 8.46 -7.10 -10.10
CA ALA A 71 8.84 -6.32 -8.89
C ALA A 71 7.69 -6.35 -7.88
N VAL A 72 7.98 -6.20 -6.63
CA VAL A 72 6.90 -6.22 -5.61
C VAL A 72 7.06 -5.05 -4.65
N TRP A 73 5.97 -4.51 -4.18
CA TRP A 73 6.06 -3.37 -3.23
C TRP A 73 6.05 -3.92 -1.80
N THR A 74 7.12 -3.76 -1.08
CA THR A 74 7.19 -4.28 0.31
C THR A 74 7.42 -3.11 1.26
N VAL A 75 7.53 -3.37 2.53
CA VAL A 75 7.78 -2.27 3.49
C VAL A 75 8.90 -2.66 4.46
N ASP A 76 9.73 -1.74 4.84
CA ASP A 76 10.83 -2.07 5.79
C ASP A 76 10.46 -1.56 7.19
N GLU A 77 10.27 -2.46 8.13
CA GLU A 77 9.91 -2.03 9.50
C GLU A 77 10.94 -1.02 10.02
N VAL A 78 12.18 -1.22 9.72
CA VAL A 78 13.22 -0.26 10.19
C VAL A 78 12.93 1.12 9.60
N GLU A 79 12.85 1.20 8.30
CA GLU A 79 12.57 2.50 7.65
C GLU A 79 11.19 2.99 8.07
N PHE A 80 10.20 2.13 8.03
CA PHE A 80 8.83 2.55 8.43
C PHE A 80 8.86 3.10 9.86
N GLN A 81 9.74 2.59 10.68
CA GLN A 81 9.82 3.09 12.08
C GLN A 81 10.73 4.31 12.14
N LYS A 82 11.85 4.27 11.45
CA LYS A 82 12.78 5.44 11.48
C LYS A 82 11.98 6.72 11.24
N ARG A 83 11.19 6.76 10.20
CA ARG A 83 10.39 7.98 9.91
C ARG A 83 9.37 8.19 11.03
N ARG A 84 8.72 7.15 11.47
CA ARG A 84 7.72 7.29 12.55
C ARG A 84 8.36 8.02 13.75
N PRO A 85 7.89 9.22 14.01
CA PRO A 85 8.42 10.03 15.12
C PRO A 85 7.86 9.54 16.46
N GLN A 86 6.89 8.67 16.42
CA GLN A 86 6.31 8.16 17.69
C GLN A 86 7.27 7.14 18.32
N LYS A 87 7.79 7.45 19.48
CA LYS A 87 8.73 6.51 20.14
C LYS A 87 8.09 5.12 20.23
N ALA A 1 -22.66 1.10 8.95
CA ALA A 1 -22.86 1.13 7.47
C ALA A 1 -21.60 1.69 6.80
N GLU A 2 -21.27 1.22 5.64
CA GLU A 2 -20.06 1.72 4.94
C GLU A 2 -18.83 1.56 5.85
N VAL A 3 -17.98 0.61 5.55
CA VAL A 3 -16.77 0.41 6.40
C VAL A 3 -15.98 1.71 6.47
N ARG A 4 -15.88 2.28 7.65
CA ARG A 4 -15.12 3.55 7.79
C ARG A 4 -13.62 3.27 7.57
N PRO A 5 -13.01 4.04 6.69
CA PRO A 5 -11.58 3.88 6.38
C PRO A 5 -10.72 4.52 7.49
N PRO A 6 -9.44 4.27 7.43
CA PRO A 6 -8.48 4.80 8.41
C PRO A 6 -8.19 6.28 8.13
N PHE A 7 -7.23 6.56 7.27
CA PHE A 7 -6.91 7.99 6.97
C PHE A 7 -6.10 8.05 5.68
N THR A 8 -4.79 8.03 5.77
CA THR A 8 -3.95 8.10 4.54
C THR A 8 -3.80 6.70 3.93
N TYR A 9 -3.81 6.61 2.63
CA TYR A 9 -3.65 5.28 1.98
C TYR A 9 -2.29 4.69 2.34
N ALA A 10 -1.42 5.48 2.90
CA ALA A 10 -0.07 4.96 3.26
C ALA A 10 -0.22 3.85 4.30
N SER A 11 -0.95 4.09 5.35
CA SER A 11 -1.13 3.04 6.39
C SER A 11 -2.02 1.92 5.84
N LEU A 12 -2.82 2.21 4.85
CA LEU A 12 -3.71 1.16 4.27
C LEU A 12 -2.87 0.20 3.42
N ILE A 13 -2.06 0.73 2.53
CA ILE A 13 -1.23 -0.15 1.66
C ILE A 13 -0.30 -0.99 2.54
N ARG A 14 0.37 -0.38 3.48
CA ARG A 14 1.29 -1.16 4.35
C ARG A 14 0.55 -2.34 4.97
N GLN A 15 -0.68 -2.14 5.34
CA GLN A 15 -1.46 -3.26 5.96
C GLN A 15 -1.51 -4.45 4.99
N ALA A 16 -2.02 -4.25 3.81
CA ALA A 16 -2.10 -5.38 2.83
C ALA A 16 -0.69 -5.84 2.46
N ILE A 17 0.25 -4.93 2.42
CA ILE A 17 1.65 -5.31 2.05
C ILE A 17 2.22 -6.27 3.10
N LEU A 18 2.19 -5.89 4.35
CA LEU A 18 2.75 -6.79 5.41
C LEU A 18 1.97 -8.10 5.44
N GLU A 19 0.80 -8.12 4.87
CA GLU A 19 0.00 -9.37 4.88
C GLU A 19 0.82 -10.51 4.25
N SER A 20 1.84 -10.17 3.52
CA SER A 20 2.68 -11.23 2.89
C SER A 20 3.74 -11.71 3.90
N PRO A 21 4.49 -12.71 3.49
CA PRO A 21 5.54 -13.28 4.33
C PRO A 21 6.77 -12.37 4.31
N GLU A 22 7.23 -11.99 3.15
CA GLU A 22 8.40 -11.09 3.07
C GLU A 22 7.91 -9.64 2.96
N LYS A 23 6.83 -9.33 3.62
CA LYS A 23 6.28 -7.96 3.57
C LYS A 23 6.38 -7.38 2.16
N GLN A 24 6.17 -8.19 1.17
CA GLN A 24 6.23 -7.70 -0.24
C GLN A 24 4.91 -8.00 -0.93
N LEU A 25 4.59 -7.29 -1.98
CA LEU A 25 3.30 -7.58 -2.66
C LEU A 25 3.30 -7.06 -4.09
N THR A 26 3.08 -7.92 -5.04
CA THR A 26 3.07 -7.48 -6.47
C THR A 26 1.95 -6.44 -6.68
N LEU A 27 2.00 -5.73 -7.77
CA LEU A 27 0.95 -4.70 -8.04
C LEU A 27 -0.39 -5.40 -8.31
N ASN A 28 -0.35 -6.55 -8.93
CA ASN A 28 -1.63 -7.27 -9.21
C ASN A 28 -2.31 -7.65 -7.90
N GLU A 29 -1.55 -8.10 -6.94
CA GLU A 29 -2.14 -8.50 -5.63
C GLU A 29 -2.60 -7.25 -4.88
N ILE A 30 -1.73 -6.29 -4.69
CA ILE A 30 -2.13 -5.06 -3.96
C ILE A 30 -3.43 -4.51 -4.56
N TYR A 31 -3.56 -4.59 -5.86
CA TYR A 31 -4.80 -4.09 -6.51
C TYR A 31 -5.99 -4.96 -6.11
N ASN A 32 -5.78 -6.24 -5.97
CA ASN A 32 -6.90 -7.14 -5.58
C ASN A 32 -7.34 -6.80 -4.16
N TRP A 33 -6.44 -6.80 -3.23
CA TRP A 33 -6.80 -6.49 -1.82
C TRP A 33 -7.54 -5.14 -1.77
N PHE A 34 -7.00 -4.14 -2.41
CA PHE A 34 -7.67 -2.80 -2.40
C PHE A 34 -9.15 -2.93 -2.79
N THR A 35 -9.42 -3.44 -3.96
CA THR A 35 -10.85 -3.56 -4.40
C THR A 35 -11.60 -4.60 -3.55
N ARG A 36 -10.98 -5.69 -3.22
CA ARG A 36 -11.67 -6.74 -2.42
C ARG A 36 -11.97 -6.21 -1.00
N MET A 37 -11.18 -5.32 -0.51
CA MET A 37 -11.41 -4.79 0.86
C MET A 37 -12.39 -3.61 0.80
N PHE A 38 -12.13 -2.64 -0.03
CA PHE A 38 -13.06 -1.46 -0.11
C PHE A 38 -13.35 -1.14 -1.58
N PRO A 39 -14.48 -1.62 -2.06
CA PRO A 39 -14.91 -1.38 -3.44
C PRO A 39 -15.54 0.02 -3.56
N TYR A 40 -15.49 0.80 -2.51
CA TYR A 40 -16.09 2.16 -2.56
C TYR A 40 -15.05 3.15 -3.10
N PHE A 41 -13.84 3.09 -2.63
CA PHE A 41 -12.81 4.05 -3.11
C PHE A 41 -12.60 3.84 -4.61
N ARG A 42 -13.10 2.77 -5.16
CA ARG A 42 -12.94 2.51 -6.61
C ARG A 42 -13.96 3.34 -7.40
N ARG A 43 -14.03 4.62 -7.13
CA ARG A 43 -15.01 5.49 -7.85
C ARG A 43 -14.25 6.64 -8.50
N ASN A 44 -13.47 7.35 -7.73
CA ASN A 44 -12.70 8.49 -8.29
C ASN A 44 -11.24 8.08 -8.45
N ALA A 45 -10.98 7.07 -9.22
CA ALA A 45 -9.58 6.60 -9.40
C ALA A 45 -8.65 7.80 -9.58
N ALA A 46 -9.07 8.78 -10.33
CA ALA A 46 -8.20 9.97 -10.53
C ALA A 46 -7.75 10.50 -9.17
N THR A 47 -8.62 10.50 -8.20
CA THR A 47 -8.25 11.01 -6.85
C THR A 47 -7.35 10.03 -6.09
N TRP A 48 -7.77 8.80 -5.91
CA TRP A 48 -6.93 7.85 -5.10
C TRP A 48 -5.82 7.19 -5.95
N LYS A 49 -5.81 7.40 -7.23
CA LYS A 49 -4.72 6.79 -8.05
C LYS A 49 -3.53 7.75 -8.07
N ASN A 50 -3.79 9.03 -8.02
CA ASN A 50 -2.68 10.02 -8.03
C ASN A 50 -2.10 10.12 -6.61
N ALA A 51 -2.92 9.90 -5.62
CA ALA A 51 -2.41 9.97 -4.21
C ALA A 51 -1.50 8.79 -3.93
N VAL A 52 -1.87 7.62 -4.38
CA VAL A 52 -1.02 6.42 -4.14
C VAL A 52 0.32 6.58 -4.86
N ARG A 53 0.29 6.85 -6.14
CA ARG A 53 1.56 7.01 -6.90
C ARG A 53 2.47 8.01 -6.18
N HIS A 54 1.98 9.18 -5.89
CA HIS A 54 2.82 10.20 -5.20
C HIS A 54 3.38 9.61 -3.89
N ASN A 55 2.57 8.97 -3.12
CA ASN A 55 3.05 8.38 -1.84
C ASN A 55 3.93 7.16 -2.14
N LEU A 56 3.67 6.49 -3.22
CA LEU A 56 4.48 5.27 -3.56
C LEU A 56 5.93 5.67 -3.85
N SER A 57 6.14 6.73 -4.58
CA SER A 57 7.54 7.14 -4.91
C SER A 57 8.14 7.98 -3.78
N LEU A 58 7.38 8.86 -3.20
CA LEU A 58 7.92 9.72 -2.10
C LEU A 58 8.11 8.88 -0.83
N HIS A 59 7.54 7.71 -0.78
CA HIS A 59 7.70 6.86 0.43
C HIS A 59 8.96 6.01 0.30
N LYS A 60 9.98 6.33 1.04
CA LYS A 60 11.26 5.54 0.96
C LYS A 60 11.09 4.23 1.73
N TYR A 61 10.13 4.15 2.61
CA TYR A 61 9.94 2.88 3.37
C TYR A 61 9.36 1.81 2.45
N PHE A 62 8.95 2.20 1.26
CA PHE A 62 8.39 1.20 0.31
C PHE A 62 9.52 0.64 -0.55
N VAL A 63 9.75 -0.65 -0.50
CA VAL A 63 10.84 -1.24 -1.32
C VAL A 63 10.26 -2.22 -2.33
N ARG A 64 10.98 -2.52 -3.38
CA ARG A 64 10.47 -3.48 -4.40
C ARG A 64 11.53 -4.54 -4.70
N VAL A 65 11.23 -5.78 -4.43
CA VAL A 65 12.22 -6.86 -4.70
C VAL A 65 12.10 -7.31 -6.16
N GLU A 66 12.96 -6.82 -7.02
CA GLU A 66 12.90 -7.21 -8.45
C GLU A 66 13.01 -8.73 -8.57
N ASN A 67 11.99 -9.38 -9.07
CA ASN A 67 12.04 -10.86 -9.22
C ASN A 67 11.62 -11.25 -10.63
N VAL A 68 12.04 -12.40 -11.08
CA VAL A 68 11.66 -12.84 -12.46
C VAL A 68 10.14 -12.84 -12.61
N LYS A 69 9.44 -13.23 -11.58
CA LYS A 69 7.95 -13.25 -11.68
C LYS A 69 7.42 -11.81 -11.66
N GLY A 70 8.24 -10.87 -11.31
CA GLY A 70 7.79 -9.46 -11.28
C GLY A 70 8.10 -8.84 -9.91
N ALA A 71 8.78 -7.73 -9.90
CA ALA A 71 9.12 -7.08 -8.60
C ALA A 71 7.87 -7.03 -7.71
N VAL A 72 8.05 -7.10 -6.42
CA VAL A 72 6.87 -7.04 -5.50
C VAL A 72 6.95 -5.79 -4.64
N TRP A 73 5.83 -5.25 -4.25
CA TRP A 73 5.84 -4.03 -3.42
C TRP A 73 5.98 -4.39 -1.94
N THR A 74 7.03 -3.97 -1.29
CA THR A 74 7.21 -4.30 0.14
C THR A 74 7.43 -3.03 0.95
N VAL A 75 7.54 -3.16 2.25
CA VAL A 75 7.75 -1.97 3.10
C VAL A 75 8.91 -2.23 4.07
N ASP A 76 9.74 -1.25 4.30
CA ASP A 76 10.89 -1.44 5.23
C ASP A 76 10.45 -1.03 6.63
N GLU A 77 10.25 -1.98 7.51
CA GLU A 77 9.81 -1.64 8.89
C GLU A 77 10.76 -0.60 9.49
N VAL A 78 12.02 -0.67 9.15
CA VAL A 78 12.99 0.33 9.69
C VAL A 78 12.65 1.71 9.13
N GLU A 79 12.68 1.85 7.83
CA GLU A 79 12.36 3.17 7.21
C GLU A 79 10.89 3.49 7.48
N PHE A 80 10.06 2.50 7.54
CA PHE A 80 8.61 2.74 7.77
C PHE A 80 8.40 3.22 9.22
N GLN A 81 8.94 2.51 10.17
CA GLN A 81 8.78 2.92 11.60
C GLN A 81 9.59 4.20 11.85
N LYS A 82 10.63 4.41 11.08
CA LYS A 82 11.46 5.64 11.27
C LYS A 82 10.55 6.86 11.32
N ARG A 83 9.74 7.06 10.32
CA ARG A 83 8.83 8.24 10.31
C ARG A 83 7.43 7.81 10.73
N ARG A 84 7.31 7.17 11.86
CA ARG A 84 5.97 6.73 12.32
C ARG A 84 5.63 7.44 13.64
N PRO A 85 4.99 8.58 13.52
CA PRO A 85 4.58 9.39 14.68
C PRO A 85 3.33 8.80 15.34
N GLN A 86 2.68 7.88 14.68
CA GLN A 86 1.46 7.27 15.28
C GLN A 86 1.81 6.62 16.62
N LYS A 87 1.09 6.95 17.65
CA LYS A 87 1.39 6.35 18.98
C LYS A 87 0.32 6.78 20.00
N ALA A 1 -19.86 -4.87 5.56
CA ALA A 1 -20.02 -3.69 4.68
C ALA A 1 -20.42 -2.47 5.52
N GLU A 2 -19.70 -1.38 5.38
CA GLU A 2 -20.03 -0.16 6.16
C GLU A 2 -19.68 1.08 5.33
N VAL A 3 -20.24 2.21 5.68
CA VAL A 3 -19.93 3.45 4.91
C VAL A 3 -18.87 4.26 5.65
N ARG A 4 -18.40 3.77 6.76
CA ARG A 4 -17.35 4.52 7.53
C ARG A 4 -16.16 4.79 6.60
N PRO A 5 -15.48 5.89 6.87
CA PRO A 5 -14.31 6.31 6.09
C PRO A 5 -13.08 5.48 6.47
N PRO A 6 -12.12 5.44 5.58
CA PRO A 6 -10.87 4.70 5.79
C PRO A 6 -9.93 5.49 6.71
N PHE A 7 -8.65 5.20 6.66
CA PHE A 7 -7.70 5.94 7.53
C PHE A 7 -6.52 6.43 6.68
N THR A 8 -5.43 6.78 7.31
CA THR A 8 -4.25 7.26 6.54
C THR A 8 -3.79 6.17 5.57
N TYR A 9 -3.44 6.53 4.37
CA TYR A 9 -2.99 5.51 3.39
C TYR A 9 -1.70 4.85 3.89
N ALA A 10 -0.83 5.62 4.51
CA ALA A 10 0.44 5.03 5.03
C ALA A 10 0.12 3.82 5.89
N SER A 11 -0.90 3.90 6.69
CA SER A 11 -1.26 2.74 7.56
C SER A 11 -2.09 1.73 6.74
N LEU A 12 -3.01 2.22 5.95
CA LEU A 12 -3.83 1.29 5.13
C LEU A 12 -2.95 0.58 4.11
N ILE A 13 -2.04 1.31 3.50
CA ILE A 13 -1.14 0.68 2.49
C ILE A 13 -0.28 -0.38 3.17
N ARG A 14 0.27 -0.08 4.32
CA ARG A 14 1.12 -1.08 5.02
C ARG A 14 0.32 -2.39 5.16
N GLN A 15 -0.92 -2.29 5.55
CA GLN A 15 -1.75 -3.51 5.71
C GLN A 15 -1.81 -4.25 4.37
N ALA A 16 -2.08 -3.56 3.29
CA ALA A 16 -2.16 -4.24 1.97
C ALA A 16 -0.88 -5.06 1.76
N ILE A 17 0.27 -4.43 1.78
CA ILE A 17 1.54 -5.17 1.60
C ILE A 17 1.72 -6.18 2.73
N LEU A 18 1.45 -5.76 3.94
CA LEU A 18 1.60 -6.66 5.11
C LEU A 18 0.84 -7.97 4.86
N GLU A 19 -0.12 -7.95 3.97
CA GLU A 19 -0.90 -9.19 3.69
C GLU A 19 0.04 -10.29 3.18
N SER A 20 1.24 -9.95 2.82
CA SER A 20 2.19 -10.98 2.31
C SER A 20 3.09 -11.46 3.44
N PRO A 21 3.70 -12.61 3.23
CA PRO A 21 4.61 -13.22 4.22
C PRO A 21 5.97 -12.51 4.20
N GLU A 22 6.17 -11.64 3.26
CA GLU A 22 7.46 -10.90 3.18
C GLU A 22 7.20 -9.40 3.10
N LYS A 23 5.96 -9.01 3.25
CA LYS A 23 5.62 -7.56 3.18
C LYS A 23 6.08 -7.01 1.83
N GLN A 24 5.86 -7.74 0.77
CA GLN A 24 6.30 -7.28 -0.58
C GLN A 24 5.29 -7.75 -1.63
N LEU A 25 4.74 -6.85 -2.40
CA LEU A 25 3.79 -7.29 -3.45
C LEU A 25 3.59 -6.20 -4.50
N THR A 26 3.39 -6.60 -5.73
CA THR A 26 3.20 -5.60 -6.83
C THR A 26 1.95 -4.76 -6.58
N LEU A 27 1.85 -3.65 -7.25
CA LEU A 27 0.65 -2.78 -7.09
C LEU A 27 -0.59 -3.55 -7.53
N ASN A 28 -0.46 -4.39 -8.52
CA ASN A 28 -1.64 -5.17 -8.99
C ASN A 28 -2.28 -5.85 -7.79
N GLU A 29 -1.50 -6.53 -6.99
CA GLU A 29 -2.07 -7.20 -5.79
C GLU A 29 -2.71 -6.16 -4.87
N ILE A 30 -2.16 -4.98 -4.83
CA ILE A 30 -2.73 -3.91 -3.96
C ILE A 30 -4.07 -3.44 -4.53
N TYR A 31 -4.12 -3.21 -5.82
CA TYR A 31 -5.40 -2.75 -6.44
C TYR A 31 -6.50 -3.77 -6.17
N ASN A 32 -6.17 -5.04 -6.21
CA ASN A 32 -7.20 -6.09 -5.97
C ASN A 32 -7.69 -5.99 -4.52
N TRP A 33 -6.80 -6.11 -3.58
CA TRP A 33 -7.22 -6.04 -2.14
C TRP A 33 -8.03 -4.75 -1.90
N PHE A 34 -7.54 -3.64 -2.37
CA PHE A 34 -8.27 -2.36 -2.17
C PHE A 34 -9.74 -2.54 -2.55
N THR A 35 -10.00 -2.96 -3.76
CA THR A 35 -11.41 -3.15 -4.22
C THR A 35 -12.00 -4.41 -3.57
N ARG A 36 -11.24 -5.47 -3.52
CA ARG A 36 -11.76 -6.73 -2.92
C ARG A 36 -12.35 -6.46 -1.54
N MET A 37 -11.67 -5.71 -0.71
CA MET A 37 -12.19 -5.43 0.65
C MET A 37 -13.18 -4.26 0.60
N PHE A 38 -13.02 -3.35 -0.32
CA PHE A 38 -13.96 -2.19 -0.39
C PHE A 38 -14.33 -1.92 -1.85
N PRO A 39 -15.55 -2.21 -2.21
CA PRO A 39 -16.05 -2.01 -3.58
C PRO A 39 -16.40 -0.53 -3.80
N TYR A 40 -16.21 0.30 -2.82
CA TYR A 40 -16.53 1.74 -2.99
C TYR A 40 -15.36 2.45 -3.68
N PHE A 41 -14.27 1.76 -3.86
CA PHE A 41 -13.10 2.39 -4.53
C PHE A 41 -13.32 2.40 -6.05
N ARG A 42 -14.31 1.71 -6.52
CA ARG A 42 -14.58 1.67 -7.98
C ARG A 42 -15.35 2.93 -8.41
N ARG A 43 -14.91 4.08 -7.98
CA ARG A 43 -15.61 5.34 -8.38
C ARG A 43 -14.57 6.44 -8.58
N ASN A 44 -13.81 6.74 -7.57
CA ASN A 44 -12.76 7.79 -7.69
C ASN A 44 -11.38 7.13 -7.60
N ALA A 45 -11.13 6.16 -8.44
CA ALA A 45 -9.82 5.45 -8.39
C ALA A 45 -8.72 6.32 -9.00
N ALA A 46 -9.04 7.53 -9.37
CA ALA A 46 -8.01 8.42 -9.97
C ALA A 46 -7.30 9.21 -8.87
N THR A 47 -7.91 9.32 -7.72
CA THR A 47 -7.27 10.09 -6.62
C THR A 47 -6.43 9.16 -5.73
N TRP A 48 -6.92 7.99 -5.46
CA TRP A 48 -6.16 7.04 -4.59
C TRP A 48 -5.05 6.34 -5.37
N LYS A 49 -5.32 5.89 -6.55
CA LYS A 49 -4.26 5.19 -7.34
C LYS A 49 -3.05 6.11 -7.52
N ASN A 50 -3.27 7.40 -7.60
CA ASN A 50 -2.12 8.33 -7.78
C ASN A 50 -1.40 8.52 -6.43
N ALA A 51 -2.14 8.67 -5.37
CA ALA A 51 -1.50 8.85 -4.04
C ALA A 51 -0.63 7.63 -3.71
N VAL A 52 -1.14 6.46 -3.95
CA VAL A 52 -0.35 5.23 -3.65
C VAL A 52 0.92 5.21 -4.50
N ARG A 53 0.78 5.34 -5.79
CA ARG A 53 1.98 5.32 -6.68
C ARG A 53 2.97 6.39 -6.22
N HIS A 54 2.54 7.62 -6.12
CA HIS A 54 3.46 8.70 -5.69
C HIS A 54 4.04 8.36 -4.31
N ASN A 55 3.20 8.14 -3.34
CA ASN A 55 3.71 7.79 -1.98
C ASN A 55 4.63 6.58 -2.05
N LEU A 56 4.32 5.64 -2.92
CA LEU A 56 5.16 4.41 -3.03
C LEU A 56 6.60 4.76 -3.41
N SER A 57 6.79 5.55 -4.44
CA SER A 57 8.18 5.90 -4.86
C SER A 57 8.77 6.97 -3.95
N LEU A 58 7.97 7.89 -3.48
CA LEU A 58 8.51 8.97 -2.60
C LEU A 58 8.53 8.51 -1.14
N HIS A 59 8.55 7.22 -0.90
CA HIS A 59 8.58 6.73 0.50
C HIS A 59 9.85 5.90 0.72
N LYS A 60 10.60 6.22 1.74
CA LYS A 60 11.85 5.45 2.01
C LYS A 60 11.51 4.12 2.68
N TYR A 61 10.41 4.05 3.38
CA TYR A 61 10.03 2.78 4.06
C TYR A 61 9.41 1.83 3.03
N PHE A 62 9.37 2.23 1.78
CA PHE A 62 8.80 1.35 0.72
C PHE A 62 9.93 0.94 -0.22
N VAL A 63 10.12 -0.33 -0.42
CA VAL A 63 11.23 -0.78 -1.31
C VAL A 63 10.69 -1.70 -2.41
N ARG A 64 11.37 -1.76 -3.52
CA ARG A 64 10.92 -2.64 -4.63
C ARG A 64 11.94 -3.77 -4.83
N VAL A 65 11.48 -4.96 -5.08
CA VAL A 65 12.43 -6.08 -5.28
C VAL A 65 12.18 -6.75 -6.63
N GLU A 66 13.12 -6.66 -7.53
CA GLU A 66 12.93 -7.28 -8.87
C GLU A 66 12.68 -8.78 -8.71
N ASN A 67 11.60 -9.27 -9.27
CA ASN A 67 11.30 -10.72 -9.16
C ASN A 67 11.14 -11.32 -10.56
N VAL A 68 11.08 -12.61 -10.65
CA VAL A 68 10.94 -13.25 -11.99
C VAL A 68 9.63 -12.82 -12.63
N LYS A 69 8.58 -12.70 -11.86
CA LYS A 69 7.27 -12.29 -12.44
C LYS A 69 7.11 -10.76 -12.30
N GLY A 70 8.19 -10.05 -12.21
CA GLY A 70 8.10 -8.57 -12.08
C GLY A 70 8.48 -8.16 -10.66
N ALA A 71 9.02 -6.98 -10.50
CA ALA A 71 9.41 -6.51 -9.14
C ALA A 71 8.17 -6.38 -8.26
N VAL A 72 8.36 -6.31 -6.97
CA VAL A 72 7.18 -6.17 -6.06
C VAL A 72 7.36 -4.93 -5.19
N TRP A 73 6.35 -4.58 -4.43
CA TRP A 73 6.44 -3.40 -3.55
C TRP A 73 6.48 -3.88 -2.10
N THR A 74 7.50 -3.55 -1.37
CA THR A 74 7.57 -4.02 0.03
C THR A 74 7.70 -2.85 1.01
N VAL A 75 7.45 -3.10 2.27
CA VAL A 75 7.54 -2.02 3.28
C VAL A 75 8.69 -2.32 4.24
N ASP A 76 9.57 -1.38 4.44
CA ASP A 76 10.72 -1.61 5.37
C ASP A 76 10.27 -1.34 6.81
N GLU A 77 10.12 -2.38 7.60
CA GLU A 77 9.68 -2.18 9.00
C GLU A 77 10.67 -1.28 9.75
N VAL A 78 11.92 -1.32 9.36
CA VAL A 78 12.92 -0.47 10.05
C VAL A 78 12.65 1.00 9.73
N GLU A 79 12.68 1.36 8.47
CA GLU A 79 12.42 2.78 8.10
C GLU A 79 10.96 3.12 8.38
N PHE A 80 10.08 2.17 8.23
CA PHE A 80 8.63 2.44 8.47
C PHE A 80 8.42 2.72 9.96
N GLN A 81 9.09 2.01 10.82
CA GLN A 81 8.92 2.23 12.28
C GLN A 81 9.72 3.45 12.72
N LYS A 82 10.69 3.84 11.95
CA LYS A 82 11.53 5.02 12.33
C LYS A 82 10.67 6.29 12.30
N ARG A 83 10.00 6.54 11.21
CA ARG A 83 9.16 7.76 11.11
C ARG A 83 7.77 7.49 11.71
N ARG A 84 7.54 6.28 12.14
CA ARG A 84 6.20 5.95 12.73
C ARG A 84 5.89 6.91 13.88
N PRO A 85 6.80 6.99 14.82
CA PRO A 85 6.64 7.87 16.00
C PRO A 85 6.90 9.32 15.63
N GLN A 86 6.12 9.87 14.74
CA GLN A 86 6.31 11.29 14.33
C GLN A 86 6.28 12.18 15.58
N LYS A 87 5.50 11.81 16.57
CA LYS A 87 5.43 12.64 17.80
C LYS A 87 4.84 14.01 17.47
N ALA A 1 -20.90 5.49 8.75
CA ALA A 1 -20.94 4.17 8.07
C ALA A 1 -21.19 4.38 6.57
N GLU A 2 -22.33 4.91 6.21
CA GLU A 2 -22.62 5.14 4.78
C GLU A 2 -21.39 5.74 4.09
N VAL A 3 -21.06 6.96 4.41
CA VAL A 3 -19.87 7.59 3.78
C VAL A 3 -18.65 7.38 4.68
N ARG A 4 -17.96 6.29 4.51
CA ARG A 4 -16.76 6.03 5.36
C ARG A 4 -15.68 7.08 5.08
N PRO A 5 -15.01 7.50 6.12
CA PRO A 5 -13.93 8.50 6.02
C PRO A 5 -12.63 7.86 5.54
N PRO A 6 -11.69 8.68 5.17
CA PRO A 6 -10.37 8.22 4.69
C PRO A 6 -9.49 7.80 5.87
N PHE A 7 -8.47 7.03 5.63
CA PHE A 7 -7.59 6.59 6.76
C PHE A 7 -6.13 6.59 6.29
N THR A 8 -5.22 6.32 7.18
CA THR A 8 -3.77 6.32 6.80
C THR A 8 -3.54 5.27 5.71
N TYR A 9 -3.23 5.71 4.52
CA TYR A 9 -2.99 4.74 3.42
C TYR A 9 -1.73 3.92 3.73
N ALA A 10 -0.78 4.51 4.40
CA ALA A 10 0.47 3.77 4.73
C ALA A 10 0.17 2.62 5.69
N SER A 11 -0.84 2.77 6.51
CA SER A 11 -1.17 1.68 7.47
C SER A 11 -1.89 0.54 6.74
N LEU A 12 -2.93 0.85 6.02
CA LEU A 12 -3.68 -0.21 5.28
C LEU A 12 -2.75 -0.87 4.25
N ILE A 13 -2.10 -0.09 3.44
CA ILE A 13 -1.19 -0.68 2.41
C ILE A 13 -0.19 -1.62 3.08
N ARG A 14 0.47 -1.18 4.11
CA ARG A 14 1.45 -2.06 4.80
C ARG A 14 0.78 -3.39 5.18
N GLN A 15 -0.47 -3.34 5.52
CA GLN A 15 -1.20 -4.59 5.90
C GLN A 15 -1.14 -5.59 4.74
N ALA A 16 -1.65 -5.22 3.60
CA ALA A 16 -1.62 -6.16 2.44
C ALA A 16 -0.19 -6.64 2.21
N ILE A 17 0.76 -5.76 2.27
CA ILE A 17 2.18 -6.16 2.07
C ILE A 17 2.63 -7.05 3.24
N LEU A 18 2.29 -6.67 4.45
CA LEU A 18 2.69 -7.50 5.62
C LEU A 18 2.13 -8.91 5.48
N GLU A 19 1.11 -9.09 4.69
CA GLU A 19 0.51 -10.45 4.51
C GLU A 19 1.50 -11.34 3.76
N SER A 20 2.48 -10.75 3.12
CA SER A 20 3.47 -11.57 2.37
C SER A 20 4.52 -12.13 3.34
N PRO A 21 5.13 -13.21 2.94
CA PRO A 21 6.18 -13.88 3.75
C PRO A 21 7.50 -13.12 3.64
N GLU A 22 7.54 -12.11 2.81
CA GLU A 22 8.79 -11.33 2.65
C GLU A 22 8.45 -9.84 2.65
N LYS A 23 7.29 -9.50 3.14
CA LYS A 23 6.86 -8.08 3.20
C LYS A 23 7.00 -7.41 1.83
N GLN A 24 6.80 -8.16 0.78
CA GLN A 24 6.90 -7.57 -0.60
C GLN A 24 5.65 -7.95 -1.39
N LEU A 25 5.00 -7.01 -2.02
CA LEU A 25 3.79 -7.35 -2.79
C LEU A 25 3.58 -6.37 -3.93
N THR A 26 3.14 -6.85 -5.07
CA THR A 26 2.91 -5.95 -6.23
C THR A 26 1.56 -5.25 -6.11
N LEU A 27 1.32 -4.28 -6.94
CA LEU A 27 0.01 -3.55 -6.87
C LEU A 27 -1.12 -4.50 -7.27
N ASN A 28 -0.90 -5.30 -8.28
CA ASN A 28 -1.96 -6.26 -8.72
C ASN A 28 -2.47 -7.06 -7.53
N GLU A 29 -1.57 -7.58 -6.73
CA GLU A 29 -2.01 -8.39 -5.55
C GLU A 29 -2.70 -7.49 -4.52
N ILE A 30 -2.03 -6.45 -4.09
CA ILE A 30 -2.65 -5.54 -3.08
C ILE A 30 -3.99 -5.03 -3.60
N TYR A 31 -4.05 -4.65 -4.84
CA TYR A 31 -5.34 -4.14 -5.41
C TYR A 31 -6.41 -5.21 -5.21
N ASN A 32 -6.11 -6.43 -5.56
CA ASN A 32 -7.12 -7.52 -5.41
C ASN A 32 -7.70 -7.48 -3.98
N TRP A 33 -6.86 -7.36 -3.00
CA TRP A 33 -7.36 -7.32 -1.59
C TRP A 33 -8.22 -6.06 -1.40
N PHE A 34 -7.73 -4.92 -1.82
CA PHE A 34 -8.51 -3.67 -1.64
C PHE A 34 -9.95 -3.86 -2.13
N THR A 35 -10.11 -4.09 -3.41
CA THR A 35 -11.48 -4.29 -3.97
C THR A 35 -12.20 -5.41 -3.20
N ARG A 36 -11.50 -6.46 -2.88
CA ARG A 36 -12.15 -7.59 -2.16
C ARG A 36 -12.91 -7.08 -0.94
N MET A 37 -12.32 -6.20 -0.17
CA MET A 37 -13.02 -5.68 1.03
C MET A 37 -13.81 -4.42 0.69
N PHE A 38 -13.26 -3.55 -0.12
CA PHE A 38 -13.99 -2.30 -0.48
C PHE A 38 -14.03 -2.14 -2.00
N PRO A 39 -15.21 -2.17 -2.56
CA PRO A 39 -15.40 -2.01 -4.01
C PRO A 39 -15.33 -0.53 -4.39
N TYR A 40 -15.16 0.32 -3.42
CA TYR A 40 -15.08 1.78 -3.71
C TYR A 40 -13.97 2.05 -4.73
N PHE A 41 -12.96 1.22 -4.75
CA PHE A 41 -11.85 1.42 -5.72
C PHE A 41 -12.31 1.03 -7.12
N ARG A 42 -13.46 0.40 -7.23
CA ARG A 42 -13.96 0.00 -8.58
C ARG A 42 -14.75 1.15 -9.20
N ARG A 43 -14.51 2.36 -8.76
CA ARG A 43 -15.25 3.52 -9.33
C ARG A 43 -14.29 4.71 -9.42
N ASN A 44 -14.06 5.38 -8.33
CA ASN A 44 -13.12 6.54 -8.36
C ASN A 44 -11.69 6.03 -8.25
N ALA A 45 -11.28 5.19 -9.17
CA ALA A 45 -9.90 4.65 -9.12
C ALA A 45 -8.92 5.72 -9.59
N ALA A 46 -9.42 6.78 -10.16
CA ALA A 46 -8.52 7.86 -10.65
C ALA A 46 -8.00 8.66 -9.45
N THR A 47 -8.77 8.75 -8.40
CA THR A 47 -8.32 9.53 -7.21
C THR A 47 -7.31 8.71 -6.39
N TRP A 48 -7.65 7.53 -5.97
CA TRP A 48 -6.71 6.72 -5.16
C TRP A 48 -5.41 6.47 -5.93
N LYS A 49 -5.49 6.24 -7.21
CA LYS A 49 -4.24 5.99 -8.00
C LYS A 49 -3.26 7.14 -7.77
N ASN A 50 -3.75 8.35 -7.75
CA ASN A 50 -2.84 9.52 -7.55
C ASN A 50 -2.45 9.60 -6.07
N ALA A 51 -3.31 9.17 -5.18
CA ALA A 51 -2.99 9.22 -3.74
C ALA A 51 -1.97 8.14 -3.40
N VAL A 52 -2.18 6.94 -3.88
CA VAL A 52 -1.23 5.84 -3.58
C VAL A 52 0.15 6.17 -4.17
N ARG A 53 0.20 6.53 -5.42
CA ARG A 53 1.51 6.86 -6.04
C ARG A 53 2.19 7.97 -5.25
N HIS A 54 1.45 8.97 -4.84
CA HIS A 54 2.07 10.08 -4.06
C HIS A 54 2.66 9.53 -2.76
N ASN A 55 1.91 8.72 -2.05
CA ASN A 55 2.43 8.15 -0.77
C ASN A 55 3.62 7.24 -1.05
N LEU A 56 3.47 6.33 -1.98
CA LEU A 56 4.60 5.39 -2.29
C LEU A 56 5.88 6.20 -2.55
N SER A 57 5.87 7.02 -3.57
CA SER A 57 7.09 7.81 -3.89
C SER A 57 7.59 8.56 -2.65
N LEU A 58 6.70 9.13 -1.89
CA LEU A 58 7.13 9.87 -0.67
C LEU A 58 7.33 8.90 0.49
N HIS A 59 7.29 7.62 0.24
CA HIS A 59 7.48 6.63 1.33
C HIS A 59 8.84 5.96 1.19
N LYS A 60 9.74 6.22 2.09
CA LYS A 60 11.10 5.60 2.01
C LYS A 60 11.03 4.16 2.52
N TYR A 61 10.10 3.85 3.38
CA TYR A 61 10.00 2.47 3.91
C TYR A 61 9.45 1.56 2.81
N PHE A 62 8.97 2.12 1.74
CA PHE A 62 8.42 1.28 0.64
C PHE A 62 9.54 0.98 -0.37
N VAL A 63 9.91 -0.26 -0.52
CA VAL A 63 10.99 -0.60 -1.48
C VAL A 63 10.42 -1.46 -2.60
N ARG A 64 10.81 -1.21 -3.83
CA ARG A 64 10.28 -2.03 -4.95
C ARG A 64 11.40 -2.90 -5.52
N VAL A 65 11.10 -4.15 -5.78
CA VAL A 65 12.14 -5.05 -6.35
C VAL A 65 11.80 -5.39 -7.79
N GLU A 66 12.30 -4.61 -8.72
CA GLU A 66 12.00 -4.87 -10.16
C GLU A 66 12.82 -6.08 -10.64
N ASN A 67 12.25 -7.24 -10.58
CA ASN A 67 12.99 -8.45 -11.03
C ASN A 67 12.11 -9.27 -11.97
N VAL A 68 12.67 -10.27 -12.62
CA VAL A 68 11.87 -11.10 -13.55
C VAL A 68 10.56 -11.53 -12.86
N LYS A 69 10.62 -11.78 -11.58
CA LYS A 69 9.40 -12.21 -10.85
C LYS A 69 8.35 -11.10 -10.93
N GLY A 70 8.76 -9.89 -11.22
CA GLY A 70 7.79 -8.78 -11.32
C GLY A 70 8.08 -7.75 -10.23
N ALA A 71 7.91 -6.49 -10.52
CA ALA A 71 8.18 -5.44 -9.50
C ALA A 71 7.27 -5.64 -8.29
N VAL A 72 7.85 -5.89 -7.14
CA VAL A 72 7.01 -6.09 -5.93
C VAL A 72 7.17 -4.90 -4.98
N TRP A 73 6.14 -4.57 -4.25
CA TRP A 73 6.24 -3.44 -3.30
C TRP A 73 6.42 -3.98 -1.88
N THR A 74 7.46 -3.61 -1.21
CA THR A 74 7.67 -4.13 0.16
C THR A 74 7.85 -2.98 1.16
N VAL A 75 7.75 -3.28 2.43
CA VAL A 75 7.91 -2.23 3.47
C VAL A 75 9.07 -2.60 4.39
N ASP A 76 9.88 -1.65 4.77
CA ASP A 76 11.03 -1.96 5.67
C ASP A 76 10.58 -1.76 7.12
N GLU A 77 10.52 -2.82 7.88
CA GLU A 77 10.09 -2.71 9.30
C GLU A 77 10.98 -1.70 10.03
N VAL A 78 12.27 -1.75 9.80
CA VAL A 78 13.17 -0.78 10.48
C VAL A 78 12.79 0.64 10.09
N GLU A 79 12.79 0.91 8.82
CA GLU A 79 12.44 2.27 8.34
C GLU A 79 10.96 2.56 8.65
N PHE A 80 10.10 1.60 8.44
CA PHE A 80 8.65 1.82 8.70
C PHE A 80 8.44 2.15 10.18
N GLN A 81 9.15 1.47 11.05
CA GLN A 81 8.99 1.73 12.51
C GLN A 81 9.85 2.93 12.91
N LYS A 82 10.73 3.36 12.05
CA LYS A 82 11.60 4.52 12.40
C LYS A 82 10.79 5.82 12.36
N ARG A 83 10.00 6.00 11.34
CA ARG A 83 9.20 7.25 11.22
C ARG A 83 7.74 6.97 11.67
N ARG A 84 7.45 5.77 12.06
CA ARG A 84 6.06 5.44 12.49
C ARG A 84 5.72 6.19 13.79
N PRO A 85 6.57 6.04 14.77
CA PRO A 85 6.37 6.69 16.08
C PRO A 85 6.76 8.16 16.03
N GLN A 86 7.40 8.58 14.98
CA GLN A 86 7.80 10.01 14.87
C GLN A 86 6.55 10.89 14.83
N LYS A 87 5.75 10.75 13.82
CA LYS A 87 4.51 11.58 13.71
C LYS A 87 4.90 13.05 13.52
N ALA A 1 -18.57 11.16 3.47
CA ALA A 1 -18.13 10.30 4.59
C ALA A 1 -17.75 8.91 4.06
N GLU A 2 -16.54 8.48 4.30
CA GLU A 2 -16.12 7.14 3.81
C GLU A 2 -16.93 6.05 4.52
N VAL A 3 -16.36 4.89 4.70
CA VAL A 3 -17.10 3.80 5.38
C VAL A 3 -16.30 3.32 6.60
N ARG A 4 -15.92 2.07 6.65
CA ARG A 4 -15.14 1.56 7.81
C ARG A 4 -13.76 2.23 7.86
N PRO A 5 -13.05 2.13 6.76
CA PRO A 5 -11.70 2.70 6.64
C PRO A 5 -11.77 4.23 6.45
N PRO A 6 -11.07 4.95 7.30
CA PRO A 6 -11.04 6.42 7.24
C PRO A 6 -10.09 6.90 6.14
N PHE A 7 -8.84 7.10 6.46
CA PHE A 7 -7.87 7.58 5.43
C PHE A 7 -6.51 6.94 5.68
N THR A 8 -6.48 5.70 6.07
CA THR A 8 -5.17 5.03 6.34
C THR A 8 -4.71 4.30 5.07
N TYR A 9 -4.83 4.91 3.92
CA TYR A 9 -4.39 4.23 2.67
C TYR A 9 -2.92 3.85 2.79
N ALA A 10 -2.09 4.76 3.22
CA ALA A 10 -0.65 4.45 3.37
C ALA A 10 -0.50 3.18 4.22
N SER A 11 -0.99 3.21 5.43
CA SER A 11 -0.88 2.00 6.30
C SER A 11 -1.68 0.86 5.68
N LEU A 12 -2.71 1.17 4.95
CA LEU A 12 -3.54 0.10 4.33
C LEU A 12 -2.66 -0.70 3.36
N ILE A 13 -1.76 -0.04 2.67
CA ILE A 13 -0.88 -0.76 1.72
C ILE A 13 0.11 -1.61 2.51
N ARG A 14 0.56 -1.11 3.63
CA ARG A 14 1.53 -1.88 4.46
C ARG A 14 0.84 -3.14 4.99
N GLN A 15 -0.44 -3.05 5.26
CA GLN A 15 -1.18 -4.23 5.79
C GLN A 15 -1.13 -5.36 4.77
N ALA A 16 -1.59 -5.12 3.57
CA ALA A 16 -1.57 -6.19 2.53
C ALA A 16 -0.15 -6.75 2.42
N ILE A 17 0.81 -5.90 2.22
CA ILE A 17 2.22 -6.36 2.12
C ILE A 17 2.56 -7.16 3.38
N LEU A 18 2.22 -6.64 4.53
CA LEU A 18 2.52 -7.36 5.80
C LEU A 18 1.95 -8.78 5.74
N GLU A 19 0.99 -9.00 4.88
CA GLU A 19 0.40 -10.36 4.77
C GLU A 19 1.43 -11.31 4.16
N SER A 20 2.52 -10.79 3.67
CA SER A 20 3.56 -11.67 3.06
C SER A 20 4.65 -11.96 4.10
N PRO A 21 5.35 -13.05 3.90
CA PRO A 21 6.42 -13.48 4.81
C PRO A 21 7.71 -12.71 4.54
N GLU A 22 7.66 -11.69 3.73
CA GLU A 22 8.88 -10.90 3.44
C GLU A 22 8.53 -9.41 3.35
N LYS A 23 7.34 -9.05 3.74
CA LYS A 23 6.92 -7.62 3.68
C LYS A 23 7.07 -7.10 2.25
N GLN A 24 6.90 -7.95 1.29
CA GLN A 24 7.02 -7.54 -0.13
C GLN A 24 5.79 -8.03 -0.89
N LEU A 25 5.12 -7.18 -1.62
CA LEU A 25 3.93 -7.66 -2.36
C LEU A 25 3.72 -6.87 -3.65
N THR A 26 3.25 -7.53 -4.68
CA THR A 26 3.03 -6.84 -5.97
C THR A 26 1.73 -6.02 -5.91
N LEU A 27 1.57 -5.09 -6.81
CA LEU A 27 0.33 -4.26 -6.80
C LEU A 27 -0.85 -5.12 -7.21
N ASN A 28 -0.64 -6.09 -8.07
CA ASN A 28 -1.76 -6.97 -8.51
C ASN A 28 -2.44 -7.60 -7.29
N GLU A 29 -1.67 -8.19 -6.40
CA GLU A 29 -2.28 -8.83 -5.20
C GLU A 29 -2.85 -7.76 -4.27
N ILE A 30 -2.18 -6.65 -4.14
CA ILE A 30 -2.67 -5.58 -3.24
C ILE A 30 -3.96 -4.98 -3.80
N TYR A 31 -4.00 -4.75 -5.09
CA TYR A 31 -5.22 -4.17 -5.72
C TYR A 31 -6.41 -5.09 -5.49
N ASN A 32 -6.22 -6.37 -5.67
CA ASN A 32 -7.36 -7.32 -5.48
C ASN A 32 -7.94 -7.17 -4.07
N TRP A 33 -7.11 -7.15 -3.06
CA TRP A 33 -7.62 -7.01 -1.67
C TRP A 33 -8.28 -5.63 -1.50
N PHE A 34 -7.69 -4.60 -2.04
CA PHE A 34 -8.28 -3.24 -1.89
C PHE A 34 -9.73 -3.24 -2.38
N THR A 35 -9.95 -3.59 -3.62
CA THR A 35 -11.35 -3.59 -4.15
C THR A 35 -12.19 -4.69 -3.49
N ARG A 36 -11.65 -5.88 -3.40
CA ARG A 36 -12.42 -6.99 -2.77
C ARG A 36 -12.90 -6.59 -1.37
N MET A 37 -12.04 -6.03 -0.58
CA MET A 37 -12.44 -5.63 0.80
C MET A 37 -13.30 -4.36 0.76
N PHE A 38 -12.86 -3.34 0.06
CA PHE A 38 -13.67 -2.09 0.00
C PHE A 38 -14.05 -1.79 -1.45
N PRO A 39 -15.25 -2.15 -1.82
CA PRO A 39 -15.78 -1.91 -3.17
C PRO A 39 -16.31 -0.46 -3.25
N TYR A 40 -15.95 0.37 -2.30
CA TYR A 40 -16.44 1.78 -2.33
C TYR A 40 -15.38 2.70 -2.94
N PHE A 41 -14.19 2.72 -2.38
CA PHE A 41 -13.14 3.62 -2.93
C PHE A 41 -12.91 3.32 -4.41
N ARG A 42 -13.39 2.20 -4.89
CA ARG A 42 -13.18 1.87 -6.34
C ARG A 42 -14.26 2.56 -7.18
N ARG A 43 -14.31 3.87 -7.11
CA ARG A 43 -15.33 4.60 -7.92
C ARG A 43 -14.66 5.83 -8.56
N ASN A 44 -13.88 6.55 -7.80
CA ASN A 44 -13.18 7.74 -8.36
C ASN A 44 -11.68 7.47 -8.37
N ALA A 45 -11.26 6.43 -9.03
CA ALA A 45 -9.81 6.09 -9.08
C ALA A 45 -8.99 7.36 -9.30
N ALA A 46 -9.56 8.34 -9.94
CA ALA A 46 -8.80 9.60 -10.17
C ALA A 46 -8.24 10.13 -8.85
N THR A 47 -9.03 10.10 -7.80
CA THR A 47 -8.54 10.62 -6.50
C THR A 47 -7.62 9.62 -5.77
N TRP A 48 -8.06 8.41 -5.53
CA TRP A 48 -7.20 7.46 -4.77
C TRP A 48 -6.10 6.81 -5.63
N LYS A 49 -6.09 7.05 -6.91
CA LYS A 49 -5.04 6.45 -7.77
C LYS A 49 -3.87 7.44 -7.88
N ASN A 50 -4.17 8.69 -8.06
CA ASN A 50 -3.09 9.71 -8.17
C ASN A 50 -2.47 9.92 -6.78
N ALA A 51 -3.24 9.74 -5.75
CA ALA A 51 -2.70 9.93 -4.37
C ALA A 51 -1.78 8.74 -4.02
N VAL A 52 -2.25 7.54 -4.25
CA VAL A 52 -1.40 6.35 -3.94
C VAL A 52 -0.11 6.42 -4.75
N ARG A 53 -0.21 6.67 -6.03
CA ARG A 53 1.03 6.74 -6.86
C ARG A 53 2.00 7.76 -6.25
N HIS A 54 1.49 8.90 -5.84
CA HIS A 54 2.39 9.93 -5.24
C HIS A 54 3.00 9.37 -3.96
N ASN A 55 2.23 8.68 -3.17
CA ASN A 55 2.76 8.11 -1.90
C ASN A 55 3.79 7.02 -2.22
N LEU A 56 3.61 6.34 -3.32
CA LEU A 56 4.56 5.25 -3.70
C LEU A 56 5.96 5.83 -3.97
N SER A 57 6.05 6.84 -4.79
CA SER A 57 7.39 7.42 -5.10
C SER A 57 7.89 8.27 -3.92
N LEU A 58 7.01 8.97 -3.25
CA LEU A 58 7.46 9.82 -2.11
C LEU A 58 7.73 8.95 -0.88
N HIS A 59 7.27 7.74 -0.88
CA HIS A 59 7.51 6.85 0.30
C HIS A 59 8.88 6.18 0.17
N LYS A 60 9.82 6.57 0.98
CA LYS A 60 11.17 5.95 0.92
C LYS A 60 11.14 4.58 1.60
N TYR A 61 10.21 4.37 2.49
CA TYR A 61 10.13 3.05 3.18
C TYR A 61 9.63 1.99 2.19
N PHE A 62 9.06 2.42 1.10
CA PHE A 62 8.56 1.45 0.09
C PHE A 62 9.72 1.04 -0.81
N VAL A 63 10.02 -0.23 -0.87
CA VAL A 63 11.16 -0.67 -1.74
C VAL A 63 10.64 -1.63 -2.83
N ARG A 64 10.97 -1.37 -4.06
CA ARG A 64 10.51 -2.26 -5.16
C ARG A 64 11.61 -3.25 -5.51
N VAL A 65 11.27 -4.46 -5.81
CA VAL A 65 12.29 -5.47 -6.16
C VAL A 65 12.01 -6.03 -7.57
N GLU A 66 12.50 -5.37 -8.58
CA GLU A 66 12.26 -5.86 -9.96
C GLU A 66 13.14 -7.09 -10.23
N ASN A 67 12.58 -8.26 -10.13
CA ASN A 67 13.38 -9.49 -10.37
C ASN A 67 12.61 -10.41 -11.32
N VAL A 68 13.22 -11.47 -11.77
CA VAL A 68 12.53 -12.40 -12.70
C VAL A 68 11.20 -12.84 -12.07
N LYS A 69 11.19 -13.14 -10.81
CA LYS A 69 9.92 -13.56 -10.15
C LYS A 69 8.84 -12.52 -10.38
N GLY A 70 9.23 -11.27 -10.47
CA GLY A 70 8.23 -10.19 -10.69
C GLY A 70 8.48 -9.05 -9.69
N ALA A 71 8.38 -7.83 -10.15
CA ALA A 71 8.62 -6.68 -9.23
C ALA A 71 7.63 -6.73 -8.07
N VAL A 72 8.12 -6.74 -6.86
CA VAL A 72 7.20 -6.78 -5.69
C VAL A 72 7.33 -5.49 -4.88
N TRP A 73 6.28 -5.08 -4.22
CA TRP A 73 6.35 -3.84 -3.41
C TRP A 73 6.54 -4.19 -1.95
N THR A 74 7.63 -3.78 -1.34
CA THR A 74 7.85 -4.12 0.08
C THR A 74 8.00 -2.85 0.92
N VAL A 75 7.82 -2.97 2.21
CA VAL A 75 7.94 -1.78 3.10
C VAL A 75 9.10 -2.00 4.09
N ASP A 76 9.69 -0.94 4.56
CA ASP A 76 10.82 -1.08 5.52
C ASP A 76 10.38 -0.60 6.90
N GLU A 77 10.38 -1.46 7.87
CA GLU A 77 9.95 -1.05 9.24
C GLU A 77 10.77 0.17 9.70
N VAL A 78 12.02 0.24 9.32
CA VAL A 78 12.85 1.41 9.75
C VAL A 78 12.34 2.67 9.06
N GLU A 79 12.34 2.68 7.76
CA GLU A 79 11.87 3.89 7.03
C GLU A 79 10.37 4.09 7.30
N PHE A 80 9.67 3.03 7.56
CA PHE A 80 8.21 3.14 7.83
C PHE A 80 7.99 3.77 9.22
N GLN A 81 8.54 3.19 10.24
CA GLN A 81 8.37 3.75 11.61
C GLN A 81 8.93 5.18 11.66
N LYS A 82 9.67 5.57 10.67
CA LYS A 82 10.25 6.95 10.67
C LYS A 82 9.17 7.94 11.12
N ARG A 83 8.18 8.16 10.29
CA ARG A 83 7.09 9.10 10.68
C ARG A 83 6.11 8.38 11.62
N ARG A 84 6.28 7.09 11.78
CA ARG A 84 5.37 6.32 12.66
C ARG A 84 6.17 5.79 13.86
N PRO A 85 6.08 6.49 14.95
CA PRO A 85 6.78 6.12 16.20
C PRO A 85 6.05 4.97 16.91
N GLN A 86 4.88 5.22 17.43
CA GLN A 86 4.14 4.15 18.13
C GLN A 86 2.84 3.85 17.38
N LYS A 87 1.99 4.83 17.21
CA LYS A 87 0.72 4.59 16.48
C LYS A 87 -0.07 5.89 16.39
N ALA A 1 -22.22 3.34 8.22
CA ALA A 1 -20.90 2.93 8.78
C ALA A 1 -20.06 2.26 7.68
N GLU A 2 -19.79 2.96 6.62
CA GLU A 2 -18.98 2.35 5.52
C GLU A 2 -17.76 3.23 5.24
N VAL A 3 -17.43 4.11 6.14
CA VAL A 3 -16.24 4.99 5.93
C VAL A 3 -15.18 4.68 6.98
N ARG A 4 -14.60 3.51 6.94
CA ARG A 4 -13.56 3.16 7.95
C ARG A 4 -12.26 3.91 7.61
N PRO A 5 -11.80 3.75 6.40
CA PRO A 5 -10.56 4.40 5.93
C PRO A 5 -10.84 5.86 5.56
N PRO A 6 -10.25 6.77 6.31
CA PRO A 6 -10.41 8.21 6.07
C PRO A 6 -9.52 8.64 4.89
N PHE A 7 -8.26 8.90 5.15
CA PHE A 7 -7.36 9.31 4.05
C PHE A 7 -5.95 8.76 4.32
N THR A 8 -5.82 7.86 5.25
CA THR A 8 -4.49 7.28 5.55
C THR A 8 -4.29 6.00 4.76
N TYR A 9 -4.30 6.08 3.46
CA TYR A 9 -4.12 4.85 2.63
C TYR A 9 -2.71 4.29 2.88
N ALA A 10 -1.85 5.07 3.47
CA ALA A 10 -0.47 4.58 3.74
C ALA A 10 -0.52 3.36 4.67
N SER A 11 -1.48 3.32 5.56
CA SER A 11 -1.59 2.17 6.49
C SER A 11 -2.27 0.99 5.79
N LEU A 12 -3.26 1.27 4.99
CA LEU A 12 -3.96 0.17 4.27
C LEU A 12 -2.97 -0.57 3.35
N ILE A 13 -2.21 0.16 2.59
CA ILE A 13 -1.23 -0.51 1.69
C ILE A 13 -0.29 -1.39 2.51
N ARG A 14 0.28 -0.83 3.55
CA ARG A 14 1.20 -1.64 4.40
C ARG A 14 0.48 -2.91 4.87
N GLN A 15 -0.81 -2.83 5.04
CA GLN A 15 -1.57 -4.03 5.49
C GLN A 15 -1.41 -5.15 4.45
N ALA A 16 -1.89 -4.94 3.25
CA ALA A 16 -1.75 -5.99 2.20
C ALA A 16 -0.28 -6.37 2.05
N ILE A 17 0.60 -5.46 2.35
CA ILE A 17 2.06 -5.76 2.23
C ILE A 17 2.47 -6.72 3.36
N LEU A 18 1.91 -6.57 4.52
CA LEU A 18 2.29 -7.47 5.65
C LEU A 18 1.80 -8.90 5.33
N GLU A 19 0.83 -9.03 4.48
CA GLU A 19 0.31 -10.38 4.13
C GLU A 19 1.41 -11.18 3.41
N SER A 20 2.42 -10.51 2.92
CA SER A 20 3.51 -11.22 2.20
C SER A 20 4.48 -11.81 3.23
N PRO A 21 5.30 -12.72 2.77
CA PRO A 21 6.30 -13.38 3.62
C PRO A 21 7.50 -12.45 3.84
N GLU A 22 7.75 -11.58 2.90
CA GLU A 22 8.89 -10.65 3.05
C GLU A 22 8.35 -9.21 3.06
N LYS A 23 7.08 -9.06 3.33
CA LYS A 23 6.48 -7.70 3.36
C LYS A 23 6.64 -7.02 2.01
N GLN A 24 6.68 -7.79 0.96
CA GLN A 24 6.84 -7.22 -0.41
C GLN A 24 5.82 -7.87 -1.36
N LEU A 25 5.20 -7.09 -2.21
CA LEU A 25 4.23 -7.69 -3.14
C LEU A 25 3.98 -6.77 -4.34
N THR A 26 3.66 -7.35 -5.48
CA THR A 26 3.43 -6.53 -6.70
C THR A 26 2.17 -5.66 -6.53
N LEU A 27 2.08 -4.61 -7.29
CA LEU A 27 0.89 -3.72 -7.19
C LEU A 27 -0.35 -4.52 -7.56
N ASN A 28 -0.23 -5.42 -8.50
CA ASN A 28 -1.40 -6.24 -8.91
C ASN A 28 -2.05 -6.85 -7.66
N GLU A 29 -1.27 -7.46 -6.81
CA GLU A 29 -1.85 -8.07 -5.58
C GLU A 29 -2.63 -7.01 -4.81
N ILE A 30 -2.06 -5.85 -4.65
CA ILE A 30 -2.77 -4.77 -3.91
C ILE A 30 -4.06 -4.38 -4.66
N TYR A 31 -4.00 -4.36 -5.96
CA TYR A 31 -5.20 -3.99 -6.76
C TYR A 31 -6.28 -5.06 -6.60
N ASN A 32 -5.91 -6.31 -6.59
CA ASN A 32 -6.92 -7.39 -6.44
C ASN A 32 -7.58 -7.30 -5.06
N TRP A 33 -6.81 -7.05 -4.04
CA TRP A 33 -7.37 -6.94 -2.67
C TRP A 33 -8.30 -5.72 -2.57
N PHE A 34 -7.79 -4.57 -2.93
CA PHE A 34 -8.63 -3.33 -2.86
C PHE A 34 -9.96 -3.53 -3.59
N THR A 35 -9.94 -4.18 -4.71
CA THR A 35 -11.20 -4.38 -5.50
C THR A 35 -12.13 -5.37 -4.79
N ARG A 36 -11.63 -6.52 -4.43
CA ARG A 36 -12.50 -7.54 -3.76
C ARG A 36 -12.90 -7.08 -2.35
N MET A 37 -12.03 -6.38 -1.68
CA MET A 37 -12.36 -5.93 -0.30
C MET A 37 -13.24 -4.68 -0.34
N PHE A 38 -12.85 -3.68 -1.07
CA PHE A 38 -13.69 -2.44 -1.14
C PHE A 38 -14.10 -2.18 -2.59
N PRO A 39 -15.26 -2.67 -2.94
CA PRO A 39 -15.81 -2.48 -4.29
C PRO A 39 -16.46 -1.09 -4.42
N TYR A 40 -16.12 -0.17 -3.54
CA TYR A 40 -16.73 1.18 -3.63
C TYR A 40 -15.69 2.23 -4.00
N PHE A 41 -14.57 2.25 -3.32
CA PHE A 41 -13.54 3.28 -3.65
C PHE A 41 -13.19 3.21 -5.14
N ARG A 42 -13.30 2.06 -5.75
CA ARG A 42 -12.97 1.92 -7.19
C ARG A 42 -13.68 3.01 -8.02
N ARG A 43 -14.71 3.60 -7.49
CA ARG A 43 -15.43 4.67 -8.24
C ARG A 43 -14.53 5.87 -8.44
N ASN A 44 -14.42 6.72 -7.45
CA ASN A 44 -13.55 7.92 -7.59
C ASN A 44 -12.07 7.52 -7.52
N ALA A 45 -11.49 7.17 -8.63
CA ALA A 45 -10.05 6.79 -8.62
C ALA A 45 -9.18 8.03 -8.73
N ALA A 46 -9.78 9.17 -8.96
CA ALA A 46 -8.97 10.41 -9.08
C ALA A 46 -8.28 10.73 -7.76
N THR A 47 -8.97 10.59 -6.66
CA THR A 47 -8.36 10.90 -5.34
C THR A 47 -7.49 9.75 -4.81
N TRP A 48 -8.00 8.54 -4.79
CA TRP A 48 -7.18 7.42 -4.22
C TRP A 48 -6.17 6.85 -5.22
N LYS A 49 -6.20 7.25 -6.46
CA LYS A 49 -5.21 6.72 -7.43
C LYS A 49 -4.00 7.66 -7.45
N ASN A 50 -4.24 8.94 -7.35
CA ASN A 50 -3.11 9.90 -7.34
C ASN A 50 -2.37 9.79 -6.01
N ALA A 51 -3.09 9.57 -4.93
CA ALA A 51 -2.42 9.44 -3.61
C ALA A 51 -1.65 8.12 -3.56
N VAL A 52 -2.20 7.09 -4.15
CA VAL A 52 -1.50 5.77 -4.14
C VAL A 52 -0.22 5.87 -4.97
N ARG A 53 -0.31 6.44 -6.15
CA ARG A 53 0.91 6.56 -7.01
C ARG A 53 1.85 7.63 -6.42
N HIS A 54 1.29 8.61 -5.75
CA HIS A 54 2.14 9.68 -5.16
C HIS A 54 2.92 9.12 -3.97
N ASN A 55 2.25 8.53 -3.02
CA ASN A 55 2.95 7.98 -1.82
C ASN A 55 3.88 6.83 -2.23
N LEU A 56 3.41 5.95 -3.05
CA LEU A 56 4.24 4.77 -3.47
C LEU A 56 5.57 5.21 -4.09
N SER A 57 5.56 6.17 -4.99
CA SER A 57 6.83 6.60 -5.64
C SER A 57 7.60 7.60 -4.76
N LEU A 58 6.91 8.37 -3.97
CA LEU A 58 7.63 9.38 -3.13
C LEU A 58 7.80 8.87 -1.69
N HIS A 59 7.88 7.59 -1.50
CA HIS A 59 8.05 7.06 -0.11
C HIS A 59 9.36 6.27 -0.03
N LYS A 60 10.24 6.66 0.85
CA LYS A 60 11.54 5.93 0.98
C LYS A 60 11.33 4.63 1.77
N TYR A 61 10.35 4.59 2.63
CA TYR A 61 10.12 3.34 3.42
C TYR A 61 9.54 2.27 2.50
N PHE A 62 9.18 2.63 1.30
CA PHE A 62 8.63 1.62 0.35
C PHE A 62 9.79 1.09 -0.50
N VAL A 63 10.02 -0.19 -0.50
CA VAL A 63 11.15 -0.73 -1.30
C VAL A 63 10.64 -1.71 -2.35
N ARG A 64 11.43 -1.99 -3.36
CA ARG A 64 11.00 -2.94 -4.42
C ARG A 64 12.10 -3.98 -4.63
N VAL A 65 11.74 -5.20 -4.90
CA VAL A 65 12.77 -6.25 -5.11
C VAL A 65 12.48 -7.00 -6.42
N GLU A 66 13.34 -6.87 -7.39
CA GLU A 66 13.12 -7.58 -8.68
C GLU A 66 13.12 -9.09 -8.44
N ASN A 67 11.97 -9.68 -8.25
CA ASN A 67 11.92 -11.15 -8.01
C ASN A 67 11.57 -11.87 -9.31
N VAL A 68 11.75 -13.16 -9.36
CA VAL A 68 11.42 -13.91 -10.60
C VAL A 68 9.97 -13.64 -10.99
N LYS A 69 9.09 -13.61 -10.03
CA LYS A 69 7.66 -13.35 -10.34
C LYS A 69 7.49 -11.89 -10.81
N GLY A 70 8.53 -11.10 -10.71
CA GLY A 70 8.43 -9.70 -11.15
C GLY A 70 8.82 -8.77 -10.00
N ALA A 71 8.83 -7.49 -10.23
CA ALA A 71 9.19 -6.53 -9.14
C ALA A 71 8.15 -6.61 -8.02
N VAL A 72 8.58 -6.50 -6.80
CA VAL A 72 7.63 -6.55 -5.65
C VAL A 72 7.61 -5.20 -4.93
N TRP A 73 6.61 -4.96 -4.14
CA TRP A 73 6.55 -3.67 -3.39
C TRP A 73 6.52 -3.97 -1.89
N THR A 74 7.45 -3.45 -1.14
CA THR A 74 7.46 -3.75 0.31
C THR A 74 7.61 -2.47 1.14
N VAL A 75 7.30 -2.55 2.40
CA VAL A 75 7.43 -1.36 3.29
C VAL A 75 8.38 -1.71 4.44
N ASP A 76 9.49 -1.03 4.52
CA ASP A 76 10.45 -1.33 5.62
C ASP A 76 9.86 -0.91 6.96
N GLU A 77 9.58 -1.86 7.82
CA GLU A 77 8.99 -1.50 9.14
C GLU A 77 9.88 -0.49 9.84
N VAL A 78 11.17 -0.70 9.82
CA VAL A 78 12.09 0.26 10.48
C VAL A 78 11.88 1.64 9.86
N GLU A 79 12.03 1.72 8.56
CA GLU A 79 11.83 3.03 7.87
C GLU A 79 10.38 3.47 8.04
N PHE A 80 9.44 2.62 7.74
CA PHE A 80 8.01 3.00 7.87
C PHE A 80 7.72 3.40 9.32
N GLN A 81 8.51 2.94 10.25
CA GLN A 81 8.29 3.30 11.67
C GLN A 81 9.14 4.53 12.04
N LYS A 82 10.20 4.76 11.31
CA LYS A 82 11.07 5.92 11.61
C LYS A 82 10.24 7.21 11.58
N ARG A 83 9.77 7.61 10.44
CA ARG A 83 8.96 8.87 10.35
C ARG A 83 7.73 8.74 11.24
N ARG A 84 7.13 7.57 11.30
CA ARG A 84 5.92 7.41 12.14
C ARG A 84 6.22 7.88 13.57
N PRO A 85 5.25 8.53 14.17
CA PRO A 85 5.38 9.06 15.54
C PRO A 85 5.23 7.94 16.56
N GLN A 86 6.22 7.10 16.70
CA GLN A 86 6.13 5.99 17.68
C GLN A 86 5.66 6.54 19.03
N LYS A 87 4.50 6.15 19.48
CA LYS A 87 3.99 6.64 20.78
C LYS A 87 3.82 8.16 20.72
N ALA A 1 -22.53 8.89 1.62
CA ALA A 1 -22.92 7.63 2.29
C ALA A 1 -22.40 7.63 3.74
N GLU A 2 -22.65 6.58 4.47
CA GLU A 2 -22.17 6.53 5.88
C GLU A 2 -20.90 5.68 5.97
N VAL A 3 -20.19 5.56 4.88
CA VAL A 3 -18.94 4.76 4.88
C VAL A 3 -17.79 5.59 4.30
N ARG A 4 -17.35 6.59 5.02
CA ARG A 4 -16.24 7.44 4.50
C ARG A 4 -14.98 6.58 4.33
N PRO A 5 -14.07 7.07 3.53
CA PRO A 5 -12.80 6.38 3.26
C PRO A 5 -11.82 6.55 4.43
N PRO A 6 -10.82 5.71 4.47
CA PRO A 6 -9.80 5.72 5.53
C PRO A 6 -8.79 6.85 5.28
N PHE A 7 -7.78 6.94 6.10
CA PHE A 7 -6.75 8.01 5.90
C PHE A 7 -5.36 7.43 6.15
N THR A 8 -5.22 6.56 7.11
CA THR A 8 -3.90 5.96 7.39
C THR A 8 -3.56 4.91 6.33
N TYR A 9 -3.52 5.31 5.08
CA TYR A 9 -3.19 4.33 4.00
C TYR A 9 -1.85 3.67 4.31
N ALA A 10 -1.00 4.34 5.05
CA ALA A 10 0.33 3.75 5.39
C ALA A 10 0.14 2.43 6.12
N SER A 11 -0.45 2.46 7.29
CA SER A 11 -0.65 1.20 8.05
C SER A 11 -1.54 0.25 7.24
N LEU A 12 -2.37 0.78 6.39
CA LEU A 12 -3.27 -0.09 5.57
C LEU A 12 -2.44 -0.82 4.51
N ILE A 13 -1.58 -0.12 3.83
CA ILE A 13 -0.74 -0.77 2.78
C ILE A 13 0.28 -1.71 3.43
N ARG A 14 0.99 -1.24 4.41
CA ARG A 14 2.00 -2.11 5.08
C ARG A 14 1.33 -3.41 5.53
N GLN A 15 0.08 -3.36 5.89
CA GLN A 15 -0.63 -4.59 6.35
C GLN A 15 -0.75 -5.57 5.17
N ALA A 16 -1.33 -5.15 4.09
CA ALA A 16 -1.48 -6.06 2.92
C ALA A 16 -0.11 -6.63 2.56
N ILE A 17 0.90 -5.80 2.54
CA ILE A 17 2.26 -6.28 2.21
C ILE A 17 2.75 -7.21 3.33
N LEU A 18 2.61 -6.78 4.56
CA LEU A 18 3.05 -7.63 5.70
C LEU A 18 2.42 -9.02 5.58
N GLU A 19 1.33 -9.13 4.86
CA GLU A 19 0.68 -10.46 4.72
C GLU A 19 1.64 -11.42 3.99
N SER A 20 2.58 -10.88 3.27
CA SER A 20 3.55 -11.75 2.54
C SER A 20 4.75 -12.04 3.45
N PRO A 21 5.56 -12.98 3.03
CA PRO A 21 6.76 -13.38 3.77
C PRO A 21 7.88 -12.36 3.55
N GLU A 22 8.09 -11.97 2.33
CA GLU A 22 9.17 -10.98 2.04
C GLU A 22 8.58 -9.56 2.08
N LYS A 23 7.54 -9.37 2.85
CA LYS A 23 6.90 -8.03 2.96
C LYS A 23 6.93 -7.30 1.60
N GLN A 24 6.68 -8.01 0.54
CA GLN A 24 6.68 -7.36 -0.81
C GLN A 24 5.33 -7.57 -1.47
N LEU A 25 4.97 -6.74 -2.41
CA LEU A 25 3.66 -6.91 -3.06
C LEU A 25 3.66 -6.32 -4.47
N THR A 26 3.33 -7.11 -5.46
CA THR A 26 3.30 -6.59 -6.85
C THR A 26 2.16 -5.57 -7.00
N LEU A 27 2.27 -4.69 -7.95
CA LEU A 27 1.21 -3.67 -8.14
C LEU A 27 -0.15 -4.37 -8.30
N ASN A 28 -0.20 -5.43 -9.05
CA ASN A 28 -1.48 -6.16 -9.24
C ASN A 28 -2.03 -6.60 -7.88
N GLU A 29 -1.20 -7.15 -7.04
CA GLU A 29 -1.67 -7.59 -5.70
C GLU A 29 -2.23 -6.40 -4.93
N ILE A 30 -1.45 -5.36 -4.79
CA ILE A 30 -1.93 -4.17 -4.04
C ILE A 30 -3.32 -3.81 -4.54
N TYR A 31 -3.53 -3.87 -5.82
CA TYR A 31 -4.86 -3.53 -6.40
C TYR A 31 -5.86 -4.64 -6.04
N ASN A 32 -5.43 -5.87 -6.07
CA ASN A 32 -6.35 -7.00 -5.76
C ASN A 32 -6.90 -6.87 -4.33
N TRP A 33 -6.05 -6.82 -3.34
CA TRP A 33 -6.56 -6.72 -1.94
C TRP A 33 -7.30 -5.39 -1.72
N PHE A 34 -6.79 -4.31 -2.25
CA PHE A 34 -7.48 -3.00 -2.06
C PHE A 34 -8.98 -3.14 -2.40
N THR A 35 -9.29 -3.51 -3.60
CA THR A 35 -10.72 -3.66 -3.99
C THR A 35 -11.36 -4.85 -3.29
N ARG A 36 -10.71 -5.99 -3.31
CA ARG A 36 -11.30 -7.19 -2.63
C ARG A 36 -11.72 -6.86 -1.21
N MET A 37 -10.90 -6.14 -0.49
CA MET A 37 -11.24 -5.78 0.92
C MET A 37 -12.26 -4.63 0.95
N PHE A 38 -12.01 -3.58 0.22
CA PHE A 38 -12.98 -2.44 0.22
C PHE A 38 -13.70 -2.37 -1.12
N PRO A 39 -14.88 -2.93 -1.17
CA PRO A 39 -15.70 -2.93 -2.39
C PRO A 39 -16.37 -1.57 -2.57
N TYR A 40 -16.08 -0.63 -1.70
CA TYR A 40 -16.72 0.71 -1.81
C TYR A 40 -15.68 1.71 -2.33
N PHE A 41 -14.44 1.51 -2.02
CA PHE A 41 -13.38 2.45 -2.49
C PHE A 41 -12.90 2.02 -3.88
N ARG A 42 -13.57 1.08 -4.48
CA ARG A 42 -13.15 0.62 -5.84
C ARG A 42 -13.99 1.35 -6.89
N ARG A 43 -14.25 2.61 -6.66
CA ARG A 43 -15.07 3.39 -7.64
C ARG A 43 -14.27 4.61 -8.12
N ASN A 44 -14.43 5.72 -7.45
CA ASN A 44 -13.68 6.94 -7.88
C ASN A 44 -12.18 6.75 -7.63
N ALA A 45 -11.54 5.96 -8.44
CA ALA A 45 -10.08 5.73 -8.26
C ALA A 45 -9.32 7.04 -8.42
N ALA A 46 -9.89 7.98 -9.11
CA ALA A 46 -9.19 9.29 -9.30
C ALA A 46 -8.70 9.82 -7.95
N THR A 47 -9.50 9.73 -6.93
CA THR A 47 -9.08 10.26 -5.61
C THR A 47 -8.12 9.31 -4.87
N TRP A 48 -8.53 8.09 -4.63
CA TRP A 48 -7.64 7.16 -3.85
C TRP A 48 -6.50 6.58 -4.70
N LYS A 49 -6.49 6.78 -5.98
CA LYS A 49 -5.38 6.23 -6.81
C LYS A 49 -4.23 7.24 -6.79
N ASN A 50 -4.53 8.50 -6.94
CA ASN A 50 -3.47 9.53 -6.92
C ASN A 50 -2.87 9.59 -5.52
N ALA A 51 -3.66 9.30 -4.52
CA ALA A 51 -3.13 9.32 -3.13
C ALA A 51 -2.09 8.21 -2.97
N VAL A 52 -2.39 7.04 -3.47
CA VAL A 52 -1.41 5.92 -3.36
C VAL A 52 -0.11 6.30 -4.07
N ARG A 53 -0.21 6.88 -5.23
CA ARG A 53 1.02 7.27 -5.97
C ARG A 53 1.83 8.25 -5.13
N HIS A 54 1.17 9.13 -4.42
CA HIS A 54 1.91 10.10 -3.57
C HIS A 54 2.61 9.37 -2.42
N ASN A 55 1.87 8.60 -1.66
CA ASN A 55 2.49 7.85 -0.52
C ASN A 55 3.54 6.88 -1.06
N LEU A 56 3.35 6.41 -2.26
CA LEU A 56 4.32 5.44 -2.86
C LEU A 56 5.68 6.12 -3.08
N SER A 57 5.70 7.32 -3.60
CA SER A 57 7.00 8.01 -3.86
C SER A 57 7.50 8.75 -2.63
N LEU A 58 6.63 9.30 -1.84
CA LEU A 58 7.08 10.06 -0.63
C LEU A 58 7.34 9.10 0.54
N HIS A 59 7.52 7.84 0.27
CA HIS A 59 7.77 6.87 1.37
C HIS A 59 9.05 6.08 1.06
N LYS A 60 10.10 6.32 1.79
CA LYS A 60 11.38 5.59 1.53
C LYS A 60 11.33 4.21 2.17
N TYR A 61 10.44 3.99 3.11
CA TYR A 61 10.37 2.65 3.74
C TYR A 61 9.78 1.66 2.73
N PHE A 62 9.36 2.13 1.59
CA PHE A 62 8.81 1.23 0.55
C PHE A 62 9.96 0.74 -0.32
N VAL A 63 10.18 -0.54 -0.38
CA VAL A 63 11.31 -1.05 -1.22
C VAL A 63 10.72 -1.79 -2.44
N ARG A 64 11.45 -1.82 -3.52
CA ARG A 64 10.94 -2.52 -4.74
C ARG A 64 11.95 -3.58 -5.16
N VAL A 65 11.63 -4.83 -4.96
CA VAL A 65 12.55 -5.92 -5.36
C VAL A 65 12.33 -6.27 -6.83
N GLU A 66 13.37 -6.58 -7.55
CA GLU A 66 13.21 -6.94 -8.98
C GLU A 66 13.36 -8.45 -9.16
N ASN A 67 12.32 -9.12 -9.59
CA ASN A 67 12.41 -10.58 -9.78
C ASN A 67 12.03 -10.93 -11.22
N VAL A 68 12.42 -12.09 -11.68
CA VAL A 68 12.09 -12.49 -13.08
C VAL A 68 10.57 -12.51 -13.25
N LYS A 69 9.84 -12.90 -12.24
CA LYS A 69 8.36 -12.94 -12.36
C LYS A 69 7.80 -11.52 -12.30
N GLY A 70 8.61 -10.55 -11.96
CA GLY A 70 8.13 -9.16 -11.88
C GLY A 70 8.53 -8.55 -10.54
N ALA A 71 8.93 -7.31 -10.53
CA ALA A 71 9.33 -6.66 -9.25
C ALA A 71 8.15 -6.67 -8.27
N VAL A 72 8.38 -6.33 -7.04
CA VAL A 72 7.27 -6.32 -6.04
C VAL A 72 7.41 -5.11 -5.11
N TRP A 73 6.32 -4.61 -4.60
CA TRP A 73 6.37 -3.45 -3.68
C TRP A 73 6.48 -3.92 -2.23
N THR A 74 7.59 -3.68 -1.58
CA THR A 74 7.73 -4.12 -0.18
C THR A 74 7.95 -2.93 0.75
N VAL A 75 7.79 -3.14 2.03
CA VAL A 75 7.98 -2.02 3.01
C VAL A 75 8.94 -2.48 4.11
N ASP A 76 9.84 -1.63 4.53
CA ASP A 76 10.79 -2.00 5.61
C ASP A 76 10.10 -1.79 6.96
N GLU A 77 9.79 -2.85 7.66
CA GLU A 77 9.11 -2.71 8.98
C GLU A 77 9.92 -1.75 9.86
N VAL A 78 11.22 -1.83 9.80
CA VAL A 78 12.05 -0.92 10.64
C VAL A 78 11.86 0.51 10.15
N GLU A 79 12.11 0.75 8.90
CA GLU A 79 11.94 2.12 8.35
C GLU A 79 10.47 2.53 8.41
N PHE A 80 9.58 1.63 8.12
CA PHE A 80 8.13 1.97 8.16
C PHE A 80 7.73 2.36 9.59
N GLN A 81 8.21 1.65 10.56
CA GLN A 81 7.84 1.96 11.98
C GLN A 81 8.62 3.19 12.47
N LYS A 82 9.69 3.55 11.80
CA LYS A 82 10.47 4.72 12.25
C LYS A 82 10.20 5.91 11.33
N ARG A 83 9.98 5.66 10.06
CA ARG A 83 9.72 6.77 9.12
C ARG A 83 8.25 7.18 9.21
N ARG A 84 7.42 6.33 9.74
CA ARG A 84 5.97 6.69 9.86
C ARG A 84 5.83 8.02 10.60
N PRO A 85 5.04 8.90 10.06
CA PRO A 85 4.80 10.23 10.66
C PRO A 85 3.83 10.13 11.82
N GLN A 86 3.17 9.01 11.96
CA GLN A 86 2.20 8.86 13.08
C GLN A 86 2.90 9.17 14.41
N LYS A 87 4.00 8.53 14.68
CA LYS A 87 4.72 8.80 15.95
C LYS A 87 3.95 8.18 17.11
N ALA A 1 -21.12 3.26 7.61
CA ALA A 1 -19.81 3.93 7.85
C ALA A 1 -19.54 4.94 6.73
N GLU A 2 -18.43 5.62 6.79
CA GLU A 2 -18.12 6.62 5.72
C GLU A 2 -16.62 6.58 5.42
N VAL A 3 -16.14 5.49 4.89
CA VAL A 3 -14.68 5.39 4.58
C VAL A 3 -14.43 5.91 3.16
N ARG A 4 -15.30 6.75 2.66
CA ARG A 4 -15.10 7.29 1.28
C ARG A 4 -13.74 8.00 1.21
N PRO A 5 -13.53 8.93 2.12
CA PRO A 5 -12.27 9.70 2.17
C PRO A 5 -11.17 8.87 2.82
N PRO A 6 -10.11 8.62 2.06
CA PRO A 6 -8.97 7.83 2.55
C PRO A 6 -8.09 8.69 3.47
N PHE A 7 -7.10 8.09 4.09
CA PHE A 7 -6.22 8.87 5.00
C PHE A 7 -4.91 8.11 5.22
N THR A 8 -4.89 7.22 6.18
CA THR A 8 -3.65 6.45 6.44
C THR A 8 -3.48 5.36 5.39
N TYR A 9 -2.93 5.68 4.26
CA TYR A 9 -2.74 4.66 3.18
C TYR A 9 -1.68 3.65 3.64
N ALA A 10 -0.84 4.01 4.56
CA ALA A 10 0.22 3.07 5.03
C ALA A 10 -0.42 1.95 5.85
N SER A 11 -0.94 2.26 7.01
CA SER A 11 -1.56 1.20 7.86
C SER A 11 -2.41 0.26 6.99
N LEU A 12 -3.08 0.79 6.01
CA LEU A 12 -3.91 -0.08 5.13
C LEU A 12 -3.02 -0.90 4.21
N ILE A 13 -2.08 -0.26 3.55
CA ILE A 13 -1.18 -1.01 2.62
C ILE A 13 -0.25 -1.90 3.43
N ARG A 14 0.34 -1.38 4.49
CA ARG A 14 1.26 -2.20 5.31
C ARG A 14 0.55 -3.49 5.75
N GLN A 15 -0.69 -3.39 6.12
CA GLN A 15 -1.44 -4.60 6.58
C GLN A 15 -1.49 -5.63 5.44
N ALA A 16 -2.07 -5.28 4.33
CA ALA A 16 -2.15 -6.24 3.19
C ALA A 16 -0.75 -6.61 2.72
N ILE A 17 0.19 -5.71 2.83
CA ILE A 17 1.58 -6.01 2.38
C ILE A 17 2.23 -6.99 3.36
N LEU A 18 2.42 -6.61 4.59
CA LEU A 18 3.06 -7.53 5.57
C LEU A 18 2.33 -8.87 5.56
N GLU A 19 1.12 -8.90 5.09
CA GLU A 19 0.36 -10.18 5.05
C GLU A 19 1.14 -11.19 4.19
N SER A 20 1.94 -10.70 3.27
CA SER A 20 2.73 -11.62 2.41
C SER A 20 3.89 -12.21 3.22
N PRO A 21 4.55 -13.18 2.65
CA PRO A 21 5.69 -13.84 3.29
C PRO A 21 6.95 -12.98 3.17
N GLU A 22 6.89 -11.94 2.40
CA GLU A 22 8.07 -11.06 2.24
C GLU A 22 7.62 -9.60 2.22
N LYS A 23 6.61 -9.28 2.99
CA LYS A 23 6.11 -7.88 3.07
C LYS A 23 6.24 -7.16 1.73
N GLN A 24 5.95 -7.83 0.64
CA GLN A 24 6.02 -7.16 -0.69
C GLN A 24 4.71 -7.42 -1.43
N LEU A 25 4.33 -6.59 -2.35
CA LEU A 25 3.05 -6.85 -3.04
C LEU A 25 2.97 -6.16 -4.41
N THR A 26 2.43 -6.83 -5.39
CA THR A 26 2.31 -6.20 -6.74
C THR A 26 1.06 -5.31 -6.77
N LEU A 27 0.93 -4.51 -7.79
CA LEU A 27 -0.26 -3.61 -7.89
C LEU A 27 -1.52 -4.45 -8.09
N ASN A 28 -1.39 -5.61 -8.67
CA ASN A 28 -2.59 -6.48 -8.88
C ASN A 28 -3.05 -7.06 -7.54
N GLU A 29 -2.13 -7.56 -6.76
CA GLU A 29 -2.50 -8.16 -5.44
C GLU A 29 -3.26 -7.12 -4.60
N ILE A 30 -2.66 -5.97 -4.39
CA ILE A 30 -3.34 -4.92 -3.57
C ILE A 30 -4.73 -4.65 -4.14
N TYR A 31 -4.86 -4.58 -5.43
CA TYR A 31 -6.19 -4.32 -6.04
C TYR A 31 -7.16 -5.43 -5.64
N ASN A 32 -6.75 -6.66 -5.75
CA ASN A 32 -7.65 -7.79 -5.37
C ASN A 32 -8.00 -7.68 -3.88
N TRP A 33 -7.02 -7.43 -3.05
CA TRP A 33 -7.29 -7.32 -1.59
C TRP A 33 -8.11 -6.06 -1.31
N PHE A 34 -7.72 -4.94 -1.87
CA PHE A 34 -8.47 -3.68 -1.62
C PHE A 34 -9.95 -3.88 -1.96
N THR A 35 -10.24 -4.43 -3.10
CA THR A 35 -11.66 -4.64 -3.50
C THR A 35 -12.30 -5.72 -2.61
N ARG A 36 -11.59 -6.78 -2.34
CA ARG A 36 -12.16 -7.87 -1.50
C ARG A 36 -12.52 -7.31 -0.11
N MET A 37 -11.61 -6.62 0.52
CA MET A 37 -11.90 -6.06 1.87
C MET A 37 -12.86 -4.87 1.73
N PHE A 38 -12.72 -4.10 0.69
CA PHE A 38 -13.62 -2.93 0.50
C PHE A 38 -13.93 -2.77 -0.99
N PRO A 39 -15.20 -2.81 -1.33
CA PRO A 39 -15.65 -2.67 -2.73
C PRO A 39 -15.62 -1.20 -3.14
N TYR A 40 -15.47 -0.31 -2.19
CA TYR A 40 -15.44 1.14 -2.53
C TYR A 40 -14.28 1.41 -3.49
N PHE A 41 -13.17 0.75 -3.29
CA PHE A 41 -12.01 0.96 -4.19
C PHE A 41 -12.38 0.60 -5.63
N ARG A 42 -13.36 -0.25 -5.81
CA ARG A 42 -13.76 -0.63 -7.20
C ARG A 42 -14.69 0.43 -7.79
N ARG A 43 -14.21 1.64 -7.90
CA ARG A 43 -15.07 2.72 -8.47
C ARG A 43 -14.19 3.67 -9.29
N ASN A 44 -13.72 4.73 -8.70
CA ASN A 44 -12.86 5.69 -9.44
C ASN A 44 -11.39 5.32 -9.18
N ALA A 45 -10.94 4.24 -9.75
CA ALA A 45 -9.53 3.81 -9.54
C ALA A 45 -8.57 4.86 -10.12
N ALA A 46 -9.03 5.65 -11.05
CA ALA A 46 -8.13 6.68 -11.65
C ALA A 46 -7.66 7.64 -10.56
N THR A 47 -8.47 7.89 -9.57
CA THR A 47 -8.07 8.84 -8.49
C THR A 47 -7.20 8.16 -7.42
N TRP A 48 -7.67 7.12 -6.79
CA TRP A 48 -6.86 6.47 -5.71
C TRP A 48 -5.61 5.78 -6.25
N LYS A 49 -5.60 5.34 -7.48
CA LYS A 49 -4.38 4.68 -8.01
C LYS A 49 -3.24 5.69 -8.11
N ASN A 50 -3.53 6.91 -8.49
CA ASN A 50 -2.47 7.94 -8.60
C ASN A 50 -2.06 8.42 -7.20
N ALA A 51 -3.01 8.63 -6.33
CA ALA A 51 -2.67 9.10 -4.96
C ALA A 51 -1.74 8.08 -4.29
N VAL A 52 -1.97 6.81 -4.51
CA VAL A 52 -1.10 5.78 -3.88
C VAL A 52 0.31 5.89 -4.48
N ARG A 53 0.40 6.02 -5.77
CA ARG A 53 1.74 6.14 -6.42
C ARG A 53 2.52 7.27 -5.76
N HIS A 54 1.87 8.39 -5.54
CA HIS A 54 2.57 9.54 -4.89
C HIS A 54 3.03 9.12 -3.48
N ASN A 55 2.11 8.79 -2.62
CA ASN A 55 2.50 8.38 -1.24
C ASN A 55 3.51 7.23 -1.32
N LEU A 56 3.48 6.48 -2.39
CA LEU A 56 4.43 5.33 -2.54
C LEU A 56 5.86 5.84 -2.73
N SER A 57 6.07 6.76 -3.63
CA SER A 57 7.45 7.28 -3.87
C SER A 57 7.90 8.17 -2.72
N LEU A 58 6.99 8.91 -2.14
CA LEU A 58 7.39 9.81 -1.02
C LEU A 58 7.69 8.98 0.24
N HIS A 59 6.78 8.14 0.63
CA HIS A 59 7.03 7.30 1.84
C HIS A 59 8.33 6.53 1.68
N LYS A 60 9.29 6.78 2.53
CA LYS A 60 10.60 6.07 2.42
C LYS A 60 10.48 4.65 3.00
N TYR A 61 9.52 4.43 3.86
CA TYR A 61 9.38 3.07 4.45
C TYR A 61 8.82 2.11 3.40
N PHE A 62 8.40 2.63 2.28
CA PHE A 62 7.87 1.76 1.20
C PHE A 62 9.01 1.39 0.26
N VAL A 63 9.20 0.12 -0.01
CA VAL A 63 10.32 -0.27 -0.92
C VAL A 63 9.77 -1.09 -2.09
N ARG A 64 10.43 -1.05 -3.21
CA ARG A 64 9.95 -1.83 -4.39
C ARG A 64 11.09 -2.69 -4.94
N VAL A 65 10.78 -3.85 -5.45
CA VAL A 65 11.83 -4.73 -6.00
C VAL A 65 11.51 -5.04 -7.46
N GLU A 66 12.03 -4.26 -8.38
CA GLU A 66 11.75 -4.52 -9.82
C GLU A 66 12.33 -5.87 -10.22
N ASN A 67 11.49 -6.76 -10.68
CA ASN A 67 11.98 -8.10 -11.09
C ASN A 67 11.61 -8.36 -12.54
N VAL A 68 12.00 -9.48 -13.07
CA VAL A 68 11.67 -9.81 -14.48
C VAL A 68 10.15 -9.91 -14.65
N LYS A 69 9.49 -10.57 -13.73
CA LYS A 69 8.02 -10.72 -13.84
C LYS A 69 7.32 -9.44 -13.36
N GLY A 70 8.08 -8.48 -12.91
CA GLY A 70 7.45 -7.21 -12.43
C GLY A 70 8.03 -6.82 -11.07
N ALA A 71 7.78 -5.61 -10.63
CA ALA A 71 8.31 -5.17 -9.32
C ALA A 71 7.28 -5.46 -8.23
N VAL A 72 7.68 -5.36 -6.98
CA VAL A 72 6.71 -5.64 -5.88
C VAL A 72 6.68 -4.45 -4.92
N TRP A 73 5.61 -4.31 -4.18
CA TRP A 73 5.50 -3.18 -3.22
C TRP A 73 5.72 -3.70 -1.80
N THR A 74 6.73 -3.24 -1.12
CA THR A 74 6.98 -3.75 0.23
C THR A 74 7.20 -2.60 1.22
N VAL A 75 7.25 -2.91 2.48
CA VAL A 75 7.46 -1.86 3.51
C VAL A 75 8.67 -2.21 4.37
N ASP A 76 9.35 -1.22 4.88
CA ASP A 76 10.54 -1.50 5.73
C ASP A 76 10.16 -1.29 7.20
N GLU A 77 10.27 -2.31 8.01
CA GLU A 77 9.89 -2.16 9.45
C GLU A 77 10.81 -1.14 10.12
N VAL A 78 12.06 -1.13 9.78
CA VAL A 78 12.99 -0.16 10.42
C VAL A 78 12.50 1.26 10.09
N GLU A 79 12.35 1.56 8.84
CA GLU A 79 11.88 2.91 8.44
C GLU A 79 10.46 3.11 8.96
N PHE A 80 9.59 2.17 8.68
CA PHE A 80 8.18 2.31 9.16
C PHE A 80 8.16 2.43 10.68
N GLN A 81 9.05 1.76 11.35
CA GLN A 81 9.09 1.83 12.84
C GLN A 81 10.09 2.90 13.28
N LYS A 82 10.61 3.66 12.35
CA LYS A 82 11.59 4.72 12.72
C LYS A 82 10.86 5.93 13.30
N ARG A 83 9.98 6.52 12.53
CA ARG A 83 9.24 7.71 13.03
C ARG A 83 7.83 7.31 13.49
N ARG A 84 7.55 6.03 13.51
CA ARG A 84 6.20 5.58 13.95
C ARG A 84 5.96 5.91 15.43
N PRO A 85 6.90 5.55 16.26
CA PRO A 85 6.81 5.78 17.70
C PRO A 85 7.13 7.24 18.04
N GLN A 86 7.58 7.99 17.08
CA GLN A 86 7.90 9.41 17.35
C GLN A 86 6.62 10.15 17.76
N LYS A 87 5.71 10.32 16.85
CA LYS A 87 4.44 11.03 17.18
C LYS A 87 3.43 10.03 17.74
N ALA A 1 -20.99 3.03 9.14
CA ALA A 1 -19.53 3.29 9.11
C ALA A 1 -19.04 3.28 7.66
N GLU A 2 -18.98 4.41 7.04
CA GLU A 2 -18.52 4.47 5.62
C GLU A 2 -17.19 5.22 5.53
N VAL A 3 -17.19 6.46 5.93
CA VAL A 3 -15.93 7.26 5.87
C VAL A 3 -15.62 7.84 7.25
N ARG A 4 -16.14 7.23 8.28
CA ARG A 4 -15.87 7.74 9.66
C ARG A 4 -14.36 7.86 9.90
N PRO A 5 -13.63 6.82 9.57
CA PRO A 5 -12.18 6.79 9.76
C PRO A 5 -11.47 7.58 8.65
N PRO A 6 -10.21 7.87 8.88
CA PRO A 6 -9.38 8.61 7.92
C PRO A 6 -8.93 7.70 6.77
N PHE A 7 -7.85 8.03 6.12
CA PHE A 7 -7.37 7.18 5.00
C PHE A 7 -5.92 6.75 5.27
N THR A 8 -5.72 5.80 6.13
CA THR A 8 -4.34 5.35 6.45
C THR A 8 -3.84 4.44 5.31
N TYR A 9 -3.39 5.02 4.23
CA TYR A 9 -2.89 4.19 3.10
C TYR A 9 -1.61 3.47 3.52
N ALA A 10 -0.87 4.04 4.44
CA ALA A 10 0.38 3.37 4.89
C ALA A 10 0.03 2.11 5.69
N SER A 11 -0.86 2.25 6.64
CA SER A 11 -1.26 1.06 7.46
C SER A 11 -2.08 0.10 6.60
N LEU A 12 -2.78 0.62 5.62
CA LEU A 12 -3.60 -0.26 4.75
C LEU A 12 -2.69 -0.96 3.74
N ILE A 13 -1.89 -0.24 3.02
CA ILE A 13 -0.98 -0.86 2.03
C ILE A 13 -0.11 -1.91 2.73
N ARG A 14 0.54 -1.54 3.80
CA ARG A 14 1.40 -2.52 4.51
C ARG A 14 0.59 -3.77 4.86
N GLN A 15 -0.68 -3.59 5.16
CA GLN A 15 -1.51 -4.78 5.49
C GLN A 15 -1.50 -5.76 4.32
N ALA A 16 -2.01 -5.36 3.18
CA ALA A 16 -2.01 -6.28 2.02
C ALA A 16 -0.60 -6.80 1.78
N ILE A 17 0.37 -5.94 1.95
CA ILE A 17 1.79 -6.36 1.75
C ILE A 17 2.18 -7.34 2.87
N LEU A 18 1.77 -7.05 4.08
CA LEU A 18 2.11 -7.94 5.22
C LEU A 18 1.60 -9.36 4.93
N GLU A 19 0.54 -9.49 4.19
CA GLU A 19 0.02 -10.85 3.88
C GLU A 19 1.10 -11.69 3.20
N SER A 20 2.08 -11.04 2.62
CA SER A 20 3.16 -11.81 1.93
C SER A 20 4.22 -12.24 2.95
N PRO A 21 4.99 -13.23 2.58
CA PRO A 21 6.05 -13.78 3.44
C PRO A 21 7.28 -12.87 3.41
N GLU A 22 7.41 -12.06 2.40
CA GLU A 22 8.58 -11.16 2.31
C GLU A 22 8.09 -9.71 2.34
N LYS A 23 6.93 -9.48 2.88
CA LYS A 23 6.39 -8.10 2.95
C LYS A 23 6.60 -7.37 1.61
N GLN A 24 6.56 -8.09 0.53
CA GLN A 24 6.73 -7.46 -0.81
C GLN A 24 5.60 -7.91 -1.73
N LEU A 25 5.04 -7.01 -2.49
CA LEU A 25 3.95 -7.43 -3.40
C LEU A 25 3.81 -6.45 -4.57
N THR A 26 3.65 -6.98 -5.76
CA THR A 26 3.52 -6.10 -6.95
C THR A 26 2.31 -5.18 -6.81
N LEU A 27 2.28 -4.11 -7.56
CA LEU A 27 1.14 -3.17 -7.47
C LEU A 27 -0.15 -3.92 -7.83
N ASN A 28 -0.07 -4.81 -8.78
CA ASN A 28 -1.30 -5.58 -9.16
C ASN A 28 -1.93 -6.17 -7.91
N GLU A 29 -1.14 -6.81 -7.07
CA GLU A 29 -1.71 -7.41 -5.83
C GLU A 29 -2.39 -6.33 -4.99
N ILE A 30 -1.85 -5.14 -4.98
CA ILE A 30 -2.47 -4.05 -4.18
C ILE A 30 -3.69 -3.49 -4.92
N TYR A 31 -3.64 -3.45 -6.23
CA TYR A 31 -4.78 -2.92 -7.02
C TYR A 31 -5.98 -3.86 -6.87
N ASN A 32 -5.82 -5.09 -7.24
CA ASN A 32 -6.96 -6.05 -7.12
C ASN A 32 -7.37 -6.17 -5.65
N TRP A 33 -6.43 -6.46 -4.79
CA TRP A 33 -6.74 -6.59 -3.34
C TRP A 33 -7.46 -5.33 -2.85
N PHE A 34 -6.99 -4.17 -3.23
CA PHE A 34 -7.64 -2.91 -2.77
C PHE A 34 -9.15 -2.99 -3.00
N THR A 35 -9.58 -3.22 -4.21
CA THR A 35 -11.04 -3.28 -4.49
C THR A 35 -11.63 -4.57 -3.90
N ARG A 36 -10.94 -5.67 -4.02
CA ARG A 36 -11.48 -6.95 -3.46
C ARG A 36 -11.75 -6.80 -1.97
N MET A 37 -10.92 -6.07 -1.28
CA MET A 37 -11.13 -5.90 0.19
C MET A 37 -12.29 -4.93 0.43
N PHE A 38 -12.38 -3.88 -0.35
CA PHE A 38 -13.48 -2.91 -0.16
C PHE A 38 -14.07 -2.53 -1.53
N PRO A 39 -15.37 -2.54 -1.63
CA PRO A 39 -16.08 -2.19 -2.87
C PRO A 39 -16.11 -0.67 -3.05
N TYR A 40 -15.80 0.06 -2.02
CA TYR A 40 -15.82 1.55 -2.12
C TYR A 40 -14.71 2.01 -3.06
N PHE A 41 -13.72 1.18 -3.27
CA PHE A 41 -12.61 1.56 -4.19
C PHE A 41 -13.07 1.43 -5.64
N ARG A 42 -14.24 0.90 -5.86
CA ARG A 42 -14.75 0.75 -7.25
C ARG A 42 -15.61 1.95 -7.62
N ARG A 43 -15.24 3.12 -7.14
CA ARG A 43 -16.03 4.34 -7.47
C ARG A 43 -15.09 5.48 -7.85
N ASN A 44 -14.12 5.76 -7.02
CA ASN A 44 -13.16 6.86 -7.33
C ASN A 44 -11.73 6.30 -7.36
N ALA A 45 -11.53 5.24 -8.08
CA ALA A 45 -10.17 4.63 -8.14
C ALA A 45 -9.24 5.54 -8.95
N ALA A 46 -9.77 6.58 -9.54
CA ALA A 46 -8.92 7.49 -10.34
C ALA A 46 -8.19 8.46 -9.41
N THR A 47 -8.70 8.65 -8.23
CA THR A 47 -8.03 9.58 -7.27
C THR A 47 -6.96 8.85 -6.47
N TRP A 48 -7.30 7.73 -5.89
CA TRP A 48 -6.28 6.99 -5.08
C TRP A 48 -5.19 6.41 -5.98
N LYS A 49 -5.55 5.81 -7.09
CA LYS A 49 -4.52 5.23 -8.00
C LYS A 49 -3.39 6.25 -8.20
N ASN A 50 -3.71 7.51 -8.28
CA ASN A 50 -2.64 8.53 -8.48
C ASN A 50 -1.98 8.85 -7.14
N ALA A 51 -2.75 8.89 -6.08
CA ALA A 51 -2.16 9.20 -4.74
C ALA A 51 -1.20 8.07 -4.34
N VAL A 52 -1.62 6.84 -4.47
CA VAL A 52 -0.72 5.71 -4.10
C VAL A 52 0.58 5.79 -4.90
N ARG A 53 0.49 5.93 -6.19
CA ARG A 53 1.72 6.02 -7.03
C ARG A 53 2.65 7.09 -6.43
N HIS A 54 2.16 8.29 -6.28
CA HIS A 54 3.03 9.37 -5.69
C HIS A 54 3.49 8.93 -4.30
N ASN A 55 2.57 8.59 -3.44
CA ASN A 55 2.96 8.15 -2.08
C ASN A 55 3.94 6.98 -2.17
N LEU A 56 3.96 6.32 -3.30
CA LEU A 56 4.88 5.16 -3.47
C LEU A 56 6.32 5.63 -3.61
N SER A 57 6.56 6.68 -4.37
CA SER A 57 7.95 7.17 -4.56
C SER A 57 8.38 8.02 -3.37
N LEU A 58 7.48 8.81 -2.83
CA LEU A 58 7.86 9.67 -1.68
C LEU A 58 8.04 8.81 -0.41
N HIS A 59 7.18 7.86 -0.20
CA HIS A 59 7.30 6.99 1.01
C HIS A 59 8.63 6.23 0.96
N LYS A 60 9.52 6.51 1.87
CA LYS A 60 10.83 5.81 1.88
C LYS A 60 10.70 4.42 2.49
N TYR A 61 9.70 4.20 3.32
CA TYR A 61 9.55 2.86 3.94
C TYR A 61 9.06 1.87 2.88
N PHE A 62 8.75 2.34 1.70
CA PHE A 62 8.29 1.41 0.63
C PHE A 62 9.49 1.00 -0.22
N VAL A 63 9.80 -0.27 -0.28
CA VAL A 63 10.97 -0.70 -1.10
C VAL A 63 10.50 -1.53 -2.29
N ARG A 64 11.21 -1.47 -3.38
CA ARG A 64 10.82 -2.26 -4.58
C ARG A 64 11.94 -3.22 -4.94
N VAL A 65 11.62 -4.44 -5.28
CA VAL A 65 12.68 -5.43 -5.63
C VAL A 65 12.34 -6.08 -6.98
N GLU A 66 13.31 -6.17 -7.85
CA GLU A 66 13.05 -6.79 -9.18
C GLU A 66 13.20 -8.31 -9.05
N ASN A 67 12.17 -9.04 -9.35
CA ASN A 67 12.24 -10.52 -9.26
C ASN A 67 11.72 -11.15 -10.56
N VAL A 68 12.05 -12.39 -10.80
CA VAL A 68 11.57 -13.05 -12.05
C VAL A 68 10.07 -12.83 -12.19
N LYS A 69 9.33 -13.02 -11.15
CA LYS A 69 7.86 -12.82 -11.22
C LYS A 69 7.55 -11.37 -11.60
N GLY A 70 8.49 -10.48 -11.39
CA GLY A 70 8.25 -9.06 -11.74
C GLY A 70 8.60 -8.19 -10.53
N ALA A 71 8.70 -6.90 -10.73
CA ALA A 71 9.04 -6.00 -9.59
C ALA A 71 8.02 -6.19 -8.46
N VAL A 72 8.43 -6.03 -7.24
CA VAL A 72 7.48 -6.20 -6.10
C VAL A 72 7.53 -4.96 -5.21
N TRP A 73 6.51 -4.73 -4.45
CA TRP A 73 6.50 -3.55 -3.55
C TRP A 73 6.49 -4.02 -2.09
N THR A 74 7.40 -3.53 -1.29
CA THR A 74 7.44 -3.98 0.12
C THR A 74 7.58 -2.79 1.06
N VAL A 75 7.36 -3.01 2.33
CA VAL A 75 7.47 -1.89 3.32
C VAL A 75 8.56 -2.22 4.33
N ASP A 76 9.25 -1.23 4.82
CA ASP A 76 10.33 -1.49 5.81
C ASP A 76 9.77 -1.24 7.22
N GLU A 77 9.73 -2.26 8.03
CA GLU A 77 9.19 -2.09 9.42
C GLU A 77 10.01 -1.04 10.16
N VAL A 78 11.31 -1.16 10.16
CA VAL A 78 12.15 -0.17 10.87
C VAL A 78 11.92 1.21 10.25
N GLU A 79 12.13 1.33 8.97
CA GLU A 79 11.91 2.64 8.30
C GLU A 79 10.46 3.08 8.48
N PHE A 80 9.54 2.16 8.39
CA PHE A 80 8.10 2.53 8.55
C PHE A 80 7.86 2.99 9.99
N GLN A 81 8.46 2.33 10.95
CA GLN A 81 8.26 2.74 12.36
C GLN A 81 9.04 4.03 12.64
N LYS A 82 10.20 4.17 12.06
CA LYS A 82 10.99 5.41 12.30
C LYS A 82 10.18 6.63 11.84
N ARG A 83 9.87 6.71 10.57
CA ARG A 83 9.08 7.87 10.07
C ARG A 83 7.60 7.65 10.37
N ARG A 84 7.27 7.32 11.59
CA ARG A 84 5.85 7.09 11.95
C ARG A 84 5.40 8.14 12.97
N PRO A 85 4.73 9.16 12.49
CA PRO A 85 4.22 10.25 13.34
C PRO A 85 2.97 9.81 14.10
N GLN A 86 3.02 8.67 14.74
CA GLN A 86 1.83 8.19 15.50
C GLN A 86 1.24 9.34 16.31
N LYS A 87 -0.05 9.53 16.23
CA LYS A 87 -0.68 10.63 17.00
C LYS A 87 -0.12 10.66 18.42
N ALA A 1 -21.32 1.55 3.01
CA ALA A 1 -22.38 2.26 3.76
C ALA A 1 -22.08 3.77 3.75
N GLU A 2 -21.08 4.18 4.48
CA GLU A 2 -20.73 5.63 4.51
C GLU A 2 -19.23 5.80 4.25
N VAL A 3 -18.75 7.00 4.29
CA VAL A 3 -17.31 7.24 4.03
C VAL A 3 -16.57 7.43 5.37
N ARG A 4 -16.00 6.38 5.90
CA ARG A 4 -15.28 6.51 7.19
C ARG A 4 -14.16 7.55 7.04
N PRO A 5 -13.89 8.25 8.11
CA PRO A 5 -12.86 9.32 8.13
C PRO A 5 -11.40 8.80 8.06
N PRO A 6 -11.11 7.64 8.62
CA PRO A 6 -9.73 7.10 8.59
C PRO A 6 -9.42 6.52 7.21
N PHE A 7 -8.31 6.91 6.64
CA PHE A 7 -7.94 6.39 5.29
C PHE A 7 -6.42 6.42 5.13
N THR A 8 -5.69 6.25 6.20
CA THR A 8 -4.20 6.26 6.10
C THR A 8 -3.73 5.18 5.13
N TYR A 9 -3.46 5.54 3.91
CA TYR A 9 -3.00 4.52 2.92
C TYR A 9 -1.73 3.85 3.43
N ALA A 10 -0.88 4.59 4.09
CA ALA A 10 0.38 3.99 4.61
C ALA A 10 0.05 2.83 5.55
N SER A 11 -0.88 3.02 6.42
CA SER A 11 -1.26 1.93 7.37
C SER A 11 -2.05 0.84 6.62
N LEU A 12 -2.88 1.25 5.71
CA LEU A 12 -3.68 0.25 4.95
C LEU A 12 -2.76 -0.53 3.99
N ILE A 13 -2.01 0.16 3.19
CA ILE A 13 -1.10 -0.53 2.24
C ILE A 13 -0.11 -1.38 3.05
N ARG A 14 0.48 -0.82 4.07
CA ARG A 14 1.44 -1.59 4.89
C ARG A 14 0.78 -2.88 5.36
N GLN A 15 -0.50 -2.83 5.66
CA GLN A 15 -1.22 -4.04 6.13
C GLN A 15 -1.23 -5.09 5.02
N ALA A 16 -1.70 -4.72 3.86
CA ALA A 16 -1.75 -5.70 2.73
C ALA A 16 -0.34 -6.22 2.44
N ILE A 17 0.66 -5.45 2.79
CA ILE A 17 2.06 -5.90 2.52
C ILE A 17 2.41 -7.04 3.48
N LEU A 18 2.29 -6.82 4.76
CA LEU A 18 2.62 -7.90 5.73
C LEU A 18 1.86 -9.17 5.35
N GLU A 19 0.73 -9.02 4.72
CA GLU A 19 -0.05 -10.22 4.30
C GLU A 19 0.78 -11.04 3.32
N SER A 20 1.81 -10.47 2.77
CA SER A 20 2.65 -11.23 1.80
C SER A 20 3.75 -11.99 2.56
N PRO A 21 4.49 -12.78 1.83
CA PRO A 21 5.59 -13.58 2.40
C PRO A 21 6.82 -12.71 2.65
N GLU A 22 7.12 -11.83 1.72
CA GLU A 22 8.30 -10.94 1.91
C GLU A 22 7.84 -9.50 2.07
N LYS A 23 6.76 -9.28 2.78
CA LYS A 23 6.25 -7.91 2.99
C LYS A 23 6.36 -7.11 1.68
N GLN A 24 6.14 -7.77 0.57
CA GLN A 24 6.23 -7.07 -0.74
C GLN A 24 4.91 -7.26 -1.48
N LEU A 25 4.58 -6.38 -2.39
CA LEU A 25 3.29 -6.53 -3.09
C LEU A 25 3.35 -5.88 -4.48
N THR A 26 3.00 -6.62 -5.50
CA THR A 26 3.02 -6.04 -6.88
C THR A 26 1.88 -5.03 -7.03
N LEU A 27 1.81 -4.37 -8.15
CA LEU A 27 0.72 -3.36 -8.35
C LEU A 27 -0.64 -4.07 -8.40
N ASN A 28 -0.74 -5.14 -9.15
CA ASN A 28 -2.04 -5.87 -9.24
C ASN A 28 -2.45 -6.37 -7.85
N GLU A 29 -1.56 -7.00 -7.15
CA GLU A 29 -1.90 -7.51 -5.79
C GLU A 29 -2.43 -6.38 -4.91
N ILE A 30 -1.91 -5.20 -5.07
CA ILE A 30 -2.39 -4.06 -4.23
C ILE A 30 -3.80 -3.66 -4.66
N TYR A 31 -4.04 -3.48 -5.92
CA TYR A 31 -5.40 -3.09 -6.38
C TYR A 31 -6.36 -4.27 -6.20
N ASN A 32 -5.99 -5.43 -6.67
CA ASN A 32 -6.88 -6.62 -6.53
C ASN A 32 -7.38 -6.72 -5.08
N TRP A 33 -6.49 -6.73 -4.14
CA TRP A 33 -6.91 -6.84 -2.71
C TRP A 33 -7.94 -5.75 -2.39
N PHE A 34 -7.72 -4.55 -2.85
CA PHE A 34 -8.68 -3.45 -2.56
C PHE A 34 -10.08 -3.85 -3.06
N THR A 35 -10.20 -4.15 -4.33
CA THR A 35 -11.54 -4.54 -4.88
C THR A 35 -11.98 -5.88 -4.30
N ARG A 36 -11.09 -6.84 -4.26
CA ARG A 36 -11.47 -8.19 -3.73
C ARG A 36 -12.10 -8.05 -2.34
N MET A 37 -11.55 -7.24 -1.49
CA MET A 37 -12.12 -7.09 -0.12
C MET A 37 -13.09 -5.90 -0.06
N PHE A 38 -12.80 -4.83 -0.74
CA PHE A 38 -13.72 -3.66 -0.71
C PHE A 38 -13.99 -3.16 -2.13
N PRO A 39 -15.24 -3.19 -2.51
CA PRO A 39 -15.67 -2.73 -3.85
C PRO A 39 -15.74 -1.19 -3.87
N TYR A 40 -15.55 -0.57 -2.74
CA TYR A 40 -15.61 0.93 -2.70
C TYR A 40 -14.64 1.52 -3.72
N PHE A 41 -13.56 0.85 -4.00
CA PHE A 41 -12.59 1.39 -5.00
C PHE A 41 -12.91 0.81 -6.38
N ARG A 42 -14.10 0.31 -6.57
CA ARG A 42 -14.46 -0.26 -7.90
C ARG A 42 -15.21 0.81 -8.72
N ARG A 43 -14.81 2.04 -8.59
CA ARG A 43 -15.49 3.13 -9.37
C ARG A 43 -14.44 4.16 -9.79
N ASN A 44 -14.24 5.18 -8.99
CA ASN A 44 -13.24 6.22 -9.34
C ASN A 44 -11.85 5.70 -8.99
N ALA A 45 -11.31 4.83 -9.79
CA ALA A 45 -9.95 4.28 -9.49
C ALA A 45 -8.88 5.28 -9.94
N ALA A 46 -9.27 6.32 -10.60
CA ALA A 46 -8.27 7.32 -11.07
C ALA A 46 -7.90 8.24 -9.90
N THR A 47 -8.77 8.37 -8.94
CA THR A 47 -8.48 9.26 -7.78
C THR A 47 -7.64 8.52 -6.73
N TRP A 48 -8.09 7.38 -6.29
CA TRP A 48 -7.33 6.63 -5.25
C TRP A 48 -5.96 6.19 -5.83
N LYS A 49 -5.93 5.69 -7.03
CA LYS A 49 -4.64 5.27 -7.63
C LYS A 49 -3.63 6.41 -7.49
N ASN A 50 -4.07 7.63 -7.65
CA ASN A 50 -3.12 8.78 -7.52
C ASN A 50 -2.70 8.94 -6.06
N ALA A 51 -3.55 8.60 -5.15
CA ALA A 51 -3.19 8.73 -3.71
C ALA A 51 -2.10 7.71 -3.35
N VAL A 52 -2.31 6.47 -3.69
CA VAL A 52 -1.29 5.43 -3.38
C VAL A 52 0.04 5.81 -4.06
N ARG A 53 -0.01 6.34 -5.25
CA ARG A 53 1.24 6.72 -5.95
C ARG A 53 1.98 7.80 -5.14
N HIS A 54 1.34 8.90 -4.87
CA HIS A 54 2.00 9.99 -4.09
C HIS A 54 2.56 9.41 -2.79
N ASN A 55 1.79 8.61 -2.10
CA ASN A 55 2.26 8.03 -0.81
C ASN A 55 3.43 7.07 -1.09
N LEU A 56 3.53 6.54 -2.27
CA LEU A 56 4.63 5.59 -2.58
C LEU A 56 5.97 6.32 -2.67
N SER A 57 6.07 7.35 -3.48
CA SER A 57 7.36 8.08 -3.62
C SER A 57 7.65 8.94 -2.38
N LEU A 58 6.65 9.46 -1.76
CA LEU A 58 6.88 10.33 -0.56
C LEU A 58 7.33 9.48 0.63
N HIS A 59 7.22 8.18 0.53
CA HIS A 59 7.64 7.32 1.67
C HIS A 59 8.87 6.50 1.28
N LYS A 60 9.97 6.69 1.95
CA LYS A 60 11.20 5.94 1.62
C LYS A 60 11.14 4.54 2.24
N TYR A 61 10.25 4.32 3.16
CA TYR A 61 10.16 2.97 3.79
C TYR A 61 9.56 1.99 2.77
N PHE A 62 9.08 2.49 1.66
CA PHE A 62 8.51 1.58 0.62
C PHE A 62 9.65 1.12 -0.29
N VAL A 63 9.87 -0.16 -0.42
CA VAL A 63 10.99 -0.62 -1.30
C VAL A 63 10.42 -1.43 -2.46
N ARG A 64 11.11 -1.43 -3.58
CA ARG A 64 10.62 -2.20 -4.77
C ARG A 64 11.62 -3.31 -5.09
N VAL A 65 11.31 -4.52 -4.71
CA VAL A 65 12.24 -5.65 -4.98
C VAL A 65 11.88 -6.29 -6.32
N GLU A 66 12.88 -6.69 -7.08
CA GLU A 66 12.61 -7.33 -8.39
C GLU A 66 12.16 -8.78 -8.16
N ASN A 67 11.11 -9.19 -8.80
CA ASN A 67 10.62 -10.58 -8.61
C ASN A 67 10.38 -11.22 -9.98
N VAL A 68 10.36 -12.52 -10.06
CA VAL A 68 10.13 -13.17 -11.38
C VAL A 68 8.81 -12.66 -11.96
N LYS A 69 7.83 -12.45 -11.14
CA LYS A 69 6.53 -11.94 -11.64
C LYS A 69 6.64 -10.44 -11.92
N GLY A 70 7.71 -9.83 -11.51
CA GLY A 70 7.89 -8.37 -11.74
C GLY A 70 8.32 -7.69 -10.44
N ALA A 71 8.34 -6.38 -10.43
CA ALA A 71 8.76 -5.66 -9.20
C ALA A 71 7.66 -5.79 -8.13
N VAL A 72 8.02 -5.71 -6.89
CA VAL A 72 7.01 -5.83 -5.80
C VAL A 72 7.13 -4.65 -4.85
N TRP A 73 6.04 -4.26 -4.24
CA TRP A 73 6.07 -3.12 -3.29
C TRP A 73 6.17 -3.62 -1.85
N THR A 74 7.21 -3.28 -1.15
CA THR A 74 7.36 -3.77 0.24
C THR A 74 7.70 -2.61 1.17
N VAL A 75 7.53 -2.81 2.45
CA VAL A 75 7.86 -1.74 3.43
C VAL A 75 9.03 -2.18 4.30
N ASP A 76 9.89 -1.26 4.65
CA ASP A 76 11.06 -1.63 5.51
C ASP A 76 10.76 -1.27 6.97
N GLU A 77 10.69 -2.24 7.83
CA GLU A 77 10.39 -1.94 9.26
C GLU A 77 11.36 -0.87 9.76
N VAL A 78 12.59 -0.91 9.33
CA VAL A 78 13.57 0.10 9.79
C VAL A 78 13.12 1.49 9.35
N GLU A 79 12.94 1.67 8.07
CA GLU A 79 12.50 2.99 7.56
C GLU A 79 11.06 3.27 8.04
N PHE A 80 10.21 2.28 7.99
CA PHE A 80 8.81 2.48 8.43
C PHE A 80 8.76 2.80 9.93
N GLN A 81 9.55 2.11 10.72
CA GLN A 81 9.54 2.37 12.18
C GLN A 81 10.44 3.56 12.52
N LYS A 82 10.91 4.27 11.53
CA LYS A 82 11.79 5.44 11.81
C LYS A 82 10.94 6.64 12.22
N ARG A 83 10.18 7.18 11.31
CA ARG A 83 9.33 8.35 11.64
C ARG A 83 8.02 7.89 12.29
N ARG A 84 7.78 6.61 12.30
CA ARG A 84 6.53 6.09 12.90
C ARG A 84 6.47 6.45 14.40
N PRO A 85 7.50 6.08 15.11
CA PRO A 85 7.59 6.33 16.57
C PRO A 85 7.96 7.80 16.83
N GLN A 86 7.26 8.72 16.22
CA GLN A 86 7.55 10.15 16.44
C GLN A 86 6.73 10.67 17.61
N LYS A 87 7.02 10.21 18.81
CA LYS A 87 6.25 10.67 19.98
C LYS A 87 7.18 10.85 21.18
N ALA A 1 -19.90 3.33 10.56
CA ALA A 1 -19.72 3.90 9.20
C ALA A 1 -18.75 3.04 8.41
N GLU A 2 -18.70 3.20 7.11
CA GLU A 2 -17.76 2.38 6.28
C GLU A 2 -16.50 3.20 5.97
N VAL A 3 -16.56 4.48 6.16
CA VAL A 3 -15.36 5.32 5.87
C VAL A 3 -14.46 5.40 7.12
N ARG A 4 -13.93 4.29 7.54
CA ARG A 4 -13.05 4.31 8.75
C ARG A 4 -11.84 5.22 8.49
N PRO A 5 -11.13 4.93 7.43
CA PRO A 5 -9.94 5.71 7.04
C PRO A 5 -10.37 7.01 6.34
N PRO A 6 -9.64 8.06 6.61
CA PRO A 6 -9.91 9.38 6.02
C PRO A 6 -9.39 9.43 4.58
N PHE A 7 -8.09 9.52 4.42
CA PHE A 7 -7.52 9.56 3.04
C PHE A 7 -6.07 9.11 3.08
N THR A 8 -5.69 8.38 4.10
CA THR A 8 -4.27 7.92 4.20
C THR A 8 -4.15 6.52 3.59
N TYR A 9 -4.44 6.38 2.32
CA TYR A 9 -4.34 5.05 1.67
C TYR A 9 -2.92 4.49 1.88
N ALA A 10 -1.99 5.35 2.20
CA ALA A 10 -0.59 4.87 2.42
C ALA A 10 -0.60 3.78 3.50
N SER A 11 -1.42 3.94 4.50
CA SER A 11 -1.47 2.92 5.59
C SER A 11 -2.14 1.64 5.04
N LEU A 12 -3.27 1.79 4.40
CA LEU A 12 -3.97 0.59 3.85
C LEU A 12 -2.99 -0.20 2.97
N ILE A 13 -2.22 0.48 2.16
CA ILE A 13 -1.25 -0.24 1.29
C ILE A 13 -0.30 -1.06 2.16
N ARG A 14 0.19 -0.48 3.22
CA ARG A 14 1.11 -1.23 4.12
C ARG A 14 0.40 -2.48 4.65
N GLN A 15 -0.86 -2.37 4.97
CA GLN A 15 -1.60 -3.54 5.49
C GLN A 15 -1.55 -4.69 4.48
N ALA A 16 -2.01 -4.47 3.28
CA ALA A 16 -1.98 -5.56 2.27
C ALA A 16 -0.57 -6.14 2.19
N ILE A 17 0.42 -5.30 2.11
CA ILE A 17 1.82 -5.79 2.05
C ILE A 17 2.16 -6.53 3.35
N LEU A 18 1.72 -6.01 4.46
CA LEU A 18 2.01 -6.68 5.76
C LEU A 18 1.47 -8.12 5.72
N GLU A 19 0.56 -8.39 4.83
CA GLU A 19 -0.01 -9.76 4.74
C GLU A 19 1.05 -10.71 4.17
N SER A 20 2.07 -10.19 3.56
CA SER A 20 3.12 -11.06 2.97
C SER A 20 4.16 -11.39 4.03
N PRO A 21 4.96 -12.40 3.77
CA PRO A 21 6.02 -12.85 4.69
C PRO A 21 7.23 -11.91 4.59
N GLU A 22 7.69 -11.65 3.40
CA GLU A 22 8.87 -10.75 3.25
C GLU A 22 8.39 -9.30 3.15
N LYS A 23 7.18 -9.04 3.58
CA LYS A 23 6.64 -7.65 3.52
C LYS A 23 6.76 -7.10 2.09
N GLN A 24 6.61 -7.96 1.13
CA GLN A 24 6.70 -7.49 -0.29
C GLN A 24 5.45 -7.91 -1.04
N LEU A 25 4.97 -7.08 -1.93
CA LEU A 25 3.75 -7.44 -2.67
C LEU A 25 3.66 -6.64 -3.97
N THR A 26 3.39 -7.29 -5.06
CA THR A 26 3.28 -6.57 -6.36
C THR A 26 2.12 -5.58 -6.31
N LEU A 27 2.13 -4.61 -7.18
CA LEU A 27 1.03 -3.60 -7.19
C LEU A 27 -0.29 -4.29 -7.54
N ASN A 28 -0.29 -5.11 -8.56
CA ASN A 28 -1.54 -5.82 -8.95
C ASN A 28 -2.09 -6.59 -7.75
N GLU A 29 -1.24 -7.27 -7.04
CA GLU A 29 -1.72 -8.05 -5.86
C GLU A 29 -2.42 -7.12 -4.87
N ILE A 30 -1.81 -6.02 -4.52
CA ILE A 30 -2.45 -5.08 -3.55
C ILE A 30 -3.82 -4.65 -4.10
N TYR A 31 -3.90 -4.37 -5.37
CA TYR A 31 -5.20 -3.95 -5.96
C TYR A 31 -6.26 -5.01 -5.65
N ASN A 32 -5.90 -6.25 -5.76
CA ASN A 32 -6.88 -7.34 -5.47
C ASN A 32 -7.40 -7.17 -4.04
N TRP A 33 -6.52 -6.92 -3.10
CA TRP A 33 -6.96 -6.74 -1.69
C TRP A 33 -7.84 -5.49 -1.58
N PHE A 34 -7.44 -4.41 -2.22
CA PHE A 34 -8.23 -3.15 -2.14
C PHE A 34 -9.69 -3.43 -2.53
N THR A 35 -9.94 -3.85 -3.74
CA THR A 35 -11.34 -4.11 -4.18
C THR A 35 -11.99 -5.16 -3.27
N ARG A 36 -11.30 -6.24 -3.01
CA ARG A 36 -11.88 -7.30 -2.15
C ARG A 36 -12.32 -6.70 -0.81
N MET A 37 -11.46 -5.95 -0.17
CA MET A 37 -11.82 -5.35 1.14
C MET A 37 -12.77 -4.17 0.94
N PHE A 38 -12.49 -3.31 -0.01
CA PHE A 38 -13.40 -2.14 -0.21
C PHE A 38 -13.74 -1.98 -1.69
N PRO A 39 -14.84 -2.54 -2.08
CA PRO A 39 -15.33 -2.45 -3.47
C PRO A 39 -16.09 -1.13 -3.66
N TYR A 40 -15.90 -0.18 -2.78
CA TYR A 40 -16.63 1.11 -2.93
C TYR A 40 -15.71 2.20 -3.46
N PHE A 41 -14.46 2.17 -3.10
CA PHE A 41 -13.53 3.23 -3.59
C PHE A 41 -13.19 3.00 -5.07
N ARG A 42 -13.64 1.92 -5.63
CA ARG A 42 -13.33 1.65 -7.06
C ARG A 42 -14.15 2.58 -7.97
N ARG A 43 -14.89 3.49 -7.41
CA ARG A 43 -15.70 4.42 -8.27
C ARG A 43 -14.85 5.62 -8.67
N ASN A 44 -14.37 6.39 -7.73
CA ASN A 44 -13.54 7.58 -8.08
C ASN A 44 -12.07 7.17 -8.17
N ALA A 45 -11.68 6.54 -9.24
CA ALA A 45 -10.26 6.12 -9.37
C ALA A 45 -9.38 7.33 -9.71
N ALA A 46 -9.98 8.39 -10.16
CA ALA A 46 -9.17 9.59 -10.49
C ALA A 46 -8.49 10.11 -9.23
N THR A 47 -9.18 10.10 -8.12
CA THR A 47 -8.59 10.62 -6.86
C THR A 47 -7.65 9.59 -6.19
N TRP A 48 -8.10 8.39 -5.93
CA TRP A 48 -7.22 7.40 -5.22
C TRP A 48 -6.22 6.72 -6.16
N LYS A 49 -6.31 6.92 -7.44
CA LYS A 49 -5.33 6.27 -8.37
C LYS A 49 -4.13 7.19 -8.54
N ASN A 50 -4.37 8.47 -8.66
CA ASN A 50 -3.25 9.43 -8.82
C ASN A 50 -2.55 9.61 -7.48
N ALA A 51 -3.29 9.54 -6.40
CA ALA A 51 -2.68 9.71 -5.06
C ALA A 51 -1.77 8.51 -4.75
N VAL A 52 -2.24 7.32 -5.01
CA VAL A 52 -1.42 6.11 -4.72
C VAL A 52 -0.13 6.16 -5.57
N ARG A 53 -0.25 6.52 -6.81
CA ARG A 53 0.97 6.57 -7.69
C ARG A 53 2.01 7.52 -7.08
N HIS A 54 1.62 8.71 -6.74
CA HIS A 54 2.59 9.69 -6.16
C HIS A 54 3.09 9.18 -4.80
N ASN A 55 2.21 8.70 -3.97
CA ASN A 55 2.64 8.20 -2.64
C ASN A 55 3.50 6.95 -2.79
N LEU A 56 3.31 6.22 -3.84
CA LEU A 56 4.12 4.97 -4.05
C LEU A 56 5.59 5.32 -4.33
N SER A 57 5.84 6.29 -5.17
CA SER A 57 7.26 6.64 -5.50
C SER A 57 7.83 7.61 -4.45
N LEU A 58 7.02 8.49 -3.92
CA LEU A 58 7.54 9.46 -2.91
C LEU A 58 7.79 8.76 -1.58
N HIS A 59 6.89 7.93 -1.15
CA HIS A 59 7.09 7.22 0.15
C HIS A 59 8.42 6.47 0.12
N LYS A 60 9.33 6.83 0.98
CA LYS A 60 10.65 6.14 1.00
C LYS A 60 10.54 4.80 1.74
N TYR A 61 9.55 4.65 2.57
CA TYR A 61 9.41 3.36 3.32
C TYR A 61 8.94 2.26 2.35
N PHE A 62 8.58 2.64 1.15
CA PHE A 62 8.14 1.63 0.16
C PHE A 62 9.35 1.19 -0.67
N VAL A 63 9.60 -0.09 -0.77
CA VAL A 63 10.79 -0.54 -1.55
C VAL A 63 10.37 -1.57 -2.60
N ARG A 64 11.01 -1.55 -3.72
CA ARG A 64 10.66 -2.53 -4.80
C ARG A 64 11.76 -3.59 -4.89
N VAL A 65 11.41 -4.82 -5.07
CA VAL A 65 12.44 -5.90 -5.16
C VAL A 65 12.35 -6.58 -6.52
N GLU A 66 13.04 -6.06 -7.49
CA GLU A 66 12.99 -6.67 -8.85
C GLU A 66 13.58 -8.08 -8.80
N ASN A 67 12.76 -9.08 -9.07
CA ASN A 67 13.26 -10.47 -9.03
C ASN A 67 12.82 -11.19 -10.31
N VAL A 68 13.48 -12.27 -10.65
CA VAL A 68 13.10 -13.02 -11.88
C VAL A 68 11.60 -13.36 -11.85
N LYS A 69 11.08 -13.67 -10.70
CA LYS A 69 9.64 -14.02 -10.61
C LYS A 69 8.79 -12.75 -10.78
N GLY A 70 9.39 -11.60 -10.66
CA GLY A 70 8.62 -10.34 -10.82
C GLY A 70 8.90 -9.41 -9.64
N ALA A 71 9.09 -8.15 -9.88
CA ALA A 71 9.37 -7.20 -8.78
C ALA A 71 8.13 -7.07 -7.88
N VAL A 72 8.33 -6.94 -6.60
CA VAL A 72 7.16 -6.81 -5.68
C VAL A 72 7.31 -5.55 -4.83
N TRP A 73 6.21 -4.96 -4.42
CA TRP A 73 6.30 -3.73 -3.59
C TRP A 73 6.37 -4.09 -2.11
N THR A 74 7.38 -3.64 -1.42
CA THR A 74 7.49 -3.99 0.02
C THR A 74 7.59 -2.73 0.88
N VAL A 75 7.57 -2.89 2.17
CA VAL A 75 7.65 -1.70 3.07
C VAL A 75 8.79 -1.93 4.07
N ASP A 76 9.44 -0.88 4.48
CA ASP A 76 10.57 -1.03 5.46
C ASP A 76 10.06 -0.72 6.87
N GLU A 77 10.25 -1.62 7.79
CA GLU A 77 9.79 -1.38 9.18
C GLU A 77 10.52 -0.17 9.76
N VAL A 78 11.80 -0.08 9.55
CA VAL A 78 12.55 1.08 10.09
C VAL A 78 11.99 2.37 9.51
N GLU A 79 11.95 2.46 8.21
CA GLU A 79 11.41 3.69 7.55
C GLU A 79 9.92 3.84 7.90
N PHE A 80 9.17 2.79 7.84
CA PHE A 80 7.72 2.89 8.16
C PHE A 80 7.54 3.23 9.64
N GLN A 81 8.10 2.44 10.52
CA GLN A 81 7.96 2.73 11.98
C GLN A 81 8.81 3.94 12.35
N LYS A 82 9.60 4.44 11.45
CA LYS A 82 10.45 5.62 11.76
C LYS A 82 9.57 6.77 12.25
N ARG A 83 8.52 7.08 11.53
CA ARG A 83 7.64 8.19 11.96
C ARG A 83 6.46 7.62 12.76
N ARG A 84 5.95 6.49 12.37
CA ARG A 84 4.79 5.89 13.09
C ARG A 84 5.16 5.69 14.57
N PRO A 85 4.48 6.41 15.43
CA PRO A 85 4.72 6.33 16.89
C PRO A 85 4.05 5.07 17.45
N GLN A 86 4.56 3.91 17.11
CA GLN A 86 3.96 2.65 17.63
C GLN A 86 3.72 2.78 19.14
N LYS A 87 4.77 2.75 19.91
CA LYS A 87 4.61 2.86 21.39
C LYS A 87 3.84 4.14 21.73
N ALA A 1 -20.01 11.30 -1.56
CA ALA A 1 -21.25 11.34 -0.73
C ALA A 1 -20.89 11.15 0.74
N GLU A 2 -20.73 9.92 1.17
CA GLU A 2 -20.38 9.67 2.60
C GLU A 2 -19.53 8.40 2.69
N VAL A 3 -18.25 8.54 2.88
CA VAL A 3 -17.37 7.35 2.98
C VAL A 3 -16.58 7.41 4.28
N ARG A 4 -15.72 6.46 4.51
CA ARG A 4 -14.92 6.46 5.76
C ARG A 4 -14.04 7.72 5.80
N PRO A 5 -14.08 8.41 6.91
CA PRO A 5 -13.28 9.65 7.09
C PRO A 5 -11.77 9.40 7.24
N PRO A 6 -11.35 8.28 7.81
CA PRO A 6 -9.91 7.98 7.96
C PRO A 6 -9.35 7.50 6.63
N PHE A 7 -8.20 7.99 6.24
CA PHE A 7 -7.61 7.55 4.95
C PHE A 7 -6.14 7.17 5.16
N THR A 8 -5.80 6.71 6.33
CA THR A 8 -4.39 6.31 6.61
C THR A 8 -4.15 4.90 6.07
N TYR A 9 -4.18 4.72 4.78
CA TYR A 9 -3.96 3.37 4.21
C TYR A 9 -2.49 2.96 4.41
N ALA A 10 -1.67 3.86 4.90
CA ALA A 10 -0.24 3.51 5.12
C ALA A 10 -0.16 2.23 5.97
N SER A 11 -0.92 2.16 7.02
CA SER A 11 -0.88 0.94 7.88
C SER A 11 -1.66 -0.18 7.21
N LEU A 12 -2.69 0.15 6.48
CA LEU A 12 -3.50 -0.91 5.80
C LEU A 12 -2.69 -1.49 4.64
N ILE A 13 -1.96 -0.67 3.94
CA ILE A 13 -1.15 -1.18 2.81
C ILE A 13 0.01 -2.03 3.34
N ARG A 14 0.69 -1.55 4.35
CA ARG A 14 1.82 -2.34 4.92
C ARG A 14 1.28 -3.66 5.48
N GLN A 15 0.04 -3.68 5.87
CA GLN A 15 -0.54 -4.94 6.42
C GLN A 15 -0.61 -6.00 5.33
N ALA A 16 -1.33 -5.73 4.26
CA ALA A 16 -1.43 -6.73 3.16
C ALA A 16 -0.03 -7.04 2.62
N ILE A 17 0.84 -6.08 2.63
CA ILE A 17 2.22 -6.30 2.12
C ILE A 17 2.97 -7.24 3.06
N LEU A 18 2.80 -7.09 4.35
CA LEU A 18 3.52 -7.98 5.31
C LEU A 18 2.92 -9.38 5.24
N GLU A 19 1.74 -9.51 4.67
CA GLU A 19 1.11 -10.85 4.57
C GLU A 19 2.05 -11.81 3.82
N SER A 20 2.88 -11.28 2.96
CA SER A 20 3.82 -12.16 2.20
C SER A 20 5.04 -12.47 3.08
N PRO A 21 5.88 -13.34 2.58
CA PRO A 21 7.11 -13.75 3.28
C PRO A 21 8.19 -12.68 3.15
N GLU A 22 8.33 -12.10 1.99
CA GLU A 22 9.37 -11.05 1.79
C GLU A 22 8.74 -9.67 2.01
N LYS A 23 7.55 -9.63 2.55
CA LYS A 23 6.88 -8.33 2.81
C LYS A 23 6.90 -7.46 1.56
N GLN A 24 6.87 -8.07 0.41
CA GLN A 24 6.86 -7.31 -0.87
C GLN A 24 5.63 -7.72 -1.68
N LEU A 25 4.98 -6.80 -2.35
CA LEU A 25 3.79 -7.21 -3.13
C LEU A 25 3.66 -6.40 -4.42
N THR A 26 3.36 -7.06 -5.52
CA THR A 26 3.22 -6.34 -6.82
C THR A 26 2.04 -5.36 -6.74
N LEU A 27 2.03 -4.38 -7.58
CA LEU A 27 0.91 -3.38 -7.57
C LEU A 27 -0.41 -4.12 -7.75
N ASN A 28 -0.45 -5.12 -8.59
CA ASN A 28 -1.72 -5.86 -8.81
C ASN A 28 -2.21 -6.44 -7.48
N GLU A 29 -1.38 -7.18 -6.80
CA GLU A 29 -1.81 -7.76 -5.50
C GLU A 29 -2.31 -6.65 -4.56
N ILE A 30 -1.60 -5.55 -4.52
CA ILE A 30 -2.03 -4.43 -3.63
C ILE A 30 -3.43 -3.96 -4.04
N TYR A 31 -3.66 -3.80 -5.32
CA TYR A 31 -5.00 -3.35 -5.79
C TYR A 31 -5.99 -4.51 -5.68
N ASN A 32 -5.61 -5.67 -6.13
CA ASN A 32 -6.53 -6.85 -6.06
C ASN A 32 -7.07 -6.99 -4.63
N TRP A 33 -6.20 -6.98 -3.66
CA TRP A 33 -6.67 -7.12 -2.24
C TRP A 33 -7.49 -5.89 -1.83
N PHE A 34 -7.06 -4.73 -2.23
CA PHE A 34 -7.82 -3.50 -1.85
C PHE A 34 -9.31 -3.69 -2.16
N THR A 35 -9.64 -4.01 -3.38
CA THR A 35 -11.07 -4.20 -3.75
C THR A 35 -11.61 -5.46 -3.06
N ARG A 36 -10.85 -6.51 -3.05
CA ARG A 36 -11.32 -7.78 -2.41
C ARG A 36 -11.76 -7.50 -0.97
N MET A 37 -11.00 -6.72 -0.25
CA MET A 37 -11.38 -6.42 1.16
C MET A 37 -12.51 -5.40 1.19
N PHE A 38 -12.66 -4.63 0.15
CA PHE A 38 -13.75 -3.61 0.14
C PHE A 38 -14.40 -3.56 -1.25
N PRO A 39 -15.69 -3.81 -1.29
CA PRO A 39 -16.46 -3.80 -2.55
C PRO A 39 -16.83 -2.37 -2.97
N TYR A 40 -16.10 -1.39 -2.52
CA TYR A 40 -16.42 0.01 -2.89
C TYR A 40 -15.31 0.59 -3.78
N PHE A 41 -14.14 0.00 -3.73
CA PHE A 41 -13.01 0.51 -4.57
C PHE A 41 -13.23 0.11 -6.03
N ARG A 42 -14.25 -0.65 -6.31
CA ARG A 42 -14.51 -1.07 -7.72
C ARG A 42 -15.27 0.03 -8.46
N ARG A 43 -15.29 1.23 -7.93
CA ARG A 43 -16.02 2.33 -8.62
C ARG A 43 -15.16 3.61 -8.59
N ASN A 44 -14.89 4.12 -7.43
CA ASN A 44 -14.07 5.36 -7.34
C ASN A 44 -12.60 4.98 -7.12
N ALA A 45 -11.89 4.67 -8.17
CA ALA A 45 -10.46 4.30 -8.02
C ALA A 45 -9.59 5.38 -8.65
N ALA A 46 -10.15 6.50 -8.97
CA ALA A 46 -9.34 7.60 -9.59
C ALA A 46 -8.75 8.47 -8.48
N THR A 47 -9.37 8.48 -7.33
CA THR A 47 -8.86 9.33 -6.21
C THR A 47 -7.85 8.55 -5.36
N TRP A 48 -8.18 7.34 -4.98
CA TRP A 48 -7.23 6.55 -4.13
C TRP A 48 -5.98 6.15 -4.92
N LYS A 49 -6.14 5.73 -6.14
CA LYS A 49 -4.94 5.33 -6.95
C LYS A 49 -4.00 6.52 -7.09
N ASN A 50 -4.52 7.71 -7.23
CA ASN A 50 -3.65 8.90 -7.38
C ASN A 50 -2.91 9.19 -6.07
N ALA A 51 -3.60 9.09 -4.96
CA ALA A 51 -2.93 9.37 -3.65
C ALA A 51 -1.91 8.28 -3.34
N VAL A 52 -2.17 7.06 -3.74
CA VAL A 52 -1.22 5.96 -3.45
C VAL A 52 0.13 6.25 -4.14
N ARG A 53 0.12 6.49 -5.42
CA ARG A 53 1.40 6.79 -6.12
C ARG A 53 2.13 7.91 -5.40
N HIS A 54 1.40 8.80 -4.77
CA HIS A 54 2.06 9.93 -4.05
C HIS A 54 2.79 9.38 -2.83
N ASN A 55 2.07 8.81 -1.90
CA ASN A 55 2.74 8.26 -0.68
C ASN A 55 3.81 7.25 -1.09
N LEU A 56 3.53 6.48 -2.11
CA LEU A 56 4.51 5.45 -2.57
C LEU A 56 5.87 6.10 -2.87
N SER A 57 5.89 7.09 -3.73
CA SER A 57 7.19 7.74 -4.07
C SER A 57 7.76 8.53 -2.89
N LEU A 58 6.92 9.22 -2.17
CA LEU A 58 7.43 10.02 -1.01
C LEU A 58 7.83 9.09 0.14
N HIS A 59 7.03 8.12 0.45
CA HIS A 59 7.38 7.19 1.57
C HIS A 59 8.69 6.49 1.26
N LYS A 60 9.72 6.79 2.02
CA LYS A 60 11.04 6.15 1.78
C LYS A 60 11.03 4.72 2.34
N TYR A 61 10.15 4.44 3.27
CA TYR A 61 10.11 3.08 3.85
C TYR A 61 9.53 2.10 2.82
N PHE A 62 8.86 2.61 1.83
CA PHE A 62 8.28 1.72 0.77
C PHE A 62 9.38 1.39 -0.24
N VAL A 63 9.63 0.14 -0.50
CA VAL A 63 10.71 -0.19 -1.48
C VAL A 63 10.15 -1.12 -2.56
N ARG A 64 10.66 -1.00 -3.76
CA ARG A 64 10.18 -1.86 -4.87
C ARG A 64 11.31 -2.78 -5.31
N VAL A 65 11.00 -3.98 -5.71
CA VAL A 65 12.06 -4.92 -6.15
C VAL A 65 11.72 -5.46 -7.54
N GLU A 66 12.34 -4.93 -8.56
CA GLU A 66 12.05 -5.42 -9.94
C GLU A 66 12.52 -6.86 -10.07
N ASN A 67 11.61 -7.78 -10.20
CA ASN A 67 12.01 -9.21 -10.32
C ASN A 67 11.28 -9.84 -11.51
N VAL A 68 11.77 -10.94 -12.00
CA VAL A 68 11.11 -11.61 -13.16
C VAL A 68 9.61 -11.78 -12.85
N LYS A 69 9.29 -12.15 -11.63
CA LYS A 69 7.86 -12.33 -11.28
C LYS A 69 7.09 -11.03 -11.52
N GLY A 70 7.77 -9.91 -11.45
CA GLY A 70 7.09 -8.62 -11.68
C GLY A 70 7.46 -7.63 -10.56
N ALA A 71 7.55 -6.38 -10.87
CA ALA A 71 7.90 -5.38 -9.83
C ALA A 71 7.06 -5.63 -8.57
N VAL A 72 7.66 -5.55 -7.42
CA VAL A 72 6.89 -5.79 -6.17
C VAL A 72 6.95 -4.56 -5.26
N TRP A 73 6.15 -4.53 -4.24
CA TRP A 73 6.16 -3.37 -3.31
C TRP A 73 6.38 -3.89 -1.89
N THR A 74 7.42 -3.46 -1.24
CA THR A 74 7.69 -3.98 0.12
C THR A 74 7.93 -2.82 1.10
N VAL A 75 7.77 -3.08 2.37
CA VAL A 75 7.98 -2.02 3.38
C VAL A 75 9.13 -2.43 4.31
N ASP A 76 9.97 -1.51 4.69
CA ASP A 76 11.11 -1.87 5.59
C ASP A 76 10.73 -1.53 7.04
N GLU A 77 10.84 -2.48 7.92
CA GLU A 77 10.49 -2.21 9.35
C GLU A 77 11.37 -1.08 9.89
N VAL A 78 12.62 -1.07 9.53
CA VAL A 78 13.53 0.00 10.03
C VAL A 78 12.99 1.36 9.58
N GLU A 79 12.82 1.54 8.30
CA GLU A 79 12.31 2.84 7.80
C GLU A 79 10.86 3.04 8.26
N PHE A 80 10.06 2.01 8.18
CA PHE A 80 8.65 2.13 8.62
C PHE A 80 8.57 2.24 10.14
N GLN A 81 9.64 1.93 10.83
CA GLN A 81 9.63 2.02 12.31
C GLN A 81 10.09 3.41 12.76
N LYS A 82 10.77 4.11 11.91
CA LYS A 82 11.26 5.47 12.30
C LYS A 82 10.07 6.43 12.40
N ARG A 83 9.05 6.23 11.61
CA ARG A 83 7.87 7.14 11.67
C ARG A 83 6.72 6.44 12.39
N ARG A 84 6.84 5.16 12.64
CA ARG A 84 5.74 4.43 13.33
C ARG A 84 5.44 5.09 14.69
N PRO A 85 6.47 5.28 15.48
CA PRO A 85 6.34 5.90 16.81
C PRO A 85 6.21 7.43 16.69
N GLN A 86 6.30 7.95 15.50
CA GLN A 86 6.17 9.41 15.33
C GLN A 86 4.78 9.74 14.78
N LYS A 87 4.43 9.19 13.65
CA LYS A 87 3.09 9.47 13.07
C LYS A 87 2.97 10.95 12.73
N ALA A 1 -18.45 5.72 7.54
CA ALA A 1 -18.00 6.47 8.75
C ALA A 1 -17.22 7.71 8.33
N GLU A 2 -16.66 7.70 7.15
CA GLU A 2 -15.87 8.87 6.68
C GLU A 2 -15.88 8.91 5.15
N VAL A 3 -15.82 10.07 4.57
CA VAL A 3 -15.83 10.17 3.09
C VAL A 3 -14.52 10.80 2.61
N ARG A 4 -14.04 11.80 3.31
CA ARG A 4 -12.77 12.44 2.90
C ARG A 4 -11.62 11.45 3.03
N PRO A 5 -10.60 11.63 2.22
CA PRO A 5 -9.42 10.76 2.21
C PRO A 5 -8.48 11.12 3.39
N PRO A 6 -8.29 10.17 4.28
CA PRO A 6 -7.41 10.37 5.45
C PRO A 6 -5.94 10.24 5.03
N PHE A 7 -5.07 9.94 5.97
CA PHE A 7 -3.64 9.81 5.61
C PHE A 7 -3.05 8.55 6.23
N THR A 8 -3.88 7.75 6.86
CA THR A 8 -3.36 6.49 7.49
C THR A 8 -3.52 5.33 6.52
N TYR A 9 -3.45 5.59 5.24
CA TYR A 9 -3.59 4.49 4.25
C TYR A 9 -2.33 3.60 4.28
N ALA A 10 -1.26 4.10 4.83
CA ALA A 10 -0.01 3.30 4.90
C ALA A 10 -0.28 1.97 5.61
N SER A 11 -1.33 1.91 6.39
CA SER A 11 -1.64 0.65 7.12
C SER A 11 -2.44 -0.28 6.21
N LEU A 12 -3.45 0.23 5.56
CA LEU A 12 -4.27 -0.63 4.65
C LEU A 12 -3.36 -1.30 3.61
N ILE A 13 -2.55 -0.51 2.96
CA ILE A 13 -1.64 -1.10 1.92
C ILE A 13 -0.70 -2.10 2.58
N ARG A 14 -0.06 -1.73 3.65
CA ARG A 14 0.87 -2.68 4.34
C ARG A 14 0.13 -3.98 4.63
N GLN A 15 -1.14 -3.89 4.91
CA GLN A 15 -1.94 -5.12 5.20
C GLN A 15 -1.86 -6.08 4.02
N ALA A 16 -2.38 -5.67 2.88
CA ALA A 16 -2.34 -6.57 1.69
C ALA A 16 -0.89 -7.02 1.46
N ILE A 17 0.04 -6.11 1.61
CA ILE A 17 1.47 -6.46 1.41
C ILE A 17 1.92 -7.42 2.51
N LEU A 18 1.51 -7.18 3.73
CA LEU A 18 1.90 -8.07 4.85
C LEU A 18 1.36 -9.48 4.61
N GLU A 19 0.46 -9.62 3.68
CA GLU A 19 -0.11 -10.97 3.40
C GLU A 19 0.98 -11.89 2.86
N SER A 20 2.04 -11.33 2.34
CA SER A 20 3.15 -12.17 1.78
C SER A 20 4.16 -12.48 2.89
N PRO A 21 4.91 -13.53 2.69
CA PRO A 21 5.94 -13.96 3.65
C PRO A 21 7.20 -13.10 3.52
N GLU A 22 7.14 -12.07 2.73
CA GLU A 22 8.32 -11.18 2.57
C GLU A 22 7.86 -9.72 2.52
N LYS A 23 6.67 -9.46 2.97
CA LYS A 23 6.14 -8.08 2.96
C LYS A 23 6.41 -7.40 1.62
N GLN A 24 6.34 -8.16 0.55
CA GLN A 24 6.54 -7.57 -0.80
C GLN A 24 5.41 -8.03 -1.71
N LEU A 25 4.93 -7.18 -2.57
CA LEU A 25 3.82 -7.63 -3.46
C LEU A 25 3.68 -6.73 -4.69
N THR A 26 3.31 -7.30 -5.80
CA THR A 26 3.14 -6.49 -7.04
C THR A 26 1.89 -5.60 -6.91
N LEU A 27 1.73 -4.68 -7.81
CA LEU A 27 0.54 -3.78 -7.75
C LEU A 27 -0.74 -4.58 -8.04
N ASN A 28 -0.66 -5.56 -8.90
CA ASN A 28 -1.86 -6.37 -9.24
C ASN A 28 -2.39 -7.05 -7.97
N GLU A 29 -1.55 -7.72 -7.25
CA GLU A 29 -2.00 -8.41 -6.01
C GLU A 29 -2.70 -7.41 -5.07
N ILE A 30 -2.05 -6.30 -4.79
CA ILE A 30 -2.67 -5.29 -3.88
C ILE A 30 -4.00 -4.81 -4.47
N TYR A 31 -4.07 -4.66 -5.76
CA TYR A 31 -5.33 -4.18 -6.40
C TYR A 31 -6.44 -5.21 -6.17
N ASN A 32 -6.19 -6.45 -6.48
CA ASN A 32 -7.24 -7.49 -6.28
C ASN A 32 -7.65 -7.56 -4.81
N TRP A 33 -6.71 -7.54 -3.91
CA TRP A 33 -7.05 -7.61 -2.46
C TRP A 33 -7.87 -6.38 -2.06
N PHE A 34 -7.49 -5.22 -2.51
CA PHE A 34 -8.25 -3.99 -2.12
C PHE A 34 -9.73 -4.13 -2.48
N THR A 35 -10.02 -4.43 -3.72
CA THR A 35 -11.46 -4.57 -4.13
C THR A 35 -12.09 -5.78 -3.46
N ARG A 36 -11.47 -6.93 -3.57
CA ARG A 36 -12.06 -8.15 -2.95
C ARG A 36 -12.36 -7.93 -1.47
N MET A 37 -11.55 -7.16 -0.80
CA MET A 37 -11.79 -6.91 0.65
C MET A 37 -12.78 -5.77 0.83
N PHE A 38 -12.62 -4.71 0.08
CA PHE A 38 -13.56 -3.56 0.21
C PHE A 38 -14.19 -3.25 -1.15
N PRO A 39 -15.49 -3.10 -1.17
CA PRO A 39 -16.23 -2.81 -2.41
C PRO A 39 -16.14 -1.32 -2.75
N TYR A 40 -15.53 -0.53 -1.90
CA TYR A 40 -15.40 0.92 -2.18
C TYR A 40 -14.55 1.12 -3.45
N PHE A 41 -13.38 0.54 -3.48
CA PHE A 41 -12.51 0.70 -4.67
C PHE A 41 -13.10 -0.07 -5.85
N ARG A 42 -14.11 -0.87 -5.61
CA ARG A 42 -14.73 -1.65 -6.73
C ARG A 42 -15.15 -0.69 -7.85
N ARG A 43 -15.24 0.58 -7.56
CA ARG A 43 -15.64 1.57 -8.59
C ARG A 43 -14.86 2.87 -8.36
N ASN A 44 -14.77 3.28 -7.14
CA ASN A 44 -14.03 4.54 -6.83
C ASN A 44 -12.54 4.23 -6.75
N ALA A 45 -11.97 3.74 -7.82
CA ALA A 45 -10.52 3.40 -7.81
C ALA A 45 -9.74 4.59 -8.40
N ALA A 46 -10.42 5.58 -8.89
CA ALA A 46 -9.72 6.76 -9.48
C ALA A 46 -9.22 7.66 -8.35
N THR A 47 -9.92 7.69 -7.25
CA THR A 47 -9.49 8.57 -6.12
C THR A 47 -8.31 7.93 -5.36
N TRP A 48 -8.46 6.73 -4.88
CA TRP A 48 -7.35 6.08 -4.12
C TRP A 48 -6.09 6.03 -4.99
N LYS A 49 -6.23 5.78 -6.26
CA LYS A 49 -5.04 5.72 -7.15
C LYS A 49 -4.26 7.04 -7.08
N ASN A 50 -4.95 8.14 -7.03
CA ASN A 50 -4.25 9.45 -6.96
C ASN A 50 -3.62 9.64 -5.58
N ALA A 51 -4.36 9.40 -4.53
CA ALA A 51 -3.80 9.57 -3.16
C ALA A 51 -2.76 8.49 -2.89
N VAL A 52 -2.92 7.33 -3.47
CA VAL A 52 -1.94 6.24 -3.23
C VAL A 52 -0.63 6.56 -3.95
N ARG A 53 -0.67 6.75 -5.24
CA ARG A 53 0.57 7.06 -5.99
C ARG A 53 1.36 8.14 -5.25
N HIS A 54 0.72 9.22 -4.91
CA HIS A 54 1.43 10.30 -4.19
C HIS A 54 2.09 9.74 -2.92
N ASN A 55 1.31 9.22 -2.03
CA ASN A 55 1.89 8.66 -0.77
C ASN A 55 2.91 7.57 -1.12
N LEU A 56 2.67 6.83 -2.18
CA LEU A 56 3.62 5.75 -2.56
C LEU A 56 4.99 6.35 -2.92
N SER A 57 5.02 7.28 -3.83
CA SER A 57 6.32 7.89 -4.22
C SER A 57 6.96 8.61 -3.02
N LEU A 58 6.17 9.26 -2.22
CA LEU A 58 6.74 9.99 -1.04
C LEU A 58 6.97 9.01 0.11
N HIS A 59 6.50 7.80 -0.01
CA HIS A 59 6.71 6.82 1.10
C HIS A 59 8.10 6.19 0.98
N LYS A 60 8.99 6.52 1.87
CA LYS A 60 10.36 5.95 1.82
C LYS A 60 10.34 4.52 2.35
N TYR A 61 9.32 4.16 3.08
CA TYR A 61 9.25 2.77 3.62
C TYR A 61 8.77 1.82 2.52
N PHE A 62 8.17 2.35 1.48
CA PHE A 62 7.69 1.47 0.37
C PHE A 62 8.88 1.20 -0.55
N VAL A 63 9.28 -0.04 -0.71
CA VAL A 63 10.44 -0.32 -1.59
C VAL A 63 10.02 -1.22 -2.76
N ARG A 64 10.46 -0.89 -3.94
CA ARG A 64 10.11 -1.72 -5.14
C ARG A 64 11.35 -2.48 -5.58
N VAL A 65 11.43 -3.75 -5.29
CA VAL A 65 12.62 -4.54 -5.68
C VAL A 65 12.47 -5.07 -7.11
N GLU A 66 13.09 -4.41 -8.06
CA GLU A 66 12.99 -4.87 -9.46
C GLU A 66 14.03 -5.97 -9.70
N ASN A 67 13.64 -7.21 -9.58
CA ASN A 67 14.60 -8.31 -9.78
C ASN A 67 14.10 -9.25 -10.88
N VAL A 68 14.63 -10.44 -10.95
CA VAL A 68 14.18 -11.40 -11.99
C VAL A 68 12.79 -11.91 -11.63
N LYS A 69 12.49 -11.96 -10.36
CA LYS A 69 11.15 -12.46 -9.93
C LYS A 69 10.09 -11.42 -10.26
N GLY A 70 10.49 -10.23 -10.61
CA GLY A 70 9.50 -9.18 -10.96
C GLY A 70 9.48 -8.11 -9.86
N ALA A 71 9.33 -6.86 -10.24
CA ALA A 71 9.30 -5.78 -9.22
C ALA A 71 8.17 -6.03 -8.23
N VAL A 72 8.48 -6.02 -6.96
CA VAL A 72 7.42 -6.25 -5.94
C VAL A 72 7.35 -5.06 -4.99
N TRP A 73 6.18 -4.77 -4.49
CA TRP A 73 6.04 -3.61 -3.57
C TRP A 73 6.15 -4.10 -2.13
N THR A 74 7.01 -3.52 -1.34
CA THR A 74 7.15 -3.98 0.06
C THR A 74 7.25 -2.79 1.01
N VAL A 75 7.08 -3.03 2.28
CA VAL A 75 7.17 -1.92 3.27
C VAL A 75 8.27 -2.23 4.29
N ASP A 76 9.24 -1.37 4.41
CA ASP A 76 10.34 -1.61 5.39
C ASP A 76 9.80 -1.43 6.80
N GLU A 77 10.22 -2.25 7.73
CA GLU A 77 9.71 -2.12 9.12
C GLU A 77 10.29 -0.86 9.78
N VAL A 78 11.58 -0.78 9.91
CA VAL A 78 12.18 0.43 10.53
C VAL A 78 11.74 1.66 9.77
N GLU A 79 12.00 1.68 8.49
CA GLU A 79 11.60 2.85 7.65
C GLU A 79 10.11 3.12 7.82
N PHE A 80 9.30 2.09 7.89
CA PHE A 80 7.84 2.30 8.04
C PHE A 80 7.54 2.81 9.46
N GLN A 81 8.22 2.29 10.43
CA GLN A 81 7.98 2.73 11.83
C GLN A 81 8.68 4.08 12.07
N LYS A 82 9.92 4.18 11.68
CA LYS A 82 10.64 5.47 11.88
C LYS A 82 9.74 6.64 11.49
N ARG A 83 9.42 6.75 10.22
CA ARG A 83 8.54 7.86 9.78
C ARG A 83 7.25 7.84 10.59
N ARG A 84 6.77 6.68 10.92
CA ARG A 84 5.51 6.60 11.72
C ARG A 84 5.73 7.22 13.10
N PRO A 85 4.92 8.19 13.45
CA PRO A 85 5.02 8.88 14.75
C PRO A 85 4.39 8.02 15.86
N GLN A 86 3.30 7.37 15.56
CA GLN A 86 2.64 6.53 16.59
C GLN A 86 3.68 5.68 17.31
N LYS A 87 3.56 5.54 18.61
CA LYS A 87 4.54 4.73 19.38
C LYS A 87 4.59 3.32 18.81
N ALA A 1 -20.97 8.03 8.31
CA ALA A 1 -20.48 7.71 9.69
C ALA A 1 -18.95 7.78 9.71
N GLU A 2 -18.29 6.83 9.12
CA GLU A 2 -16.81 6.83 9.12
C GLU A 2 -16.30 6.39 7.75
N VAL A 3 -16.95 6.80 6.70
CA VAL A 3 -16.51 6.38 5.34
C VAL A 3 -16.24 7.62 4.49
N ARG A 4 -16.79 8.75 4.86
CA ARG A 4 -16.56 9.98 4.04
C ARG A 4 -15.06 10.28 4.01
N PRO A 5 -14.47 10.42 5.17
CA PRO A 5 -13.03 10.69 5.29
C PRO A 5 -12.22 9.41 5.10
N PRO A 6 -11.01 9.56 4.62
CA PRO A 6 -10.11 8.42 4.38
C PRO A 6 -9.49 7.94 5.70
N PHE A 7 -8.73 6.88 5.66
CA PHE A 7 -8.10 6.36 6.90
C PHE A 7 -6.59 6.23 6.68
N THR A 8 -5.94 5.40 7.45
CA THR A 8 -4.47 5.22 7.28
C THR A 8 -4.21 4.18 6.18
N TYR A 9 -4.42 4.55 4.95
CA TYR A 9 -4.19 3.60 3.83
C TYR A 9 -2.81 2.93 3.97
N ALA A 10 -1.90 3.59 4.64
CA ALA A 10 -0.54 3.00 4.80
C ALA A 10 -0.63 1.71 5.62
N SER A 11 -1.23 1.76 6.78
CA SER A 11 -1.35 0.54 7.62
C SER A 11 -2.13 -0.54 6.87
N LEU A 12 -3.30 -0.22 6.40
CA LEU A 12 -4.12 -1.22 5.68
C LEU A 12 -3.34 -1.75 4.47
N ILE A 13 -2.64 -0.88 3.78
CA ILE A 13 -1.87 -1.33 2.59
C ILE A 13 -0.72 -2.23 3.06
N ARG A 14 -0.03 -1.84 4.10
CA ARG A 14 1.09 -2.69 4.61
C ARG A 14 0.54 -4.06 5.00
N GLN A 15 -0.68 -4.09 5.49
CA GLN A 15 -1.27 -5.40 5.90
C GLN A 15 -1.23 -6.36 4.71
N ALA A 16 -1.80 -5.98 3.60
CA ALA A 16 -1.79 -6.87 2.41
C ALA A 16 -0.35 -7.13 1.96
N ILE A 17 0.50 -6.14 2.08
CA ILE A 17 1.92 -6.31 1.67
C ILE A 17 2.66 -7.21 2.67
N LEU A 18 2.60 -6.88 3.93
CA LEU A 18 3.31 -7.71 4.94
C LEU A 18 2.76 -9.15 4.92
N GLU A 19 1.62 -9.35 4.31
CA GLU A 19 1.05 -10.72 4.26
C GLU A 19 2.05 -11.68 3.64
N SER A 20 2.92 -11.18 2.79
CA SER A 20 3.93 -12.06 2.15
C SER A 20 5.00 -12.45 3.17
N PRO A 21 5.82 -13.40 2.81
CA PRO A 21 6.91 -13.90 3.68
C PRO A 21 8.08 -12.91 3.66
N GLU A 22 8.08 -11.99 2.73
CA GLU A 22 9.19 -11.01 2.67
C GLU A 22 8.60 -9.59 2.62
N LYS A 23 7.50 -9.38 3.30
CA LYS A 23 6.86 -8.05 3.32
C LYS A 23 6.93 -7.40 1.95
N GLN A 24 6.76 -8.17 0.90
CA GLN A 24 6.80 -7.58 -0.47
C GLN A 24 5.54 -7.99 -1.22
N LEU A 25 5.13 -7.22 -2.19
CA LEU A 25 3.91 -7.60 -2.93
C LEU A 25 3.83 -6.86 -4.27
N THR A 26 3.63 -7.58 -5.34
CA THR A 26 3.53 -6.92 -6.67
C THR A 26 2.35 -5.95 -6.68
N LEU A 27 2.43 -4.90 -7.45
CA LEU A 27 1.31 -3.93 -7.51
C LEU A 27 0.01 -4.66 -7.83
N ASN A 28 0.08 -5.61 -8.71
CA ASN A 28 -1.15 -6.37 -9.09
C ASN A 28 -1.76 -7.01 -7.83
N GLU A 29 -0.97 -7.72 -7.07
CA GLU A 29 -1.51 -8.36 -5.84
C GLU A 29 -2.17 -7.31 -4.96
N ILE A 30 -1.67 -6.10 -4.97
CA ILE A 30 -2.28 -5.04 -4.12
C ILE A 30 -3.59 -4.56 -4.75
N TYR A 31 -3.66 -4.54 -6.05
CA TYR A 31 -4.91 -4.09 -6.72
C TYR A 31 -5.96 -5.21 -6.65
N ASN A 32 -5.53 -6.44 -6.71
CA ASN A 32 -6.49 -7.58 -6.68
C ASN A 32 -7.20 -7.67 -5.32
N TRP A 33 -6.47 -7.67 -4.23
CA TRP A 33 -7.14 -7.79 -2.90
C TRP A 33 -7.99 -6.55 -2.62
N PHE A 34 -7.52 -5.38 -2.96
CA PHE A 34 -8.34 -4.15 -2.69
C PHE A 34 -9.63 -4.17 -3.53
N THR A 35 -9.51 -4.23 -4.83
CA THR A 35 -10.72 -4.22 -5.69
C THR A 35 -11.70 -5.33 -5.29
N ARG A 36 -11.20 -6.49 -4.97
CA ARG A 36 -12.09 -7.62 -4.60
C ARG A 36 -12.96 -7.29 -3.38
N MET A 37 -12.37 -7.12 -2.22
CA MET A 37 -13.19 -6.86 -1.01
C MET A 37 -13.31 -5.35 -0.70
N PHE A 38 -12.97 -4.50 -1.62
CA PHE A 38 -13.09 -3.04 -1.31
C PHE A 38 -13.95 -2.36 -2.37
N PRO A 39 -15.16 -2.05 -2.00
CA PRO A 39 -16.10 -1.35 -2.90
C PRO A 39 -15.77 0.15 -2.89
N TYR A 40 -14.65 0.51 -2.32
CA TYR A 40 -14.27 1.95 -2.27
C TYR A 40 -13.64 2.34 -3.61
N PHE A 41 -13.15 1.38 -4.33
CA PHE A 41 -12.51 1.69 -5.64
C PHE A 41 -13.54 1.58 -6.76
N ARG A 42 -14.74 1.17 -6.45
CA ARG A 42 -15.78 1.05 -7.50
C ARG A 42 -16.51 2.39 -7.67
N ARG A 43 -15.88 3.46 -7.25
CA ARG A 43 -16.53 4.79 -7.38
C ARG A 43 -15.46 5.84 -7.68
N ASN A 44 -14.52 6.00 -6.79
CA ASN A 44 -13.44 7.01 -7.02
C ASN A 44 -12.11 6.28 -7.25
N ALA A 45 -11.93 5.68 -8.39
CA ALA A 45 -10.66 4.98 -8.68
C ALA A 45 -9.65 5.98 -9.25
N ALA A 46 -10.10 7.15 -9.57
CA ALA A 46 -9.18 8.19 -10.12
C ALA A 46 -8.51 8.93 -8.96
N THR A 47 -9.12 8.93 -7.80
CA THR A 47 -8.52 9.64 -6.64
C THR A 47 -7.51 8.74 -5.92
N TRP A 48 -7.86 7.51 -5.67
CA TRP A 48 -6.90 6.60 -4.95
C TRP A 48 -5.67 6.34 -5.82
N LYS A 49 -5.85 6.17 -7.11
CA LYS A 49 -4.67 5.91 -7.97
C LYS A 49 -3.62 6.99 -7.74
N ASN A 50 -4.04 8.21 -7.56
CA ASN A 50 -3.05 9.30 -7.31
C ASN A 50 -2.57 9.23 -5.86
N ALA A 51 -3.47 9.04 -4.94
CA ALA A 51 -3.07 8.95 -3.50
C ALA A 51 -2.09 7.79 -3.33
N VAL A 52 -2.43 6.63 -3.83
CA VAL A 52 -1.52 5.47 -3.70
C VAL A 52 -0.17 5.80 -4.33
N ARG A 53 -0.16 6.16 -5.59
CA ARG A 53 1.13 6.51 -6.25
C ARG A 53 1.81 7.63 -5.48
N HIS A 54 1.06 8.65 -5.12
CA HIS A 54 1.66 9.77 -4.36
C HIS A 54 2.26 9.25 -3.05
N ASN A 55 1.45 8.66 -2.22
CA ASN A 55 1.98 8.13 -0.93
C ASN A 55 3.11 7.14 -1.21
N LEU A 56 2.98 6.35 -2.24
CA LEU A 56 4.06 5.36 -2.57
C LEU A 56 5.38 6.08 -2.81
N SER A 57 5.40 7.05 -3.69
CA SER A 57 6.66 7.77 -4.00
C SER A 57 7.13 8.55 -2.76
N LEU A 58 6.24 9.20 -2.07
CA LEU A 58 6.64 9.98 -0.86
C LEU A 58 6.99 9.02 0.28
N HIS A 59 6.36 7.87 0.31
CA HIS A 59 6.65 6.90 1.40
C HIS A 59 7.99 6.21 1.12
N LYS A 60 9.00 6.55 1.87
CA LYS A 60 10.33 5.92 1.63
C LYS A 60 10.36 4.52 2.26
N TYR A 61 9.45 4.23 3.15
CA TYR A 61 9.43 2.88 3.77
C TYR A 61 8.97 1.85 2.74
N PHE A 62 8.40 2.29 1.66
CA PHE A 62 7.94 1.34 0.61
C PHE A 62 9.14 1.02 -0.30
N VAL A 63 9.50 -0.23 -0.40
CA VAL A 63 10.66 -0.59 -1.27
C VAL A 63 10.21 -1.50 -2.41
N ARG A 64 10.96 -1.51 -3.48
CA ARG A 64 10.60 -2.37 -4.64
C ARG A 64 11.69 -3.40 -4.88
N VAL A 65 11.48 -4.62 -4.48
CA VAL A 65 12.52 -5.66 -4.69
C VAL A 65 12.42 -6.22 -6.11
N GLU A 66 13.26 -5.76 -7.00
CA GLU A 66 13.22 -6.27 -8.40
C GLU A 66 13.42 -7.78 -8.41
N ASN A 67 12.54 -8.51 -9.05
CA ASN A 67 12.69 -9.98 -9.09
C ASN A 67 12.60 -10.47 -10.53
N VAL A 68 13.19 -11.60 -10.82
CA VAL A 68 13.15 -12.13 -12.20
C VAL A 68 11.69 -12.29 -12.64
N LYS A 69 10.83 -12.68 -11.73
CA LYS A 69 9.40 -12.86 -12.09
C LYS A 69 8.67 -11.52 -11.98
N GLY A 70 9.38 -10.46 -11.71
CA GLY A 70 8.72 -9.13 -11.59
C GLY A 70 9.02 -8.55 -10.20
N ALA A 71 9.33 -7.27 -10.15
CA ALA A 71 9.63 -6.64 -8.84
C ALA A 71 8.41 -6.74 -7.93
N VAL A 72 8.57 -6.46 -6.66
CA VAL A 72 7.41 -6.55 -5.73
C VAL A 72 7.40 -5.33 -4.80
N TRP A 73 6.25 -4.89 -4.38
CA TRP A 73 6.18 -3.72 -3.48
C TRP A 73 6.26 -4.17 -2.02
N THR A 74 7.27 -3.74 -1.30
CA THR A 74 7.40 -4.17 0.11
C THR A 74 7.43 -2.97 1.06
N VAL A 75 7.37 -3.23 2.33
CA VAL A 75 7.40 -2.12 3.33
C VAL A 75 8.66 -2.25 4.19
N ASP A 76 9.21 -1.14 4.64
CA ASP A 76 10.42 -1.21 5.48
C ASP A 76 10.08 -0.79 6.92
N GLU A 77 9.75 -1.73 7.76
CA GLU A 77 9.40 -1.37 9.17
C GLU A 77 10.52 -0.51 9.75
N VAL A 78 11.75 -0.78 9.35
CA VAL A 78 12.88 0.02 9.88
C VAL A 78 12.75 1.46 9.38
N GLU A 79 12.71 1.64 8.09
CA GLU A 79 12.58 3.02 7.53
C GLU A 79 11.21 3.57 7.90
N PHE A 80 10.18 2.76 7.82
CA PHE A 80 8.82 3.23 8.15
C PHE A 80 8.81 3.77 9.59
N GLN A 81 9.26 2.99 10.53
CA GLN A 81 9.28 3.47 11.94
C GLN A 81 9.86 4.88 11.97
N LYS A 82 10.82 5.17 11.12
CA LYS A 82 11.42 6.52 11.10
C LYS A 82 10.32 7.55 10.82
N ARG A 83 9.74 7.50 9.66
CA ARG A 83 8.65 8.47 9.32
C ARG A 83 7.50 8.33 10.33
N ARG A 84 7.39 7.18 10.94
CA ARG A 84 6.30 6.97 11.92
C ARG A 84 6.34 8.07 12.99
N PRO A 85 5.28 8.85 13.07
CA PRO A 85 5.19 9.95 14.03
C PRO A 85 4.86 9.41 15.43
N GLN A 86 3.60 9.34 15.77
CA GLN A 86 3.23 8.81 17.11
C GLN A 86 3.49 7.30 17.16
N LYS A 87 4.73 6.91 17.05
CA LYS A 87 5.06 5.46 17.10
C LYS A 87 4.46 4.77 15.87
N ALA A 1 -14.84 10.02 7.77
CA ALA A 1 -16.03 10.51 8.51
C ALA A 1 -17.01 9.36 8.75
N GLU A 2 -17.34 8.63 7.72
CA GLU A 2 -18.29 7.50 7.89
C GLU A 2 -18.13 6.53 6.71
N VAL A 3 -16.98 5.95 6.56
CA VAL A 3 -16.76 5.01 5.42
C VAL A 3 -16.33 3.65 5.97
N ARG A 4 -16.38 2.63 5.15
CA ARG A 4 -15.98 1.28 5.62
C ARG A 4 -14.48 1.24 5.92
N PRO A 5 -13.69 1.68 4.98
CA PRO A 5 -12.22 1.71 5.12
C PRO A 5 -11.78 2.89 6.00
N PRO A 6 -10.60 2.75 6.55
CA PRO A 6 -10.01 3.79 7.43
C PRO A 6 -9.47 4.97 6.60
N PHE A 7 -8.57 5.73 7.16
CA PHE A 7 -8.00 6.88 6.41
C PHE A 7 -6.48 6.78 6.38
N THR A 8 -5.92 5.77 6.99
CA THR A 8 -4.45 5.62 7.00
C THR A 8 -4.01 4.84 5.75
N TYR A 9 -3.62 5.53 4.71
CA TYR A 9 -3.19 4.82 3.47
C TYR A 9 -1.92 4.02 3.77
N ALA A 10 -1.04 4.56 4.56
CA ALA A 10 0.21 3.82 4.89
C ALA A 10 -0.13 2.49 5.55
N SER A 11 -0.66 2.53 6.74
CA SER A 11 -1.02 1.27 7.45
C SER A 11 -1.77 0.34 6.48
N LEU A 12 -2.78 0.85 5.84
CA LEU A 12 -3.56 0.00 4.89
C LEU A 12 -2.59 -0.77 3.98
N ILE A 13 -1.75 -0.06 3.26
CA ILE A 13 -0.79 -0.74 2.36
C ILE A 13 0.14 -1.65 3.17
N ARG A 14 0.76 -1.13 4.18
CA ARG A 14 1.69 -1.96 5.01
C ARG A 14 0.97 -3.23 5.48
N GLN A 15 -0.30 -3.14 5.75
CA GLN A 15 -1.06 -4.33 6.21
C GLN A 15 -1.06 -5.40 5.11
N ALA A 16 -1.48 -5.04 3.92
CA ALA A 16 -1.52 -6.04 2.82
C ALA A 16 -0.12 -6.61 2.59
N ILE A 17 0.90 -5.86 2.91
CA ILE A 17 2.29 -6.37 2.70
C ILE A 17 2.60 -7.46 3.74
N LEU A 18 2.33 -7.21 4.98
CA LEU A 18 2.63 -8.23 6.02
C LEU A 18 2.01 -9.57 5.61
N GLU A 19 0.87 -9.55 4.97
CA GLU A 19 0.23 -10.82 4.54
C GLU A 19 1.19 -11.57 3.60
N SER A 20 2.17 -10.88 3.08
CA SER A 20 3.14 -11.54 2.16
C SER A 20 4.31 -12.09 2.98
N PRO A 21 5.06 -12.98 2.38
CA PRO A 21 6.22 -13.60 3.02
C PRO A 21 7.41 -12.65 3.03
N GLU A 22 7.77 -12.12 1.89
CA GLU A 22 8.92 -11.18 1.84
C GLU A 22 8.41 -9.74 1.97
N LYS A 23 7.37 -9.54 2.74
CA LYS A 23 6.82 -8.18 2.93
C LYS A 23 6.83 -7.40 1.60
N GLN A 24 6.51 -8.06 0.53
CA GLN A 24 6.49 -7.37 -0.79
C GLN A 24 5.08 -7.43 -1.35
N LEU A 25 4.75 -6.61 -2.30
CA LEU A 25 3.36 -6.65 -2.84
C LEU A 25 3.33 -6.43 -4.36
N THR A 26 2.86 -7.39 -5.09
CA THR A 26 2.78 -7.22 -6.58
C THR A 26 1.75 -6.13 -6.91
N LEU A 27 2.05 -5.28 -7.84
CA LEU A 27 1.08 -4.20 -8.20
C LEU A 27 -0.31 -4.80 -8.35
N ASN A 28 -0.42 -5.93 -9.01
CA ASN A 28 -1.76 -6.56 -9.20
C ASN A 28 -2.37 -6.90 -7.84
N GLU A 29 -1.57 -7.36 -6.91
CA GLU A 29 -2.11 -7.71 -5.57
C GLU A 29 -2.67 -6.45 -4.90
N ILE A 30 -1.91 -5.40 -4.85
CA ILE A 30 -2.42 -4.15 -4.20
C ILE A 30 -3.69 -3.67 -4.92
N TYR A 31 -3.73 -3.81 -6.21
CA TYR A 31 -4.94 -3.37 -6.97
C TYR A 31 -6.07 -4.37 -6.75
N ASN A 32 -5.84 -5.62 -7.03
CA ASN A 32 -6.91 -6.64 -6.85
C ASN A 32 -7.38 -6.62 -5.39
N TRP A 33 -6.47 -6.79 -4.47
CA TRP A 33 -6.85 -6.79 -3.03
C TRP A 33 -7.60 -5.50 -2.68
N PHE A 34 -7.09 -4.38 -3.12
CA PHE A 34 -7.78 -3.08 -2.80
C PHE A 34 -9.25 -3.15 -3.21
N THR A 35 -9.52 -3.48 -4.44
CA THR A 35 -10.95 -3.54 -4.90
C THR A 35 -11.70 -4.70 -4.24
N ARG A 36 -11.14 -5.87 -4.26
CA ARG A 36 -11.83 -7.04 -3.64
C ARG A 36 -12.14 -6.76 -2.17
N MET A 37 -11.24 -6.14 -1.46
CA MET A 37 -11.50 -5.85 -0.02
C MET A 37 -12.48 -4.67 0.09
N PHE A 38 -12.29 -3.65 -0.69
CA PHE A 38 -13.21 -2.48 -0.62
C PHE A 38 -13.67 -2.11 -2.04
N PRO A 39 -14.95 -2.29 -2.29
CA PRO A 39 -15.53 -1.97 -3.61
C PRO A 39 -15.74 -0.46 -3.74
N TYR A 40 -15.43 0.28 -2.71
CA TYR A 40 -15.60 1.76 -2.77
C TYR A 40 -14.56 2.34 -3.75
N PHE A 41 -13.54 1.59 -4.06
CA PHE A 41 -12.51 2.10 -5.00
C PHE A 41 -13.00 1.96 -6.44
N ARG A 42 -14.15 1.38 -6.63
CA ARG A 42 -14.69 1.20 -8.01
C ARG A 42 -15.46 2.46 -8.42
N ARG A 43 -15.19 3.58 -7.80
CA ARG A 43 -15.90 4.83 -8.16
C ARG A 43 -14.91 5.83 -8.77
N ASN A 44 -13.83 6.10 -8.09
CA ASN A 44 -12.82 7.06 -8.62
C ASN A 44 -11.45 6.38 -8.68
N ALA A 45 -11.34 5.31 -9.40
CA ALA A 45 -10.03 4.60 -9.48
C ALA A 45 -8.96 5.58 -9.98
N ALA A 46 -9.36 6.62 -10.65
CA ALA A 46 -8.37 7.60 -11.16
C ALA A 46 -7.88 8.49 -10.00
N THR A 47 -8.60 8.50 -8.91
CA THR A 47 -8.18 9.34 -7.75
C THR A 47 -7.27 8.53 -6.81
N TRP A 48 -7.68 7.35 -6.43
CA TRP A 48 -6.84 6.54 -5.51
C TRP A 48 -5.54 6.11 -6.20
N LYS A 49 -5.60 5.64 -7.41
CA LYS A 49 -4.36 5.22 -8.12
C LYS A 49 -3.31 6.33 -8.00
N ASN A 50 -3.74 7.57 -8.01
CA ASN A 50 -2.76 8.69 -7.89
C ASN A 50 -2.39 8.88 -6.42
N ALA A 51 -3.32 8.65 -5.53
CA ALA A 51 -3.03 8.81 -4.08
C ALA A 51 -1.95 7.81 -3.65
N VAL A 52 -1.99 6.62 -4.18
CA VAL A 52 -0.98 5.61 -3.81
C VAL A 52 0.35 5.93 -4.49
N ARG A 53 0.31 6.37 -5.72
CA ARG A 53 1.56 6.71 -6.43
C ARG A 53 2.33 7.77 -5.64
N HIS A 54 1.74 8.92 -5.44
CA HIS A 54 2.44 9.98 -4.67
C HIS A 54 2.90 9.43 -3.32
N ASN A 55 1.99 8.95 -2.51
CA ASN A 55 2.38 8.39 -1.19
C ASN A 55 3.46 7.33 -1.39
N LEU A 56 3.48 6.72 -2.54
CA LEU A 56 4.51 5.66 -2.81
C LEU A 56 5.89 6.31 -3.00
N SER A 57 5.93 7.44 -3.67
CA SER A 57 7.25 8.10 -3.90
C SER A 57 7.71 8.84 -2.64
N LEU A 58 6.81 9.52 -1.98
CA LEU A 58 7.20 10.27 -0.74
C LEU A 58 7.48 9.28 0.39
N HIS A 59 6.84 8.14 0.37
CA HIS A 59 7.06 7.15 1.45
C HIS A 59 8.36 6.38 1.15
N LYS A 60 9.43 6.75 1.80
CA LYS A 60 10.73 6.06 1.55
C LYS A 60 10.71 4.67 2.20
N TYR A 61 9.82 4.43 3.11
CA TYR A 61 9.78 3.09 3.76
C TYR A 61 9.23 2.07 2.77
N PHE A 62 8.81 2.51 1.61
CA PHE A 62 8.27 1.57 0.58
C PHE A 62 9.41 1.21 -0.38
N VAL A 63 9.61 -0.04 -0.67
CA VAL A 63 10.72 -0.41 -1.59
C VAL A 63 10.22 -1.34 -2.70
N ARG A 64 10.68 -1.12 -3.91
CA ARG A 64 10.24 -1.99 -5.04
C ARG A 64 11.37 -2.96 -5.40
N VAL A 65 11.11 -4.23 -5.36
CA VAL A 65 12.18 -5.21 -5.68
C VAL A 65 11.84 -5.93 -6.98
N GLU A 66 12.77 -5.98 -7.91
CA GLU A 66 12.50 -6.67 -9.19
C GLU A 66 12.49 -8.18 -8.96
N ASN A 67 11.36 -8.81 -9.14
CA ASN A 67 11.29 -10.28 -8.92
C ASN A 67 10.80 -10.96 -10.20
N VAL A 68 11.01 -12.24 -10.31
CA VAL A 68 10.54 -12.97 -11.53
C VAL A 68 9.09 -12.62 -11.82
N LYS A 69 8.25 -12.63 -10.82
CA LYS A 69 6.81 -12.31 -11.04
C LYS A 69 6.69 -10.84 -11.46
N GLY A 70 7.74 -10.08 -11.31
CA GLY A 70 7.68 -8.64 -11.69
C GLY A 70 8.02 -7.77 -10.48
N ALA A 71 8.05 -6.48 -10.66
CA ALA A 71 8.38 -5.58 -9.52
C ALA A 71 7.37 -5.81 -8.39
N VAL A 72 7.79 -5.66 -7.16
CA VAL A 72 6.86 -5.87 -6.02
C VAL A 72 6.88 -4.65 -5.10
N TRP A 73 5.87 -4.49 -4.29
CA TRP A 73 5.82 -3.33 -3.36
C TRP A 73 6.04 -3.82 -1.93
N THR A 74 7.18 -3.53 -1.35
CA THR A 74 7.44 -3.99 0.03
C THR A 74 7.64 -2.79 0.96
N VAL A 75 7.64 -3.03 2.25
CA VAL A 75 7.83 -1.92 3.21
C VAL A 75 8.88 -2.31 4.26
N ASP A 76 9.74 -1.41 4.62
CA ASP A 76 10.78 -1.74 5.64
C ASP A 76 10.25 -1.40 7.04
N GLU A 77 10.47 -2.26 7.99
CA GLU A 77 9.97 -1.99 9.37
C GLU A 77 10.77 -0.84 9.99
N VAL A 78 12.07 -0.85 9.83
CA VAL A 78 12.88 0.25 10.42
C VAL A 78 12.38 1.58 9.85
N GLU A 79 12.34 1.69 8.56
CA GLU A 79 11.86 2.95 7.93
C GLU A 79 10.38 3.15 8.25
N PHE A 80 9.56 2.17 8.00
CA PHE A 80 8.11 2.32 8.29
C PHE A 80 7.91 2.67 9.77
N GLN A 81 8.52 1.93 10.64
CA GLN A 81 8.36 2.22 12.10
C GLN A 81 9.11 3.49 12.46
N LYS A 82 9.86 4.03 11.53
CA LYS A 82 10.62 5.28 11.82
C LYS A 82 9.66 6.35 12.34
N ARG A 83 8.83 6.90 11.50
CA ARG A 83 7.88 7.94 11.96
C ARG A 83 6.60 7.29 12.45
N ARG A 84 6.66 6.07 12.89
CA ARG A 84 5.44 5.37 13.38
C ARG A 84 4.76 6.23 14.45
N PRO A 85 5.52 6.62 15.44
CA PRO A 85 5.01 7.44 16.56
C PRO A 85 4.90 8.90 16.13
N GLN A 86 4.00 9.21 15.24
CA GLN A 86 3.83 10.62 14.78
C GLN A 86 3.64 11.54 16.00
N LYS A 87 4.60 12.38 16.26
CA LYS A 87 4.48 13.30 17.43
C LYS A 87 3.89 14.64 16.96
N ALA A 1 -25.99 5.72 5.87
CA ALA A 1 -24.92 6.36 6.68
C ALA A 1 -24.41 7.61 5.95
N GLU A 2 -23.17 7.97 6.16
CA GLU A 2 -22.61 9.17 5.48
C GLU A 2 -21.20 8.86 4.96
N VAL A 3 -20.55 9.83 4.38
CA VAL A 3 -19.17 9.59 3.87
C VAL A 3 -18.26 9.22 5.03
N ARG A 4 -17.93 7.97 5.16
CA ARG A 4 -17.03 7.54 6.29
C ARG A 4 -15.68 8.23 6.13
N PRO A 5 -14.93 8.24 7.21
CA PRO A 5 -13.60 8.85 7.24
C PRO A 5 -12.56 7.93 6.59
N PRO A 6 -11.58 8.53 5.96
CA PRO A 6 -10.51 7.78 5.28
C PRO A 6 -9.49 7.26 6.29
N PHE A 7 -8.36 6.80 5.81
CA PHE A 7 -7.32 6.27 6.74
C PHE A 7 -5.94 6.43 6.09
N THR A 8 -4.92 6.60 6.88
CA THR A 8 -3.55 6.77 6.31
C THR A 8 -3.22 5.54 5.44
N TYR A 9 -3.17 5.73 4.15
CA TYR A 9 -2.86 4.58 3.26
C TYR A 9 -1.60 3.86 3.74
N ALA A 10 -0.71 4.57 4.39
CA ALA A 10 0.54 3.92 4.88
C ALA A 10 0.18 2.71 5.75
N SER A 11 -0.94 2.76 6.43
CA SER A 11 -1.35 1.62 7.28
C SER A 11 -2.05 0.55 6.43
N LEU A 12 -2.97 0.97 5.60
CA LEU A 12 -3.69 -0.02 4.74
C LEU A 12 -2.73 -0.60 3.71
N ILE A 13 -2.00 0.23 3.02
CA ILE A 13 -1.05 -0.29 2.00
C ILE A 13 -0.09 -1.30 2.66
N ARG A 14 0.51 -0.93 3.76
CA ARG A 14 1.44 -1.88 4.44
C ARG A 14 0.70 -3.14 4.86
N GLN A 15 -0.53 -3.00 5.30
CA GLN A 15 -1.31 -4.20 5.73
C GLN A 15 -1.36 -5.20 4.59
N ALA A 16 -1.84 -4.79 3.44
CA ALA A 16 -1.91 -5.73 2.29
C ALA A 16 -0.51 -6.27 2.00
N ILE A 17 0.47 -5.41 1.99
CA ILE A 17 1.87 -5.87 1.73
C ILE A 17 2.31 -6.80 2.86
N LEU A 18 2.03 -6.44 4.08
CA LEU A 18 2.44 -7.30 5.22
C LEU A 18 1.82 -8.68 5.06
N GLU A 19 0.82 -8.80 4.22
CA GLU A 19 0.16 -10.12 4.01
C GLU A 19 1.16 -11.10 3.37
N SER A 20 2.18 -10.58 2.73
CA SER A 20 3.18 -11.49 2.09
C SER A 20 4.17 -11.98 3.14
N PRO A 21 5.04 -12.87 2.74
CA PRO A 21 6.07 -13.44 3.62
C PRO A 21 7.21 -12.44 3.83
N GLU A 22 7.42 -11.56 2.89
CA GLU A 22 8.50 -10.55 3.01
C GLU A 22 7.92 -9.17 2.78
N LYS A 23 6.66 -8.98 3.08
CA LYS A 23 6.02 -7.67 2.89
C LYS A 23 6.36 -7.11 1.50
N GLN A 24 6.34 -7.94 0.50
CA GLN A 24 6.66 -7.45 -0.87
C GLN A 24 5.61 -7.96 -1.86
N LEU A 25 5.00 -7.10 -2.62
CA LEU A 25 4.00 -7.59 -3.61
C LEU A 25 3.70 -6.54 -4.68
N THR A 26 3.23 -6.98 -5.82
CA THR A 26 2.93 -6.02 -6.93
C THR A 26 1.69 -5.19 -6.61
N LEU A 27 1.52 -4.08 -7.29
CA LEU A 27 0.33 -3.22 -7.06
C LEU A 27 -0.93 -3.95 -7.54
N ASN A 28 -0.81 -4.73 -8.58
CA ASN A 28 -2.01 -5.46 -9.10
C ASN A 28 -2.64 -6.29 -7.98
N GLU A 29 -1.84 -7.03 -7.25
CA GLU A 29 -2.40 -7.86 -6.15
C GLU A 29 -3.07 -6.96 -5.10
N ILE A 30 -2.38 -5.96 -4.65
CA ILE A 30 -2.97 -5.05 -3.62
C ILE A 30 -4.31 -4.50 -4.14
N TYR A 31 -4.38 -4.17 -5.39
CA TYR A 31 -5.65 -3.62 -5.96
C TYR A 31 -6.74 -4.70 -5.89
N ASN A 32 -6.38 -5.92 -6.20
CA ASN A 32 -7.40 -7.02 -6.16
C ASN A 32 -7.96 -7.13 -4.74
N TRP A 33 -7.11 -7.26 -3.77
CA TRP A 33 -7.60 -7.38 -2.36
C TRP A 33 -8.41 -6.15 -1.99
N PHE A 34 -7.92 -4.99 -2.32
CA PHE A 34 -8.67 -3.73 -1.98
C PHE A 34 -10.13 -3.86 -2.43
N THR A 35 -10.35 -4.22 -3.66
CA THR A 35 -11.75 -4.35 -4.17
C THR A 35 -12.42 -5.60 -3.59
N ARG A 36 -11.70 -6.67 -3.48
CA ARG A 36 -12.30 -7.92 -2.93
C ARG A 36 -12.96 -7.64 -1.58
N MET A 37 -12.22 -7.06 -0.66
CA MET A 37 -12.79 -6.78 0.68
C MET A 37 -13.78 -5.61 0.59
N PHE A 38 -13.38 -4.53 -0.03
CA PHE A 38 -14.29 -3.35 -0.14
C PHE A 38 -14.51 -3.03 -1.62
N PRO A 39 -15.74 -3.17 -2.07
CA PRO A 39 -16.11 -2.89 -3.47
C PRO A 39 -16.24 -1.39 -3.71
N TYR A 40 -16.22 -0.60 -2.67
CA TYR A 40 -16.34 0.87 -2.84
C TYR A 40 -15.22 1.37 -3.76
N PHE A 41 -14.08 0.76 -3.71
CA PHE A 41 -12.95 1.19 -4.58
C PHE A 41 -13.25 0.80 -6.03
N ARG A 42 -14.33 0.11 -6.26
CA ARG A 42 -14.67 -0.30 -7.65
C ARG A 42 -15.52 0.77 -8.32
N ARG A 43 -15.18 2.03 -8.11
CA ARG A 43 -15.97 3.13 -8.74
C ARG A 43 -15.01 4.25 -9.16
N ASN A 44 -14.49 4.98 -8.22
CA ASN A 44 -13.55 6.08 -8.55
C ASN A 44 -12.12 5.59 -8.30
N ALA A 45 -11.63 4.74 -9.15
CA ALA A 45 -10.25 4.20 -8.97
C ALA A 45 -9.23 5.21 -9.48
N ALA A 46 -9.67 6.27 -10.09
CA ALA A 46 -8.71 7.29 -10.62
C ALA A 46 -8.19 8.15 -9.47
N THR A 47 -8.89 8.18 -8.37
CA THR A 47 -8.43 9.02 -7.21
C THR A 47 -7.54 8.20 -6.28
N TRP A 48 -7.99 7.05 -5.85
CA TRP A 48 -7.17 6.22 -4.91
C TRP A 48 -5.89 5.73 -5.61
N LYS A 49 -6.00 5.21 -6.81
CA LYS A 49 -4.79 4.73 -7.52
C LYS A 49 -3.81 5.89 -7.71
N ASN A 50 -4.30 7.08 -7.85
CA ASN A 50 -3.40 8.25 -8.03
C ASN A 50 -2.71 8.58 -6.71
N ALA A 51 -3.44 8.52 -5.63
CA ALA A 51 -2.82 8.82 -4.31
C ALA A 51 -1.69 7.83 -4.03
N VAL A 52 -1.88 6.60 -4.40
CA VAL A 52 -0.82 5.58 -4.17
C VAL A 52 0.45 6.00 -4.93
N ARG A 53 0.31 6.35 -6.18
CA ARG A 53 1.50 6.76 -6.97
C ARG A 53 2.19 7.93 -6.26
N HIS A 54 1.44 8.94 -5.89
CA HIS A 54 2.06 10.10 -5.19
C HIS A 54 2.69 9.63 -3.87
N ASN A 55 1.90 9.10 -2.98
CA ASN A 55 2.45 8.62 -1.69
C ASN A 55 3.57 7.61 -1.95
N LEU A 56 3.50 6.91 -3.04
CA LEU A 56 4.55 5.90 -3.37
C LEU A 56 5.90 6.59 -3.64
N SER A 57 5.87 7.69 -4.34
CA SER A 57 7.16 8.40 -4.66
C SER A 57 7.66 9.17 -3.43
N LEU A 58 6.79 9.85 -2.74
CA LEU A 58 7.22 10.63 -1.55
C LEU A 58 7.38 9.70 -0.32
N HIS A 59 7.33 8.42 -0.52
CA HIS A 59 7.47 7.49 0.63
C HIS A 59 8.77 6.70 0.48
N LYS A 60 9.74 6.97 1.32
CA LYS A 60 11.04 6.25 1.22
C LYS A 60 10.92 4.87 1.87
N TYR A 61 10.00 4.68 2.77
CA TYR A 61 9.87 3.34 3.41
C TYR A 61 9.28 2.35 2.41
N PHE A 62 8.87 2.83 1.26
CA PHE A 62 8.30 1.92 0.23
C PHE A 62 9.43 1.46 -0.70
N VAL A 63 9.70 0.18 -0.78
CA VAL A 63 10.79 -0.28 -1.66
C VAL A 63 10.25 -1.25 -2.71
N ARG A 64 10.97 -1.43 -3.79
CA ARG A 64 10.49 -2.36 -4.85
C ARG A 64 11.57 -3.42 -5.09
N VAL A 65 11.27 -4.65 -4.77
CA VAL A 65 12.28 -5.74 -4.98
C VAL A 65 12.32 -6.13 -6.45
N GLU A 66 13.15 -5.49 -7.23
CA GLU A 66 13.24 -5.83 -8.66
C GLU A 66 14.19 -7.02 -8.84
N ASN A 67 13.66 -8.22 -8.84
CA ASN A 67 14.52 -9.42 -9.01
C ASN A 67 14.01 -10.28 -10.16
N VAL A 68 14.81 -11.18 -10.64
CA VAL A 68 14.36 -12.06 -11.75
C VAL A 68 12.95 -12.57 -11.47
N LYS A 69 12.69 -12.99 -10.25
CA LYS A 69 11.33 -13.50 -9.91
C LYS A 69 10.28 -12.45 -10.29
N GLY A 70 10.68 -11.22 -10.45
CA GLY A 70 9.71 -10.16 -10.83
C GLY A 70 9.80 -8.99 -9.84
N ALA A 71 9.38 -7.82 -10.26
CA ALA A 71 9.45 -6.65 -9.35
C ALA A 71 8.20 -6.59 -8.49
N VAL A 72 8.36 -6.33 -7.21
CA VAL A 72 7.18 -6.26 -6.31
C VAL A 72 7.28 -5.00 -5.44
N TRP A 73 6.22 -4.66 -4.75
CA TRP A 73 6.26 -3.46 -3.87
C TRP A 73 6.45 -3.94 -2.43
N THR A 74 7.34 -3.33 -1.69
CA THR A 74 7.54 -3.79 -0.30
C THR A 74 7.73 -2.60 0.64
N VAL A 75 7.50 -2.81 1.90
CA VAL A 75 7.66 -1.71 2.89
C VAL A 75 8.76 -2.09 3.90
N ASP A 76 9.51 -1.13 4.36
CA ASP A 76 10.60 -1.45 5.33
C ASP A 76 10.19 -0.99 6.73
N GLU A 77 10.16 -1.90 7.67
CA GLU A 77 9.76 -1.51 9.05
C GLU A 77 10.78 -0.52 9.60
N VAL A 78 11.99 -0.56 9.09
CA VAL A 78 13.03 0.38 9.57
C VAL A 78 12.65 1.82 9.18
N GLU A 79 12.49 2.06 7.91
CA GLU A 79 12.11 3.43 7.45
C GLU A 79 10.68 3.74 7.90
N PHE A 80 9.79 2.79 7.78
CA PHE A 80 8.38 3.03 8.18
C PHE A 80 8.32 3.41 9.67
N GLN A 81 9.10 2.74 10.49
CA GLN A 81 9.08 3.05 11.94
C GLN A 81 9.73 4.40 12.19
N LYS A 82 10.57 4.85 11.29
CA LYS A 82 11.23 6.17 11.48
C LYS A 82 10.20 7.20 11.93
N ARG A 83 9.32 7.60 11.05
CA ARG A 83 8.30 8.61 11.42
C ARG A 83 7.49 8.11 12.62
N ARG A 84 7.09 6.87 12.60
CA ARG A 84 6.30 6.33 13.74
C ARG A 84 7.15 6.38 15.01
N PRO A 85 6.63 7.02 16.04
CA PRO A 85 7.34 7.14 17.32
C PRO A 85 7.21 5.84 18.14
N GLN A 86 7.38 4.72 17.51
CA GLN A 86 7.27 3.43 18.25
C GLN A 86 8.40 3.33 19.28
N LYS A 87 9.46 4.05 19.08
CA LYS A 87 10.58 4.00 20.05
C LYS A 87 11.72 4.89 19.56
#